data_1YOI
# 
_entry.id   1YOI 
# 
_audit_conform.dict_name       mmcif_pdbx.dic 
_audit_conform.dict_version    5.387 
_audit_conform.dict_location   http://mmcif.pdb.org/dictionaries/ascii/mmcif_pdbx.dic 
# 
loop_
_database_2.database_id 
_database_2.database_code 
_database_2.pdbx_database_accession 
_database_2.pdbx_DOI 
PDB   1YOI         pdb_00001yoi 10.2210/pdb1yoi/pdb 
WWPDB D_1000177415 ?            ?                   
# 
loop_
_pdbx_audit_revision_history.ordinal 
_pdbx_audit_revision_history.data_content_type 
_pdbx_audit_revision_history.major_revision 
_pdbx_audit_revision_history.minor_revision 
_pdbx_audit_revision_history.revision_date 
1 'Structure model' 1 0 1996-12-07 
2 'Structure model' 1 1 2008-03-24 
3 'Structure model' 1 2 2011-07-13 
4 'Structure model' 1 3 2018-03-07 
5 'Structure model' 1 4 2024-02-14 
# 
_pdbx_audit_revision_details.ordinal             1 
_pdbx_audit_revision_details.revision_ordinal    1 
_pdbx_audit_revision_details.data_content_type   'Structure model' 
_pdbx_audit_revision_details.provider            repository 
_pdbx_audit_revision_details.type                'Initial release' 
_pdbx_audit_revision_details.description         ? 
_pdbx_audit_revision_details.details             ? 
# 
loop_
_pdbx_audit_revision_group.ordinal 
_pdbx_audit_revision_group.revision_ordinal 
_pdbx_audit_revision_group.data_content_type 
_pdbx_audit_revision_group.group 
1 2 'Structure model' 'Version format compliance' 
2 3 'Structure model' 'Version format compliance' 
3 4 'Structure model' 'Data collection'           
4 4 'Structure model' Other                       
5 5 'Structure model' 'Data collection'           
6 5 'Structure model' 'Database references'       
7 5 'Structure model' 'Derived calculations'      
# 
loop_
_pdbx_audit_revision_category.ordinal 
_pdbx_audit_revision_category.revision_ordinal 
_pdbx_audit_revision_category.data_content_type 
_pdbx_audit_revision_category.category 
1 4 'Structure model' diffrn_source        
2 4 'Structure model' pdbx_database_status 
3 5 'Structure model' chem_comp_atom       
4 5 'Structure model' chem_comp_bond       
5 5 'Structure model' database_2           
6 5 'Structure model' pdbx_validate_chiral 
7 5 'Structure model' struct_conn          
8 5 'Structure model' struct_site          
# 
loop_
_pdbx_audit_revision_item.ordinal 
_pdbx_audit_revision_item.revision_ordinal 
_pdbx_audit_revision_item.data_content_type 
_pdbx_audit_revision_item.item 
1  4 'Structure model' '_diffrn_source.source'               
2  4 'Structure model' '_pdbx_database_status.process_site'  
3  5 'Structure model' '_database_2.pdbx_DOI'                
4  5 'Structure model' '_database_2.pdbx_database_accession' 
5  5 'Structure model' '_struct_conn.ptnr1_auth_comp_id'     
6  5 'Structure model' '_struct_conn.ptnr1_auth_seq_id'      
7  5 'Structure model' '_struct_conn.ptnr1_label_asym_id'    
8  5 'Structure model' '_struct_conn.ptnr1_label_atom_id'    
9  5 'Structure model' '_struct_conn.ptnr1_label_comp_id'    
10 5 'Structure model' '_struct_conn.ptnr1_label_seq_id'     
11 5 'Structure model' '_struct_conn.ptnr2_auth_comp_id'     
12 5 'Structure model' '_struct_conn.ptnr2_auth_seq_id'      
13 5 'Structure model' '_struct_conn.ptnr2_label_asym_id'    
14 5 'Structure model' '_struct_conn.ptnr2_label_atom_id'    
15 5 'Structure model' '_struct_conn.ptnr2_label_comp_id'    
16 5 'Structure model' '_struct_conn.ptnr2_label_seq_id'     
17 5 'Structure model' '_struct_site.pdbx_auth_asym_id'      
18 5 'Structure model' '_struct_site.pdbx_auth_comp_id'      
19 5 'Structure model' '_struct_site.pdbx_auth_seq_id'       
# 
_pdbx_database_status.status_code                     REL 
_pdbx_database_status.entry_id                        1YOI 
_pdbx_database_status.recvd_initial_deposition_date   1996-06-14 
_pdbx_database_status.deposit_site                    ? 
_pdbx_database_status.process_site                    BNL 
_pdbx_database_status.SG_entry                        . 
_pdbx_database_status.pdb_format_compatible           Y 
_pdbx_database_status.status_code_mr                  ? 
_pdbx_database_status.status_code_sf                  ? 
_pdbx_database_status.status_code_cs                  ? 
_pdbx_database_status.methods_development_category    ? 
_pdbx_database_status.status_code_nmr_data            ? 
# 
loop_
_audit_author.name 
_audit_author.pdbx_ordinal 
'Brucker, E.A.'      1 
'Phillips Jr., G.N.' 2 
# 
_citation.id                        primary 
_citation.title                     'High resolution crystal structures of the deoxy, oxy, and aquomet forms of cobalt myoglobin.' 
_citation.journal_abbrev            J.Biol.Chem. 
_citation.journal_volume            271 
_citation.page_first                25419 
_citation.page_last                 25422 
_citation.year                      1996 
_citation.journal_id_ASTM           JBCHA3 
_citation.country                   US 
_citation.journal_id_ISSN           0021-9258 
_citation.journal_id_CSD            0071 
_citation.book_publisher            ? 
_citation.pdbx_database_id_PubMed   8810310 
_citation.pdbx_database_id_DOI      10.1074/jbc.271.41.25419 
# 
loop_
_citation_author.citation_id 
_citation_author.name 
_citation_author.ordinal 
_citation_author.identifier_ORCID 
primary 'Brucker, E.A.'      1 ? 
primary 'Olson, J.S.'        2 ? 
primary 'Phillips Jr., G.N.' 3 ? 
primary 'Dou, Y.'            4 ? 
primary 'Ikeda-Saito, M.'    5 ? 
# 
loop_
_entity.id 
_entity.type 
_entity.src_method 
_entity.pdbx_description 
_entity.formula_weight 
_entity.pdbx_number_of_molecules 
_entity.pdbx_ec 
_entity.pdbx_mutation 
_entity.pdbx_fragment 
_entity.details 
1 polymer     nat MYOGLOBIN                         17234.951 1   ? ? ? 'RECONSTITUTED WITH COBALT' 
2 non-polymer syn 'SULFATE ION'                     96.063    1   ? ? ? ?                           
3 non-polymer syn 'PROTOPORPHYRIN IX CONTAINING CO' 619.575   1   ? ? ? ?                           
4 non-polymer syn 'OXYGEN MOLECULE'                 31.999    1   ? ? ? ?                           
5 water       nat water                             18.015    141 ? ? ? ?                           
# 
_entity_poly.entity_id                      1 
_entity_poly.type                           'polypeptide(L)' 
_entity_poly.nstd_linkage                   no 
_entity_poly.nstd_monomer                   no 
_entity_poly.pdbx_seq_one_letter_code       
;VLSEGEWQLVLHVWAKVEADVAGHGQDILIRLFKSHPETLEKFDRFKHLKTEAEMKASEDLKKHGVTVLTALGAILKKKG
HHEAELKPLAQSHATKHKIPIKYLEFISEAIIHVLHSRHPGDFGADAQGAMNKALELFRKDIAAKYKELGYQG
;
_entity_poly.pdbx_seq_one_letter_code_can   
;VLSEGEWQLVLHVWAKVEADVAGHGQDILIRLFKSHPETLEKFDRFKHLKTEAEMKASEDLKKHGVTVLTALGAILKKKG
HHEAELKPLAQSHATKHKIPIKYLEFISEAIIHVLHSRHPGDFGADAQGAMNKALELFRKDIAAKYKELGYQG
;
_entity_poly.pdbx_strand_id                 A 
_entity_poly.pdbx_target_identifier         ? 
# 
loop_
_pdbx_entity_nonpoly.entity_id 
_pdbx_entity_nonpoly.name 
_pdbx_entity_nonpoly.comp_id 
2 'SULFATE ION'                     SO4 
3 'PROTOPORPHYRIN IX CONTAINING CO' COH 
4 'OXYGEN MOLECULE'                 OXY 
5 water                             HOH 
# 
loop_
_entity_poly_seq.entity_id 
_entity_poly_seq.num 
_entity_poly_seq.mon_id 
_entity_poly_seq.hetero 
1 1   VAL n 
1 2   LEU n 
1 3   SER n 
1 4   GLU n 
1 5   GLY n 
1 6   GLU n 
1 7   TRP n 
1 8   GLN n 
1 9   LEU n 
1 10  VAL n 
1 11  LEU n 
1 12  HIS n 
1 13  VAL n 
1 14  TRP n 
1 15  ALA n 
1 16  LYS n 
1 17  VAL n 
1 18  GLU n 
1 19  ALA n 
1 20  ASP n 
1 21  VAL n 
1 22  ALA n 
1 23  GLY n 
1 24  HIS n 
1 25  GLY n 
1 26  GLN n 
1 27  ASP n 
1 28  ILE n 
1 29  LEU n 
1 30  ILE n 
1 31  ARG n 
1 32  LEU n 
1 33  PHE n 
1 34  LYS n 
1 35  SER n 
1 36  HIS n 
1 37  PRO n 
1 38  GLU n 
1 39  THR n 
1 40  LEU n 
1 41  GLU n 
1 42  LYS n 
1 43  PHE n 
1 44  ASP n 
1 45  ARG n 
1 46  PHE n 
1 47  LYS n 
1 48  HIS n 
1 49  LEU n 
1 50  LYS n 
1 51  THR n 
1 52  GLU n 
1 53  ALA n 
1 54  GLU n 
1 55  MET n 
1 56  LYS n 
1 57  ALA n 
1 58  SER n 
1 59  GLU n 
1 60  ASP n 
1 61  LEU n 
1 62  LYS n 
1 63  LYS n 
1 64  HIS n 
1 65  GLY n 
1 66  VAL n 
1 67  THR n 
1 68  VAL n 
1 69  LEU n 
1 70  THR n 
1 71  ALA n 
1 72  LEU n 
1 73  GLY n 
1 74  ALA n 
1 75  ILE n 
1 76  LEU n 
1 77  LYS n 
1 78  LYS n 
1 79  LYS n 
1 80  GLY n 
1 81  HIS n 
1 82  HIS n 
1 83  GLU n 
1 84  ALA n 
1 85  GLU n 
1 86  LEU n 
1 87  LYS n 
1 88  PRO n 
1 89  LEU n 
1 90  ALA n 
1 91  GLN n 
1 92  SER n 
1 93  HIS n 
1 94  ALA n 
1 95  THR n 
1 96  LYS n 
1 97  HIS n 
1 98  LYS n 
1 99  ILE n 
1 100 PRO n 
1 101 ILE n 
1 102 LYS n 
1 103 TYR n 
1 104 LEU n 
1 105 GLU n 
1 106 PHE n 
1 107 ILE n 
1 108 SER n 
1 109 GLU n 
1 110 ALA n 
1 111 ILE n 
1 112 ILE n 
1 113 HIS n 
1 114 VAL n 
1 115 LEU n 
1 116 HIS n 
1 117 SER n 
1 118 ARG n 
1 119 HIS n 
1 120 PRO n 
1 121 GLY n 
1 122 ASP n 
1 123 PHE n 
1 124 GLY n 
1 125 ALA n 
1 126 ASP n 
1 127 ALA n 
1 128 GLN n 
1 129 GLY n 
1 130 ALA n 
1 131 MET n 
1 132 ASN n 
1 133 LYS n 
1 134 ALA n 
1 135 LEU n 
1 136 GLU n 
1 137 LEU n 
1 138 PHE n 
1 139 ARG n 
1 140 LYS n 
1 141 ASP n 
1 142 ILE n 
1 143 ALA n 
1 144 ALA n 
1 145 LYS n 
1 146 TYR n 
1 147 LYS n 
1 148 GLU n 
1 149 LEU n 
1 150 GLY n 
1 151 TYR n 
1 152 GLN n 
1 153 GLY n 
# 
_entity_src_nat.entity_id                  1 
_entity_src_nat.pdbx_src_id                1 
_entity_src_nat.pdbx_alt_source_flag       sample 
_entity_src_nat.pdbx_beg_seq_num           ? 
_entity_src_nat.pdbx_end_seq_num           ? 
_entity_src_nat.common_name                'sperm whale' 
_entity_src_nat.pdbx_organism_scientific   'Physeter catodon' 
_entity_src_nat.pdbx_ncbi_taxonomy_id      9755 
_entity_src_nat.genus                      Physeter 
_entity_src_nat.species                    ? 
_entity_src_nat.strain                     ? 
_entity_src_nat.tissue                     MUSCLE 
_entity_src_nat.tissue_fraction            ? 
_entity_src_nat.pdbx_secretion             ? 
_entity_src_nat.pdbx_fragment              ? 
_entity_src_nat.pdbx_variant               ? 
_entity_src_nat.pdbx_cell_line             ? 
_entity_src_nat.pdbx_atcc                  ? 
_entity_src_nat.pdbx_cellular_location     ? 
_entity_src_nat.pdbx_organ                 ? 
_entity_src_nat.pdbx_organelle             ? 
_entity_src_nat.pdbx_cell                  ? 
_entity_src_nat.pdbx_plasmid_name          ? 
_entity_src_nat.pdbx_plasmid_details       ? 
_entity_src_nat.details                    ? 
# 
loop_
_chem_comp.id 
_chem_comp.type 
_chem_comp.mon_nstd_flag 
_chem_comp.name 
_chem_comp.pdbx_synonyms 
_chem_comp.formula 
_chem_comp.formula_weight 
ALA 'L-peptide linking' y ALANINE                           ? 'C3 H7 N O2'       89.093  
ARG 'L-peptide linking' y ARGININE                          ? 'C6 H15 N4 O2 1'   175.209 
ASN 'L-peptide linking' y ASPARAGINE                        ? 'C4 H8 N2 O3'      132.118 
ASP 'L-peptide linking' y 'ASPARTIC ACID'                   ? 'C4 H7 N O4'       133.103 
COH non-polymer         . 'PROTOPORPHYRIN IX CONTAINING CO' ? 'C34 H32 Co N4 O4' 619.575 
GLN 'L-peptide linking' y GLUTAMINE                         ? 'C5 H10 N2 O3'     146.144 
GLU 'L-peptide linking' y 'GLUTAMIC ACID'                   ? 'C5 H9 N O4'       147.129 
GLY 'peptide linking'   y GLYCINE                           ? 'C2 H5 N O2'       75.067  
HIS 'L-peptide linking' y HISTIDINE                         ? 'C6 H10 N3 O2 1'   156.162 
HOH non-polymer         . WATER                             ? 'H2 O'             18.015  
ILE 'L-peptide linking' y ISOLEUCINE                        ? 'C6 H13 N O2'      131.173 
LEU 'L-peptide linking' y LEUCINE                           ? 'C6 H13 N O2'      131.173 
LYS 'L-peptide linking' y LYSINE                            ? 'C6 H15 N2 O2 1'   147.195 
MET 'L-peptide linking' y METHIONINE                        ? 'C5 H11 N O2 S'    149.211 
OXY non-polymer         . 'OXYGEN MOLECULE'                 ? O2                 31.999  
PHE 'L-peptide linking' y PHENYLALANINE                     ? 'C9 H11 N O2'      165.189 
PRO 'L-peptide linking' y PROLINE                           ? 'C5 H9 N O2'       115.130 
SER 'L-peptide linking' y SERINE                            ? 'C3 H7 N O3'       105.093 
SO4 non-polymer         . 'SULFATE ION'                     ? 'O4 S -2'          96.063  
THR 'L-peptide linking' y THREONINE                         ? 'C4 H9 N O3'       119.119 
TRP 'L-peptide linking' y TRYPTOPHAN                        ? 'C11 H12 N2 O2'    204.225 
TYR 'L-peptide linking' y TYROSINE                          ? 'C9 H11 N O3'      181.189 
VAL 'L-peptide linking' y VALINE                            ? 'C5 H11 N O2'      117.146 
# 
loop_
_pdbx_poly_seq_scheme.asym_id 
_pdbx_poly_seq_scheme.entity_id 
_pdbx_poly_seq_scheme.seq_id 
_pdbx_poly_seq_scheme.mon_id 
_pdbx_poly_seq_scheme.ndb_seq_num 
_pdbx_poly_seq_scheme.pdb_seq_num 
_pdbx_poly_seq_scheme.auth_seq_num 
_pdbx_poly_seq_scheme.pdb_mon_id 
_pdbx_poly_seq_scheme.auth_mon_id 
_pdbx_poly_seq_scheme.pdb_strand_id 
_pdbx_poly_seq_scheme.pdb_ins_code 
_pdbx_poly_seq_scheme.hetero 
A 1 1   VAL 1   1   1   VAL VAL A . n 
A 1 2   LEU 2   2   2   LEU LEU A . n 
A 1 3   SER 3   3   3   SER SER A . n 
A 1 4   GLU 4   4   4   GLU GLU A . n 
A 1 5   GLY 5   5   5   GLY GLY A . n 
A 1 6   GLU 6   6   6   GLU GLU A . n 
A 1 7   TRP 7   7   7   TRP TRP A . n 
A 1 8   GLN 8   8   8   GLN GLN A . n 
A 1 9   LEU 9   9   9   LEU LEU A . n 
A 1 10  VAL 10  10  10  VAL VAL A . n 
A 1 11  LEU 11  11  11  LEU LEU A . n 
A 1 12  HIS 12  12  12  HIS HIS A . n 
A 1 13  VAL 13  13  13  VAL VAL A . n 
A 1 14  TRP 14  14  14  TRP TRP A . n 
A 1 15  ALA 15  15  15  ALA ALA A . n 
A 1 16  LYS 16  16  16  LYS LYS A . n 
A 1 17  VAL 17  17  17  VAL VAL A . n 
A 1 18  GLU 18  18  18  GLU GLU A . n 
A 1 19  ALA 19  19  19  ALA ALA A . n 
A 1 20  ASP 20  20  20  ASP ASP A . n 
A 1 21  VAL 21  21  21  VAL VAL A . n 
A 1 22  ALA 22  22  22  ALA ALA A . n 
A 1 23  GLY 23  23  23  GLY GLY A . n 
A 1 24  HIS 24  24  24  HIS HIS A . n 
A 1 25  GLY 25  25  25  GLY GLY A . n 
A 1 26  GLN 26  26  26  GLN GLN A . n 
A 1 27  ASP 27  27  27  ASP ASP A . n 
A 1 28  ILE 28  28  28  ILE ILE A . n 
A 1 29  LEU 29  29  29  LEU LEU A . n 
A 1 30  ILE 30  30  30  ILE ILE A . n 
A 1 31  ARG 31  31  31  ARG ARG A . n 
A 1 32  LEU 32  32  32  LEU LEU A . n 
A 1 33  PHE 33  33  33  PHE PHE A . n 
A 1 34  LYS 34  34  34  LYS LYS A . n 
A 1 35  SER 35  35  35  SER SER A . n 
A 1 36  HIS 36  36  36  HIS HIS A . n 
A 1 37  PRO 37  37  37  PRO PRO A . n 
A 1 38  GLU 38  38  38  GLU GLU A . n 
A 1 39  THR 39  39  39  THR THR A . n 
A 1 40  LEU 40  40  40  LEU LEU A . n 
A 1 41  GLU 41  41  41  GLU GLU A . n 
A 1 42  LYS 42  42  42  LYS LYS A . n 
A 1 43  PHE 43  43  43  PHE PHE A . n 
A 1 44  ASP 44  44  44  ASP ASP A . n 
A 1 45  ARG 45  45  45  ARG ARG A . n 
A 1 46  PHE 46  46  46  PHE PHE A . n 
A 1 47  LYS 47  47  47  LYS LYS A . n 
A 1 48  HIS 48  48  48  HIS HIS A . n 
A 1 49  LEU 49  49  49  LEU LEU A . n 
A 1 50  LYS 50  50  50  LYS LYS A . n 
A 1 51  THR 51  51  51  THR THR A . n 
A 1 52  GLU 52  52  52  GLU GLU A . n 
A 1 53  ALA 53  53  53  ALA ALA A . n 
A 1 54  GLU 54  54  54  GLU GLU A . n 
A 1 55  MET 55  55  55  MET MET A . n 
A 1 56  LYS 56  56  56  LYS LYS A . n 
A 1 57  ALA 57  57  57  ALA ALA A . n 
A 1 58  SER 58  58  58  SER SER A . n 
A 1 59  GLU 59  59  59  GLU GLU A . n 
A 1 60  ASP 60  60  60  ASP ASP A . n 
A 1 61  LEU 61  61  61  LEU LEU A . n 
A 1 62  LYS 62  62  62  LYS LYS A . n 
A 1 63  LYS 63  63  63  LYS LYS A . n 
A 1 64  HIS 64  64  64  HIS HIS A . n 
A 1 65  GLY 65  65  65  GLY GLY A . n 
A 1 66  VAL 66  66  66  VAL VAL A . n 
A 1 67  THR 67  67  67  THR THR A . n 
A 1 68  VAL 68  68  68  VAL VAL A . n 
A 1 69  LEU 69  69  69  LEU LEU A . n 
A 1 70  THR 70  70  70  THR THR A . n 
A 1 71  ALA 71  71  71  ALA ALA A . n 
A 1 72  LEU 72  72  72  LEU LEU A . n 
A 1 73  GLY 73  73  73  GLY GLY A . n 
A 1 74  ALA 74  74  74  ALA ALA A . n 
A 1 75  ILE 75  75  75  ILE ILE A . n 
A 1 76  LEU 76  76  76  LEU LEU A . n 
A 1 77  LYS 77  77  77  LYS LYS A . n 
A 1 78  LYS 78  78  78  LYS LYS A . n 
A 1 79  LYS 79  79  79  LYS LYS A . n 
A 1 80  GLY 80  80  80  GLY GLY A . n 
A 1 81  HIS 81  81  81  HIS HIS A . n 
A 1 82  HIS 82  82  82  HIS HIS A . n 
A 1 83  GLU 83  83  83  GLU GLU A . n 
A 1 84  ALA 84  84  84  ALA ALA A . n 
A 1 85  GLU 85  85  85  GLU GLU A . n 
A 1 86  LEU 86  86  86  LEU LEU A . n 
A 1 87  LYS 87  87  87  LYS LYS A . n 
A 1 88  PRO 88  88  88  PRO PRO A . n 
A 1 89  LEU 89  89  89  LEU LEU A . n 
A 1 90  ALA 90  90  90  ALA ALA A . n 
A 1 91  GLN 91  91  91  GLN GLN A . n 
A 1 92  SER 92  92  92  SER SER A . n 
A 1 93  HIS 93  93  93  HIS HIS A . n 
A 1 94  ALA 94  94  94  ALA ALA A . n 
A 1 95  THR 95  95  95  THR THR A . n 
A 1 96  LYS 96  96  96  LYS LYS A . n 
A 1 97  HIS 97  97  97  HIS HIS A . n 
A 1 98  LYS 98  98  98  LYS LYS A . n 
A 1 99  ILE 99  99  99  ILE ILE A . n 
A 1 100 PRO 100 100 100 PRO PRO A . n 
A 1 101 ILE 101 101 101 ILE ILE A . n 
A 1 102 LYS 102 102 102 LYS LYS A . n 
A 1 103 TYR 103 103 103 TYR TYR A . n 
A 1 104 LEU 104 104 104 LEU LEU A . n 
A 1 105 GLU 105 105 105 GLU GLU A . n 
A 1 106 PHE 106 106 106 PHE PHE A . n 
A 1 107 ILE 107 107 107 ILE ILE A . n 
A 1 108 SER 108 108 108 SER SER A . n 
A 1 109 GLU 109 109 109 GLU GLU A . n 
A 1 110 ALA 110 110 110 ALA ALA A . n 
A 1 111 ILE 111 111 111 ILE ILE A . n 
A 1 112 ILE 112 112 112 ILE ILE A . n 
A 1 113 HIS 113 113 113 HIS HIS A . n 
A 1 114 VAL 114 114 114 VAL VAL A . n 
A 1 115 LEU 115 115 115 LEU LEU A . n 
A 1 116 HIS 116 116 116 HIS HIS A . n 
A 1 117 SER 117 117 117 SER SER A . n 
A 1 118 ARG 118 118 118 ARG ARG A . n 
A 1 119 HIS 119 119 119 HIS HIS A . n 
A 1 120 PRO 120 120 120 PRO PRO A . n 
A 1 121 GLY 121 121 121 GLY GLY A . n 
A 1 122 ASP 122 122 122 ASP ASP A . n 
A 1 123 PHE 123 123 123 PHE PHE A . n 
A 1 124 GLY 124 124 124 GLY GLY A . n 
A 1 125 ALA 125 125 125 ALA ALA A . n 
A 1 126 ASP 126 126 126 ASP ASP A . n 
A 1 127 ALA 127 127 127 ALA ALA A . n 
A 1 128 GLN 128 128 128 GLN GLN A . n 
A 1 129 GLY 129 129 129 GLY GLY A . n 
A 1 130 ALA 130 130 130 ALA ALA A . n 
A 1 131 MET 131 131 131 MET MET A . n 
A 1 132 ASN 132 132 132 ASN ASN A . n 
A 1 133 LYS 133 133 133 LYS LYS A . n 
A 1 134 ALA 134 134 134 ALA ALA A . n 
A 1 135 LEU 135 135 135 LEU LEU A . n 
A 1 136 GLU 136 136 136 GLU GLU A . n 
A 1 137 LEU 137 137 137 LEU LEU A . n 
A 1 138 PHE 138 138 138 PHE PHE A . n 
A 1 139 ARG 139 139 139 ARG ARG A . n 
A 1 140 LYS 140 140 140 LYS LYS A . n 
A 1 141 ASP 141 141 141 ASP ASP A . n 
A 1 142 ILE 142 142 142 ILE ILE A . n 
A 1 143 ALA 143 143 143 ALA ALA A . n 
A 1 144 ALA 144 144 144 ALA ALA A . n 
A 1 145 LYS 145 145 145 LYS LYS A . n 
A 1 146 TYR 146 146 146 TYR TYR A . n 
A 1 147 LYS 147 147 147 LYS LYS A . n 
A 1 148 GLU 148 148 148 GLU GLU A . n 
A 1 149 LEU 149 149 149 LEU LEU A . n 
A 1 150 GLY 150 150 150 GLY GLY A . n 
A 1 151 TYR 151 151 151 TYR TYR A . n 
A 1 152 GLN 152 152 152 GLN GLN A . n 
A 1 153 GLY 153 153 153 GLY GLY A . n 
# 
loop_
_pdbx_nonpoly_scheme.asym_id 
_pdbx_nonpoly_scheme.entity_id 
_pdbx_nonpoly_scheme.mon_id 
_pdbx_nonpoly_scheme.ndb_seq_num 
_pdbx_nonpoly_scheme.pdb_seq_num 
_pdbx_nonpoly_scheme.auth_seq_num 
_pdbx_nonpoly_scheme.pdb_mon_id 
_pdbx_nonpoly_scheme.auth_mon_id 
_pdbx_nonpoly_scheme.pdb_strand_id 
_pdbx_nonpoly_scheme.pdb_ins_code 
B 2 SO4 1   200 200 SO4 SO4 A . 
C 3 COH 1   154 154 COH COH A . 
D 4 OXY 1   155 155 OXY OXY A . 
E 5 HOH 1   201 201 HOH HOH A . 
E 5 HOH 2   202 202 HOH HOH A . 
E 5 HOH 3   203 203 HOH HOH A . 
E 5 HOH 4   204 204 HOH HOH A . 
E 5 HOH 5   205 205 HOH HOH A . 
E 5 HOH 6   206 206 HOH HOH A . 
E 5 HOH 7   207 207 HOH HOH A . 
E 5 HOH 8   208 208 HOH HOH A . 
E 5 HOH 9   209 209 HOH HOH A . 
E 5 HOH 10  210 210 HOH HOH A . 
E 5 HOH 11  211 211 HOH HOH A . 
E 5 HOH 12  212 212 HOH HOH A . 
E 5 HOH 13  213 213 HOH HOH A . 
E 5 HOH 14  214 214 HOH HOH A . 
E 5 HOH 15  215 215 HOH HOH A . 
E 5 HOH 16  216 216 HOH HOH A . 
E 5 HOH 17  217 217 HOH HOH A . 
E 5 HOH 18  218 218 HOH HOH A . 
E 5 HOH 19  219 219 HOH HOH A . 
E 5 HOH 20  220 220 HOH HOH A . 
E 5 HOH 21  221 221 HOH HOH A . 
E 5 HOH 22  222 222 HOH HOH A . 
E 5 HOH 23  223 223 HOH HOH A . 
E 5 HOH 24  224 224 HOH HOH A . 
E 5 HOH 25  225 225 HOH HOH A . 
E 5 HOH 26  226 226 HOH HOH A . 
E 5 HOH 27  227 227 HOH HOH A . 
E 5 HOH 28  228 228 HOH HOH A . 
E 5 HOH 29  229 229 HOH HOH A . 
E 5 HOH 30  230 230 HOH HOH A . 
E 5 HOH 31  231 231 HOH HOH A . 
E 5 HOH 32  232 232 HOH HOH A . 
E 5 HOH 33  233 233 HOH HOH A . 
E 5 HOH 34  234 234 HOH HOH A . 
E 5 HOH 35  235 235 HOH HOH A . 
E 5 HOH 36  236 236 HOH HOH A . 
E 5 HOH 37  237 237 HOH HOH A . 
E 5 HOH 38  238 238 HOH HOH A . 
E 5 HOH 39  239 239 HOH HOH A . 
E 5 HOH 40  240 240 HOH HOH A . 
E 5 HOH 41  241 241 HOH HOH A . 
E 5 HOH 42  242 242 HOH HOH A . 
E 5 HOH 43  243 243 HOH HOH A . 
E 5 HOH 44  244 244 HOH HOH A . 
E 5 HOH 45  245 245 HOH HOH A . 
E 5 HOH 46  246 246 HOH HOH A . 
E 5 HOH 47  247 247 HOH HOH A . 
E 5 HOH 48  248 248 HOH HOH A . 
E 5 HOH 49  249 249 HOH HOH A . 
E 5 HOH 50  250 250 HOH HOH A . 
E 5 HOH 51  251 251 HOH HOH A . 
E 5 HOH 52  252 252 HOH HOH A . 
E 5 HOH 53  253 253 HOH HOH A . 
E 5 HOH 54  254 254 HOH HOH A . 
E 5 HOH 55  255 255 HOH HOH A . 
E 5 HOH 56  256 256 HOH HOH A . 
E 5 HOH 57  257 257 HOH HOH A . 
E 5 HOH 58  258 258 HOH HOH A . 
E 5 HOH 59  259 259 HOH HOH A . 
E 5 HOH 60  260 260 HOH HOH A . 
E 5 HOH 61  261 261 HOH HOH A . 
E 5 HOH 62  262 262 HOH HOH A . 
E 5 HOH 63  263 263 HOH HOH A . 
E 5 HOH 64  264 264 HOH HOH A . 
E 5 HOH 65  265 265 HOH HOH A . 
E 5 HOH 66  266 266 HOH HOH A . 
E 5 HOH 67  267 267 HOH HOH A . 
E 5 HOH 68  268 268 HOH HOH A . 
E 5 HOH 69  269 269 HOH HOH A . 
E 5 HOH 70  270 270 HOH HOH A . 
E 5 HOH 71  271 271 HOH HOH A . 
E 5 HOH 72  272 272 HOH HOH A . 
E 5 HOH 73  273 273 HOH HOH A . 
E 5 HOH 74  274 274 HOH HOH A . 
E 5 HOH 75  275 275 HOH HOH A . 
E 5 HOH 76  276 276 HOH HOH A . 
E 5 HOH 77  277 277 HOH HOH A . 
E 5 HOH 78  278 278 HOH HOH A . 
E 5 HOH 79  279 279 HOH HOH A . 
E 5 HOH 80  280 280 HOH HOH A . 
E 5 HOH 81  281 281 HOH HOH A . 
E 5 HOH 82  282 282 HOH HOH A . 
E 5 HOH 83  283 283 HOH HOH A . 
E 5 HOH 84  284 284 HOH HOH A . 
E 5 HOH 85  285 285 HOH HOH A . 
E 5 HOH 86  286 286 HOH HOH A . 
E 5 HOH 87  287 287 HOH HOH A . 
E 5 HOH 88  288 288 HOH HOH A . 
E 5 HOH 89  289 289 HOH HOH A . 
E 5 HOH 90  290 290 HOH HOH A . 
E 5 HOH 91  291 291 HOH HOH A . 
E 5 HOH 92  292 292 HOH HOH A . 
E 5 HOH 93  293 293 HOH HOH A . 
E 5 HOH 94  294 294 HOH HOH A . 
E 5 HOH 95  295 295 HOH HOH A . 
E 5 HOH 96  296 296 HOH HOH A . 
E 5 HOH 97  297 297 HOH HOH A . 
E 5 HOH 98  298 298 HOH HOH A . 
E 5 HOH 99  299 299 HOH HOH A . 
E 5 HOH 100 300 300 HOH HOH A . 
E 5 HOH 101 301 301 HOH HOH A . 
E 5 HOH 102 302 302 HOH HOH A . 
E 5 HOH 103 303 303 HOH HOH A . 
E 5 HOH 104 304 304 HOH HOH A . 
E 5 HOH 105 305 305 HOH HOH A . 
E 5 HOH 106 306 306 HOH HOH A . 
E 5 HOH 107 307 307 HOH HOH A . 
E 5 HOH 108 308 308 HOH HOH A . 
E 5 HOH 109 309 309 HOH HOH A . 
E 5 HOH 110 310 310 HOH HOH A . 
E 5 HOH 111 311 311 HOH HOH A . 
E 5 HOH 112 312 312 HOH HOH A . 
E 5 HOH 113 313 313 HOH HOH A . 
E 5 HOH 114 314 314 HOH HOH A . 
E 5 HOH 115 315 315 HOH HOH A . 
E 5 HOH 116 316 316 HOH HOH A . 
E 5 HOH 117 317 317 HOH HOH A . 
E 5 HOH 118 318 318 HOH HOH A . 
E 5 HOH 119 319 319 HOH HOH A . 
E 5 HOH 120 320 320 HOH HOH A . 
E 5 HOH 121 321 321 HOH HOH A . 
E 5 HOH 122 322 322 HOH HOH A . 
E 5 HOH 123 323 323 HOH HOH A . 
E 5 HOH 124 324 324 HOH HOH A . 
E 5 HOH 125 325 325 HOH HOH A . 
E 5 HOH 126 326 326 HOH HOH A . 
E 5 HOH 127 327 327 HOH HOH A . 
E 5 HOH 128 328 328 HOH HOH A . 
E 5 HOH 129 329 329 HOH HOH A . 
E 5 HOH 130 330 330 HOH HOH A . 
E 5 HOH 131 331 331 HOH HOH A . 
E 5 HOH 132 332 332 HOH HOH A . 
E 5 HOH 133 333 333 HOH HOH A . 
E 5 HOH 134 334 334 HOH HOH A . 
E 5 HOH 135 335 335 HOH HOH A . 
E 5 HOH 136 336 336 HOH HOH A . 
E 5 HOH 137 337 337 HOH HOH A . 
E 5 HOH 138 338 338 HOH HOH A . 
E 5 HOH 139 339 339 HOH HOH A . 
E 5 HOH 140 340 340 HOH HOH A . 
E 5 HOH 141 341 341 HOH HOH A . 
# 
loop_
_software.name 
_software.classification 
_software.version 
_software.citation_id 
_software.pdbx_ordinal 
X-PLOR 'model building' 3.1 ? 1 
X-PLOR refinement       3.1 ? 2 
XDS    'data reduction' .   ? 3 
X-PLOR phasing          3.1 ? 4 
# 
_cell.entry_id           1YOI 
_cell.length_a           64.680 
_cell.length_b           30.920 
_cell.length_c           34.910 
_cell.angle_alpha        90.00 
_cell.angle_beta         105.75 
_cell.angle_gamma        90.00 
_cell.Z_PDB              2 
_cell.pdbx_unique_axis   ? 
# 
_symmetry.entry_id                         1YOI 
_symmetry.space_group_name_H-M             'P 1 21 1' 
_symmetry.pdbx_full_space_group_name_H-M   ? 
_symmetry.cell_setting                     ? 
_symmetry.Int_Tables_number                4 
# 
_exptl.entry_id          1YOI 
_exptl.method            'X-RAY DIFFRACTION' 
_exptl.crystals_number   1 
# 
_exptl_crystal.id                    1 
_exptl_crystal.density_meas          ? 
_exptl_crystal.density_Matthews      1.95 
_exptl_crystal.density_percent_sol   36.89 
_exptl_crystal.description           ? 
# 
_diffrn.id                     1 
_diffrn.ambient_temp           295 
_diffrn.ambient_temp_details   ? 
_diffrn.crystal_id             1 
# 
_diffrn_detector.diffrn_id              1 
_diffrn_detector.detector               'IMAGE PLATE' 
_diffrn_detector.type                   'RIGAKU RAXIS IIC' 
_diffrn_detector.pdbx_collection_date   ? 
_diffrn_detector.details                ? 
# 
_diffrn_radiation.diffrn_id                        1 
_diffrn_radiation.wavelength_id                    1 
_diffrn_radiation.pdbx_monochromatic_or_laue_m_l   M 
_diffrn_radiation.monochromator                    ? 
_diffrn_radiation.pdbx_diffrn_protocol             ? 
_diffrn_radiation.pdbx_scattering_type             x-ray 
# 
_diffrn_radiation_wavelength.id           1 
_diffrn_radiation_wavelength.wavelength   1.5418 
_diffrn_radiation_wavelength.wt           1.0 
# 
_diffrn_source.diffrn_id                   1 
_diffrn_source.source                      'ROTATING ANODE' 
_diffrn_source.type                        SIEMENS 
_diffrn_source.pdbx_synchrotron_site       ? 
_diffrn_source.pdbx_synchrotron_beamline   ? 
_diffrn_source.pdbx_wavelength             1.5418 
_diffrn_source.pdbx_wavelength_list        ? 
# 
_reflns.entry_id                     1YOI 
_reflns.observed_criterion_sigma_I   0.0 
_reflns.observed_criterion_sigma_F   ? 
_reflns.d_resolution_low             27.7 
_reflns.d_resolution_high            1.65 
_reflns.number_obs                   46278 
_reflns.number_all                   ? 
_reflns.percent_possible_obs         78.8 
_reflns.pdbx_Rmerge_I_obs            0.0430000 
_reflns.pdbx_Rsym_value              ? 
_reflns.pdbx_netI_over_sigmaI        ? 
_reflns.B_iso_Wilson_estimate        ? 
_reflns.pdbx_redundancy              ? 
_reflns.pdbx_diffrn_id               1 
_reflns.pdbx_ordinal                 1 
# 
_refine.entry_id                                 1YOI 
_refine.ls_number_reflns_obs                     12355 
_refine.ls_number_reflns_all                     ? 
_refine.pdbx_ls_sigma_I                          ? 
_refine.pdbx_ls_sigma_F                          0.0 
_refine.pdbx_data_cutoff_high_absF               ? 
_refine.pdbx_data_cutoff_low_absF                ? 
_refine.pdbx_data_cutoff_high_rms_absF           ? 
_refine.ls_d_res_low                             5.0 
_refine.ls_d_res_high                            1.65 
_refine.ls_percent_reflns_obs                    78.8 
_refine.ls_R_factor_obs                          0.1620000 
_refine.ls_R_factor_all                          ? 
_refine.ls_R_factor_R_work                       0.1620000 
_refine.ls_R_factor_R_free                       ? 
_refine.ls_R_factor_R_free_error                 ? 
_refine.ls_R_factor_R_free_error_details         ? 
_refine.ls_percent_reflns_R_free                 ? 
_refine.ls_number_reflns_R_free                  ? 
_refine.ls_number_parameters                     ? 
_refine.ls_number_restraints                     ? 
_refine.occupancy_min                            ? 
_refine.occupancy_max                            ? 
_refine.B_iso_mean                               ? 
_refine.aniso_B[1][1]                            ? 
_refine.aniso_B[2][2]                            ? 
_refine.aniso_B[3][3]                            ? 
_refine.aniso_B[1][2]                            ? 
_refine.aniso_B[1][3]                            ? 
_refine.aniso_B[2][3]                            ? 
_refine.solvent_model_details                    ? 
_refine.solvent_model_param_ksol                 ? 
_refine.solvent_model_param_bsol                 ? 
_refine.pdbx_ls_cross_valid_method               ? 
_refine.details                                  ? 
_refine.pdbx_starting_model                      ? 
_refine.pdbx_method_to_determine_struct          ? 
_refine.pdbx_isotropic_thermal_model             ? 
_refine.pdbx_stereochemistry_target_values       ? 
_refine.pdbx_stereochem_target_val_spec_case     ? 
_refine.pdbx_R_Free_selection_details            ? 
_refine.pdbx_overall_ESU_R                       ? 
_refine.pdbx_overall_ESU_R_Free                  ? 
_refine.overall_SU_ML                            ? 
_refine.overall_SU_B                             ? 
_refine.pdbx_refine_id                           'X-RAY DIFFRACTION' 
_refine.pdbx_diffrn_id                           1 
_refine.pdbx_TLS_residual_ADP_flag               ? 
_refine.correlation_coeff_Fo_to_Fc               ? 
_refine.correlation_coeff_Fo_to_Fc_free          ? 
_refine.pdbx_solvent_vdw_probe_radii             ? 
_refine.pdbx_solvent_ion_probe_radii             ? 
_refine.pdbx_solvent_shrinkage_radii             ? 
_refine.pdbx_overall_phase_error                 ? 
_refine.overall_SU_R_Cruickshank_DPI             ? 
_refine.pdbx_overall_SU_R_free_Cruickshank_DPI   ? 
_refine.pdbx_overall_SU_R_Blow_DPI               ? 
_refine.pdbx_overall_SU_R_free_Blow_DPI          ? 
# 
_refine_hist.pdbx_refine_id                   'X-RAY DIFFRACTION' 
_refine_hist.cycle_id                         LAST 
_refine_hist.pdbx_number_atoms_protein        1496 
_refine_hist.pdbx_number_atoms_nucleic_acid   0 
_refine_hist.pdbx_number_atoms_ligand         49 
_refine_hist.number_atoms_solvent             428 
_refine_hist.number_atoms_total               1973 
_refine_hist.d_res_high                       1.65 
_refine_hist.d_res_low                        5.0 
# 
loop_
_refine_ls_restr.type 
_refine_ls_restr.dev_ideal 
_refine_ls_restr.dev_ideal_target 
_refine_ls_restr.weight 
_refine_ls_restr.number 
_refine_ls_restr.pdbx_refine_id 
_refine_ls_restr.pdbx_restraint_function 
x_bond_d                0.020 ? ? ? 'X-RAY DIFFRACTION' ? 
x_bond_d_na             ?     ? ? ? 'X-RAY DIFFRACTION' ? 
x_bond_d_prot           ?     ? ? ? 'X-RAY DIFFRACTION' ? 
x_angle_d               ?     ? ? ? 'X-RAY DIFFRACTION' ? 
x_angle_d_na            ?     ? ? ? 'X-RAY DIFFRACTION' ? 
x_angle_d_prot          ?     ? ? ? 'X-RAY DIFFRACTION' ? 
x_angle_deg             1.73  ? ? ? 'X-RAY DIFFRACTION' ? 
x_angle_deg_na          ?     ? ? ? 'X-RAY DIFFRACTION' ? 
x_angle_deg_prot        ?     ? ? ? 'X-RAY DIFFRACTION' ? 
x_dihedral_angle_d      19.9  ? ? ? 'X-RAY DIFFRACTION' ? 
x_dihedral_angle_d_na   ?     ? ? ? 'X-RAY DIFFRACTION' ? 
x_dihedral_angle_d_prot ?     ? ? ? 'X-RAY DIFFRACTION' ? 
x_improper_angle_d      1.92  ? ? ? 'X-RAY DIFFRACTION' ? 
x_improper_angle_d_na   ?     ? ? ? 'X-RAY DIFFRACTION' ? 
x_improper_angle_d_prot ?     ? ? ? 'X-RAY DIFFRACTION' ? 
x_mcbond_it             ?     ? ? ? 'X-RAY DIFFRACTION' ? 
x_mcangle_it            ?     ? ? ? 'X-RAY DIFFRACTION' ? 
x_scbond_it             ?     ? ? ? 'X-RAY DIFFRACTION' ? 
x_scangle_it            ?     ? ? ? 'X-RAY DIFFRACTION' ? 
# 
loop_
_pdbx_xplor_file.serial_no 
_pdbx_xplor_file.param_file 
_pdbx_xplor_file.topol_file 
_pdbx_xplor_file.pdbx_refine_id 
1 PARHCSDX.PRO   TOPHCSDX.PRO  'X-RAY DIFFRACTION' 
2 PARAMETER.HEME TOPOLOGY.HEME 'X-RAY DIFFRACTION' 
# 
_struct.entry_id                  1YOI 
_struct.title                     'COBALT MYOGLOBIN (OXY)' 
_struct.pdbx_model_details        ? 
_struct.pdbx_CASP_flag            ? 
_struct.pdbx_model_type_details   ? 
# 
_struct_keywords.entry_id        1YOI 
_struct_keywords.pdbx_keywords   'OXYGEN TRANSPORT' 
_struct_keywords.text            'HEME, OXYGEN TRANSPORT, RESPIRATORY PROTEIN, MUSCLE' 
# 
loop_
_struct_asym.id 
_struct_asym.pdbx_blank_PDB_chainid_flag 
_struct_asym.pdbx_modified 
_struct_asym.entity_id 
_struct_asym.details 
A N N 1 ? 
B N N 2 ? 
C N N 3 ? 
D N N 4 ? 
E N N 5 ? 
# 
_struct_ref.id                         1 
_struct_ref.db_name                    UNP 
_struct_ref.db_code                    MYG_PHYCA 
_struct_ref.entity_id                  1 
_struct_ref.pdbx_db_accession          P02185 
_struct_ref.pdbx_align_begin           1 
_struct_ref.pdbx_seq_one_letter_code   
;VLSEGEWQLVLHVWAKVEADVAGHGQDILIRLFKSHPETLEKFDRFKHLKTEAEMKASEDLKKHGVTVLTALGAILKKKG
HHEAELKPLAQSHATKHKIPIKYLEFISEAIIHVLHSRHPGDFGADAQGAMNKALELFRKDIAAKYKELGYQG
;
_struct_ref.pdbx_db_isoform            ? 
# 
_struct_ref_seq.align_id                      1 
_struct_ref_seq.ref_id                        1 
_struct_ref_seq.pdbx_PDB_id_code              1YOI 
_struct_ref_seq.pdbx_strand_id                A 
_struct_ref_seq.seq_align_beg                 1 
_struct_ref_seq.pdbx_seq_align_beg_ins_code   ? 
_struct_ref_seq.seq_align_end                 153 
_struct_ref_seq.pdbx_seq_align_end_ins_code   ? 
_struct_ref_seq.pdbx_db_accession             P02185 
_struct_ref_seq.db_align_beg                  1 
_struct_ref_seq.pdbx_db_align_beg_ins_code    ? 
_struct_ref_seq.db_align_end                  153 
_struct_ref_seq.pdbx_db_align_end_ins_code    ? 
_struct_ref_seq.pdbx_auth_seq_align_beg       1 
_struct_ref_seq.pdbx_auth_seq_align_end       153 
# 
_pdbx_struct_assembly.id                   1 
_pdbx_struct_assembly.details              author_defined_assembly 
_pdbx_struct_assembly.method_details       ? 
_pdbx_struct_assembly.oligomeric_details   monomeric 
_pdbx_struct_assembly.oligomeric_count     1 
# 
_pdbx_struct_assembly_gen.assembly_id       1 
_pdbx_struct_assembly_gen.oper_expression   1 
_pdbx_struct_assembly_gen.asym_id_list      A,B,C,D,E 
# 
_pdbx_struct_oper_list.id                   1 
_pdbx_struct_oper_list.type                 'identity operation' 
_pdbx_struct_oper_list.name                 1_555 
_pdbx_struct_oper_list.symmetry_operation   x,y,z 
_pdbx_struct_oper_list.matrix[1][1]         1.0000000000 
_pdbx_struct_oper_list.matrix[1][2]         0.0000000000 
_pdbx_struct_oper_list.matrix[1][3]         0.0000000000 
_pdbx_struct_oper_list.vector[1]            0.0000000000 
_pdbx_struct_oper_list.matrix[2][1]         0.0000000000 
_pdbx_struct_oper_list.matrix[2][2]         1.0000000000 
_pdbx_struct_oper_list.matrix[2][3]         0.0000000000 
_pdbx_struct_oper_list.vector[2]            0.0000000000 
_pdbx_struct_oper_list.matrix[3][1]         0.0000000000 
_pdbx_struct_oper_list.matrix[3][2]         0.0000000000 
_pdbx_struct_oper_list.matrix[3][3]         1.0000000000 
_pdbx_struct_oper_list.vector[3]            0.0000000000 
# 
_struct_biol.id   1 
# 
loop_
_struct_conf.conf_type_id 
_struct_conf.id 
_struct_conf.pdbx_PDB_helix_id 
_struct_conf.beg_label_comp_id 
_struct_conf.beg_label_asym_id 
_struct_conf.beg_label_seq_id 
_struct_conf.pdbx_beg_PDB_ins_code 
_struct_conf.end_label_comp_id 
_struct_conf.end_label_asym_id 
_struct_conf.end_label_seq_id 
_struct_conf.pdbx_end_PDB_ins_code 
_struct_conf.beg_auth_comp_id 
_struct_conf.beg_auth_asym_id 
_struct_conf.beg_auth_seq_id 
_struct_conf.end_auth_comp_id 
_struct_conf.end_auth_asym_id 
_struct_conf.end_auth_seq_id 
_struct_conf.pdbx_PDB_helix_class 
_struct_conf.details 
_struct_conf.pdbx_PDB_helix_length 
HELX_P HELX_P1 A GLU A 4   ? VAL A 17  ? GLU A 4   VAL A 17  1 ? 14 
HELX_P HELX_P2 B VAL A 21  ? SER A 35  ? VAL A 21  SER A 35  1 ? 15 
HELX_P HELX_P3 C PRO A 37  ? LYS A 42  ? PRO A 37  LYS A 42  1 ? 6  
HELX_P HELX_P4 D GLU A 52  ? ALA A 57  ? GLU A 52  ALA A 57  1 ? 6  
HELX_P HELX_P5 E GLU A 59  ? LEU A 76  ? GLU A 59  LEU A 76  1 ? 18 
HELX_P HELX_P6 F GLU A 83  ? THR A 95  ? GLU A 83  THR A 95  1 ? 13 
HELX_P HELX_P7 G ILE A 101 ? ARG A 118 ? ILE A 101 ARG A 118 1 ? 18 
HELX_P HELX_P8 H ALA A 125 ? LEU A 149 ? ALA A 125 LEU A 149 1 ? 25 
# 
_struct_conf_type.id          HELX_P 
_struct_conf_type.criteria    ? 
_struct_conf_type.reference   ? 
# 
loop_
_struct_conn.id 
_struct_conn.conn_type_id 
_struct_conn.pdbx_leaving_atom_flag 
_struct_conn.pdbx_PDB_id 
_struct_conn.ptnr1_label_asym_id 
_struct_conn.ptnr1_label_comp_id 
_struct_conn.ptnr1_label_seq_id 
_struct_conn.ptnr1_label_atom_id 
_struct_conn.pdbx_ptnr1_label_alt_id 
_struct_conn.pdbx_ptnr1_PDB_ins_code 
_struct_conn.pdbx_ptnr1_standard_comp_id 
_struct_conn.ptnr1_symmetry 
_struct_conn.ptnr2_label_asym_id 
_struct_conn.ptnr2_label_comp_id 
_struct_conn.ptnr2_label_seq_id 
_struct_conn.ptnr2_label_atom_id 
_struct_conn.pdbx_ptnr2_label_alt_id 
_struct_conn.pdbx_ptnr2_PDB_ins_code 
_struct_conn.ptnr1_auth_asym_id 
_struct_conn.ptnr1_auth_comp_id 
_struct_conn.ptnr1_auth_seq_id 
_struct_conn.ptnr2_auth_asym_id 
_struct_conn.ptnr2_auth_comp_id 
_struct_conn.ptnr2_auth_seq_id 
_struct_conn.ptnr2_symmetry 
_struct_conn.pdbx_ptnr3_label_atom_id 
_struct_conn.pdbx_ptnr3_label_seq_id 
_struct_conn.pdbx_ptnr3_label_comp_id 
_struct_conn.pdbx_ptnr3_label_asym_id 
_struct_conn.pdbx_ptnr3_label_alt_id 
_struct_conn.pdbx_ptnr3_PDB_ins_code 
_struct_conn.details 
_struct_conn.pdbx_dist_value 
_struct_conn.pdbx_value_order 
_struct_conn.pdbx_role 
metalc1 metalc ? ? A HIS 93 NE2 ? ? ? 1_555 C COH . CO ? ? A HIS 93  A COH 154 1_555 ? ? ? ? ? ? ? 2.080 ? ? 
metalc2 metalc ? ? C COH .  CO  ? ? ? 1_555 D OXY . O1 ? ? A COH 154 A OXY 155 1_555 ? ? ? ? ? ? ? 2.034 ? ? 
metalc3 metalc ? ? C COH .  CO  ? ? ? 1_555 D OXY . O2 ? ? A COH 154 A OXY 155 1_555 ? ? ? ? ? ? ? 2.656 ? ? 
# 
_struct_conn_type.id          metalc 
_struct_conn_type.criteria    ? 
_struct_conn_type.reference   ? 
# 
loop_
_pdbx_struct_conn_angle.id 
_pdbx_struct_conn_angle.ptnr1_label_atom_id 
_pdbx_struct_conn_angle.ptnr1_label_alt_id 
_pdbx_struct_conn_angle.ptnr1_label_asym_id 
_pdbx_struct_conn_angle.ptnr1_label_comp_id 
_pdbx_struct_conn_angle.ptnr1_label_seq_id 
_pdbx_struct_conn_angle.ptnr1_auth_atom_id 
_pdbx_struct_conn_angle.ptnr1_auth_asym_id 
_pdbx_struct_conn_angle.ptnr1_auth_comp_id 
_pdbx_struct_conn_angle.ptnr1_auth_seq_id 
_pdbx_struct_conn_angle.ptnr1_PDB_ins_code 
_pdbx_struct_conn_angle.ptnr1_symmetry 
_pdbx_struct_conn_angle.ptnr2_label_atom_id 
_pdbx_struct_conn_angle.ptnr2_label_alt_id 
_pdbx_struct_conn_angle.ptnr2_label_asym_id 
_pdbx_struct_conn_angle.ptnr2_label_comp_id 
_pdbx_struct_conn_angle.ptnr2_label_seq_id 
_pdbx_struct_conn_angle.ptnr2_auth_atom_id 
_pdbx_struct_conn_angle.ptnr2_auth_asym_id 
_pdbx_struct_conn_angle.ptnr2_auth_comp_id 
_pdbx_struct_conn_angle.ptnr2_auth_seq_id 
_pdbx_struct_conn_angle.ptnr2_PDB_ins_code 
_pdbx_struct_conn_angle.ptnr2_symmetry 
_pdbx_struct_conn_angle.ptnr3_label_atom_id 
_pdbx_struct_conn_angle.ptnr3_label_alt_id 
_pdbx_struct_conn_angle.ptnr3_label_asym_id 
_pdbx_struct_conn_angle.ptnr3_label_comp_id 
_pdbx_struct_conn_angle.ptnr3_label_seq_id 
_pdbx_struct_conn_angle.ptnr3_auth_atom_id 
_pdbx_struct_conn_angle.ptnr3_auth_asym_id 
_pdbx_struct_conn_angle.ptnr3_auth_comp_id 
_pdbx_struct_conn_angle.ptnr3_auth_seq_id 
_pdbx_struct_conn_angle.ptnr3_PDB_ins_code 
_pdbx_struct_conn_angle.ptnr3_symmetry 
_pdbx_struct_conn_angle.value 
_pdbx_struct_conn_angle.value_esd 
1  NE2 ? A HIS 93 ? A HIS 93  ? 1_555 CO ? C COH . ? A COH 154 ? 1_555 NA ? C COH . ? A COH 154 ? 1_555 87.4  ? 
2  NE2 ? A HIS 93 ? A HIS 93  ? 1_555 CO ? C COH . ? A COH 154 ? 1_555 NB ? C COH . ? A COH 154 ? 1_555 88.8  ? 
3  NA  ? C COH .  ? A COH 154 ? 1_555 CO ? C COH . ? A COH 154 ? 1_555 NB ? C COH . ? A COH 154 ? 1_555 91.9  ? 
4  NE2 ? A HIS 93 ? A HIS 93  ? 1_555 CO ? C COH . ? A COH 154 ? 1_555 NC ? C COH . ? A COH 154 ? 1_555 94.7  ? 
5  NA  ? C COH .  ? A COH 154 ? 1_555 CO ? C COH . ? A COH 154 ? 1_555 NC ? C COH . ? A COH 154 ? 1_555 175.9 ? 
6  NB  ? C COH .  ? A COH 154 ? 1_555 CO ? C COH . ? A COH 154 ? 1_555 NC ? C COH . ? A COH 154 ? 1_555 91.6  ? 
7  NE2 ? A HIS 93 ? A HIS 93  ? 1_555 CO ? C COH . ? A COH 154 ? 1_555 ND ? C COH . ? A COH 154 ? 1_555 92.2  ? 
8  NA  ? C COH .  ? A COH 154 ? 1_555 CO ? C COH . ? A COH 154 ? 1_555 ND ? C COH . ? A COH 154 ? 1_555 89.3  ? 
9  NB  ? C COH .  ? A COH 154 ? 1_555 CO ? C COH . ? A COH 154 ? 1_555 ND ? C COH . ? A COH 154 ? 1_555 178.4 ? 
10 NC  ? C COH .  ? A COH 154 ? 1_555 CO ? C COH . ? A COH 154 ? 1_555 ND ? C COH . ? A COH 154 ? 1_555 87.1  ? 
11 NE2 ? A HIS 93 ? A HIS 93  ? 1_555 CO ? C COH . ? A COH 154 ? 1_555 O1 ? D OXY . ? A OXY 155 ? 1_555 170.6 ? 
12 NA  ? C COH .  ? A COH 154 ? 1_555 CO ? C COH . ? A COH 154 ? 1_555 O1 ? D OXY . ? A OXY 155 ? 1_555 85.7  ? 
13 NB  ? C COH .  ? A COH 154 ? 1_555 CO ? C COH . ? A COH 154 ? 1_555 O1 ? D OXY . ? A OXY 155 ? 1_555 97.8  ? 
14 NC  ? C COH .  ? A COH 154 ? 1_555 CO ? C COH . ? A COH 154 ? 1_555 O1 ? D OXY . ? A OXY 155 ? 1_555 91.8  ? 
15 ND  ? C COH .  ? A COH 154 ? 1_555 CO ? C COH . ? A COH 154 ? 1_555 O1 ? D OXY . ? A OXY 155 ? 1_555 81.3  ? 
16 NE2 ? A HIS 93 ? A HIS 93  ? 1_555 CO ? C COH . ? A COH 154 ? 1_555 O2 ? D OXY . ? A OXY 155 ? 1_555 160.9 ? 
17 NA  ? C COH .  ? A COH 154 ? 1_555 CO ? C COH . ? A COH 154 ? 1_555 O2 ? D OXY . ? A OXY 155 ? 1_555 110.5 ? 
18 NB  ? C COH .  ? A COH 154 ? 1_555 CO ? C COH . ? A COH 154 ? 1_555 O2 ? D OXY . ? A OXY 155 ? 1_555 97.0  ? 
19 NC  ? C COH .  ? A COH 154 ? 1_555 CO ? C COH . ? A COH 154 ? 1_555 O2 ? D OXY . ? A OXY 155 ? 1_555 67.0  ? 
20 ND  ? C COH .  ? A COH 154 ? 1_555 CO ? C COH . ? A COH 154 ? 1_555 O2 ? D OXY . ? A OXY 155 ? 1_555 81.6  ? 
21 O1  ? D OXY .  ? A OXY 155 ? 1_555 CO ? C COH . ? A COH 154 ? 1_555 O2 ? D OXY . ? A OXY 155 ? 1_555 24.8  ? 
# 
loop_
_struct_site.id 
_struct_site.pdbx_evidence_code 
_struct_site.pdbx_auth_asym_id 
_struct_site.pdbx_auth_comp_id 
_struct_site.pdbx_auth_seq_id 
_struct_site.pdbx_auth_ins_code 
_struct_site.pdbx_num_residues 
_struct_site.details 
AC1 Software A SO4 200 ? 4  'BINDING SITE FOR RESIDUE SO4 A 200' 
AC2 Software A COH 154 ? 17 'BINDING SITE FOR RESIDUE COH A 154' 
AC3 Software A OXY 155 ? 4  'BINDING SITE FOR RESIDUE OXY A 155' 
# 
loop_
_struct_site_gen.id 
_struct_site_gen.site_id 
_struct_site_gen.pdbx_num_res 
_struct_site_gen.label_comp_id 
_struct_site_gen.label_asym_id 
_struct_site_gen.label_seq_id 
_struct_site_gen.pdbx_auth_ins_code 
_struct_site_gen.auth_comp_id 
_struct_site_gen.auth_asym_id 
_struct_site_gen.auth_seq_id 
_struct_site_gen.label_atom_id 
_struct_site_gen.label_alt_id 
_struct_site_gen.symmetry 
_struct_site_gen.details 
1  AC1 4  SER A 58  ? SER A 58  . ? 1_555 ? 
2  AC1 4  GLU A 59  ? GLU A 59  . ? 1_555 ? 
3  AC1 4  ASP A 60  ? ASP A 60  . ? 1_555 ? 
4  AC1 4  HOH E .   ? HOH A 235 . ? 1_555 ? 
5  AC2 17 LYS A 42  ? LYS A 42  . ? 1_555 ? 
6  AC2 17 PHE A 43  ? PHE A 43  . ? 1_555 ? 
7  AC2 17 ARG A 45  ? ARG A 45  . ? 1_555 ? 
8  AC2 17 THR A 67  ? THR A 67  . ? 1_555 ? 
9  AC2 17 VAL A 68  ? VAL A 68  . ? 1_555 ? 
10 AC2 17 SER A 92  ? SER A 92  . ? 1_555 ? 
11 AC2 17 HIS A 93  ? HIS A 93  . ? 1_555 ? 
12 AC2 17 HIS A 97  ? HIS A 97  . ? 1_555 ? 
13 AC2 17 ILE A 99  ? ILE A 99  . ? 1_555 ? 
14 AC2 17 TYR A 103 ? TYR A 103 . ? 1_555 ? 
15 AC2 17 OXY D .   ? OXY A 155 . ? 1_555 ? 
16 AC2 17 HOH E .   ? HOH A 206 . ? 1_555 ? 
17 AC2 17 HOH E .   ? HOH A 228 . ? 1_555 ? 
18 AC2 17 HOH E .   ? HOH A 307 . ? 1_555 ? 
19 AC2 17 HOH E .   ? HOH A 316 . ? 1_555 ? 
20 AC2 17 HOH E .   ? HOH A 319 . ? 1_555 ? 
21 AC2 17 HOH E .   ? HOH A 338 . ? 1_555 ? 
22 AC3 4  PHE A 43  ? PHE A 43  . ? 1_555 ? 
23 AC3 4  HIS A 64  ? HIS A 64  . ? 1_555 ? 
24 AC3 4  VAL A 68  ? VAL A 68  . ? 1_555 ? 
25 AC3 4  COH C .   ? COH A 154 . ? 1_555 ? 
# 
loop_
_pdbx_validate_torsion.id 
_pdbx_validate_torsion.PDB_model_num 
_pdbx_validate_torsion.auth_comp_id 
_pdbx_validate_torsion.auth_asym_id 
_pdbx_validate_torsion.auth_seq_id 
_pdbx_validate_torsion.PDB_ins_code 
_pdbx_validate_torsion.label_alt_id 
_pdbx_validate_torsion.phi 
_pdbx_validate_torsion.psi 
1 1 ASP A 20  ? ? -153.58 69.08  
2 1 HIS A 119 ? ? -143.36 56.10  
3 1 GLN A 152 ? ? -41.07  100.53 
# 
_pdbx_validate_chiral.id              1 
_pdbx_validate_chiral.PDB_model_num   1 
_pdbx_validate_chiral.auth_atom_id    NB 
_pdbx_validate_chiral.label_alt_id    ? 
_pdbx_validate_chiral.auth_asym_id    A 
_pdbx_validate_chiral.auth_comp_id    COH 
_pdbx_validate_chiral.auth_seq_id     154 
_pdbx_validate_chiral.PDB_ins_code    ? 
_pdbx_validate_chiral.details         PLANAR 
_pdbx_validate_chiral.omega           . 
# 
_pdbx_entry_details.entry_id                 1YOI 
_pdbx_entry_details.compound_details         ? 
_pdbx_entry_details.source_details           ? 
_pdbx_entry_details.nonpolymer_details       
;THIS STRUCTURE HAS ONE DIFFERENCE RELATIVE TO THE NATIVE
SPERM WHALE PROTEIN: THE HEME UNIT (IRON PROTOPORPHYRIN
IX) HAS BEEN REPLACED WITH COBALT PROTOPORPHYRIN IX.
;
_pdbx_entry_details.sequence_details         ? 
_pdbx_entry_details.has_ligand_of_interest   ? 
# 
loop_
_chem_comp_atom.comp_id 
_chem_comp_atom.atom_id 
_chem_comp_atom.type_symbol 
_chem_comp_atom.pdbx_aromatic_flag 
_chem_comp_atom.pdbx_stereo_config 
_chem_comp_atom.pdbx_ordinal 
ALA N    N  N N 1   
ALA CA   C  N S 2   
ALA C    C  N N 3   
ALA O    O  N N 4   
ALA CB   C  N N 5   
ALA OXT  O  N N 6   
ALA H    H  N N 7   
ALA H2   H  N N 8   
ALA HA   H  N N 9   
ALA HB1  H  N N 10  
ALA HB2  H  N N 11  
ALA HB3  H  N N 12  
ALA HXT  H  N N 13  
ARG N    N  N N 14  
ARG CA   C  N S 15  
ARG C    C  N N 16  
ARG O    O  N N 17  
ARG CB   C  N N 18  
ARG CG   C  N N 19  
ARG CD   C  N N 20  
ARG NE   N  N N 21  
ARG CZ   C  N N 22  
ARG NH1  N  N N 23  
ARG NH2  N  N N 24  
ARG OXT  O  N N 25  
ARG H    H  N N 26  
ARG H2   H  N N 27  
ARG HA   H  N N 28  
ARG HB2  H  N N 29  
ARG HB3  H  N N 30  
ARG HG2  H  N N 31  
ARG HG3  H  N N 32  
ARG HD2  H  N N 33  
ARG HD3  H  N N 34  
ARG HE   H  N N 35  
ARG HH11 H  N N 36  
ARG HH12 H  N N 37  
ARG HH21 H  N N 38  
ARG HH22 H  N N 39  
ARG HXT  H  N N 40  
ASN N    N  N N 41  
ASN CA   C  N S 42  
ASN C    C  N N 43  
ASN O    O  N N 44  
ASN CB   C  N N 45  
ASN CG   C  N N 46  
ASN OD1  O  N N 47  
ASN ND2  N  N N 48  
ASN OXT  O  N N 49  
ASN H    H  N N 50  
ASN H2   H  N N 51  
ASN HA   H  N N 52  
ASN HB2  H  N N 53  
ASN HB3  H  N N 54  
ASN HD21 H  N N 55  
ASN HD22 H  N N 56  
ASN HXT  H  N N 57  
ASP N    N  N N 58  
ASP CA   C  N S 59  
ASP C    C  N N 60  
ASP O    O  N N 61  
ASP CB   C  N N 62  
ASP CG   C  N N 63  
ASP OD1  O  N N 64  
ASP OD2  O  N N 65  
ASP OXT  O  N N 66  
ASP H    H  N N 67  
ASP H2   H  N N 68  
ASP HA   H  N N 69  
ASP HB2  H  N N 70  
ASP HB3  H  N N 71  
ASP HD2  H  N N 72  
ASP HXT  H  N N 73  
COH CO   CO N N 74  
COH CHA  C  N N 75  
COH CHB  C  N N 76  
COH CHC  C  N N 77  
COH CHD  C  N N 78  
COH NA   N  N N 79  
COH C1A  C  N N 80  
COH C2A  C  N N 81  
COH C3A  C  N N 82  
COH C4A  C  N N 83  
COH CMA  C  N N 84  
COH CAA  C  N N 85  
COH CBA  C  N N 86  
COH CGA  C  N N 87  
COH O1A  O  N N 88  
COH O2A  O  N N 89  
COH NB   N  N R 90  
COH C1B  C  N N 91  
COH C2B  C  N N 92  
COH C3B  C  N N 93  
COH C4B  C  N N 94  
COH CMB  C  N N 95  
COH CAB  C  N N 96  
COH CBB  C  N N 97  
COH NC   N  N N 98  
COH C1C  C  N N 99  
COH C2C  C  N N 100 
COH C3C  C  N N 101 
COH C4C  C  N N 102 
COH CMC  C  N N 103 
COH CAC  C  N N 104 
COH CBC  C  N N 105 
COH ND   N  Y N 106 
COH C1D  C  Y N 107 
COH C2D  C  Y N 108 
COH C3D  C  Y N 109 
COH C4D  C  Y N 110 
COH CMD  C  N N 111 
COH CAD  C  N N 112 
COH CBD  C  N N 113 
COH CGD  C  N N 114 
COH O1D  O  N N 115 
COH O2D  O  N N 116 
COH HHA  H  N N 117 
COH HHB  H  N N 118 
COH HHC  H  N N 119 
COH HHD  H  N N 120 
COH HMA1 H  N N 121 
COH HMA2 H  N N 122 
COH HMA3 H  N N 123 
COH HAA1 H  N N 124 
COH HAA2 H  N N 125 
COH HBA1 H  N N 126 
COH HBA2 H  N N 127 
COH H2A  H  N N 128 
COH HMB1 H  N N 129 
COH HMB2 H  N N 130 
COH HMB3 H  N N 131 
COH HAB  H  N N 132 
COH HBB1 H  N N 133 
COH HBB2 H  N N 134 
COH HMC1 H  N N 135 
COH HMC2 H  N N 136 
COH HMC3 H  N N 137 
COH HAC  H  N N 138 
COH HBC1 H  N N 139 
COH HBC2 H  N N 140 
COH HMD1 H  N N 141 
COH HMD2 H  N N 142 
COH HMD3 H  N N 143 
COH HAD1 H  N N 144 
COH HAD2 H  N N 145 
COH HBD1 H  N N 146 
COH HBD2 H  N N 147 
COH H2D  H  N N 148 
GLN N    N  N N 149 
GLN CA   C  N S 150 
GLN C    C  N N 151 
GLN O    O  N N 152 
GLN CB   C  N N 153 
GLN CG   C  N N 154 
GLN CD   C  N N 155 
GLN OE1  O  N N 156 
GLN NE2  N  N N 157 
GLN OXT  O  N N 158 
GLN H    H  N N 159 
GLN H2   H  N N 160 
GLN HA   H  N N 161 
GLN HB2  H  N N 162 
GLN HB3  H  N N 163 
GLN HG2  H  N N 164 
GLN HG3  H  N N 165 
GLN HE21 H  N N 166 
GLN HE22 H  N N 167 
GLN HXT  H  N N 168 
GLU N    N  N N 169 
GLU CA   C  N S 170 
GLU C    C  N N 171 
GLU O    O  N N 172 
GLU CB   C  N N 173 
GLU CG   C  N N 174 
GLU CD   C  N N 175 
GLU OE1  O  N N 176 
GLU OE2  O  N N 177 
GLU OXT  O  N N 178 
GLU H    H  N N 179 
GLU H2   H  N N 180 
GLU HA   H  N N 181 
GLU HB2  H  N N 182 
GLU HB3  H  N N 183 
GLU HG2  H  N N 184 
GLU HG3  H  N N 185 
GLU HE2  H  N N 186 
GLU HXT  H  N N 187 
GLY N    N  N N 188 
GLY CA   C  N N 189 
GLY C    C  N N 190 
GLY O    O  N N 191 
GLY OXT  O  N N 192 
GLY H    H  N N 193 
GLY H2   H  N N 194 
GLY HA2  H  N N 195 
GLY HA3  H  N N 196 
GLY HXT  H  N N 197 
HIS N    N  N N 198 
HIS CA   C  N S 199 
HIS C    C  N N 200 
HIS O    O  N N 201 
HIS CB   C  N N 202 
HIS CG   C  Y N 203 
HIS ND1  N  Y N 204 
HIS CD2  C  Y N 205 
HIS CE1  C  Y N 206 
HIS NE2  N  Y N 207 
HIS OXT  O  N N 208 
HIS H    H  N N 209 
HIS H2   H  N N 210 
HIS HA   H  N N 211 
HIS HB2  H  N N 212 
HIS HB3  H  N N 213 
HIS HD1  H  N N 214 
HIS HD2  H  N N 215 
HIS HE1  H  N N 216 
HIS HE2  H  N N 217 
HIS HXT  H  N N 218 
HOH O    O  N N 219 
HOH H1   H  N N 220 
HOH H2   H  N N 221 
ILE N    N  N N 222 
ILE CA   C  N S 223 
ILE C    C  N N 224 
ILE O    O  N N 225 
ILE CB   C  N S 226 
ILE CG1  C  N N 227 
ILE CG2  C  N N 228 
ILE CD1  C  N N 229 
ILE OXT  O  N N 230 
ILE H    H  N N 231 
ILE H2   H  N N 232 
ILE HA   H  N N 233 
ILE HB   H  N N 234 
ILE HG12 H  N N 235 
ILE HG13 H  N N 236 
ILE HG21 H  N N 237 
ILE HG22 H  N N 238 
ILE HG23 H  N N 239 
ILE HD11 H  N N 240 
ILE HD12 H  N N 241 
ILE HD13 H  N N 242 
ILE HXT  H  N N 243 
LEU N    N  N N 244 
LEU CA   C  N S 245 
LEU C    C  N N 246 
LEU O    O  N N 247 
LEU CB   C  N N 248 
LEU CG   C  N N 249 
LEU CD1  C  N N 250 
LEU CD2  C  N N 251 
LEU OXT  O  N N 252 
LEU H    H  N N 253 
LEU H2   H  N N 254 
LEU HA   H  N N 255 
LEU HB2  H  N N 256 
LEU HB3  H  N N 257 
LEU HG   H  N N 258 
LEU HD11 H  N N 259 
LEU HD12 H  N N 260 
LEU HD13 H  N N 261 
LEU HD21 H  N N 262 
LEU HD22 H  N N 263 
LEU HD23 H  N N 264 
LEU HXT  H  N N 265 
LYS N    N  N N 266 
LYS CA   C  N S 267 
LYS C    C  N N 268 
LYS O    O  N N 269 
LYS CB   C  N N 270 
LYS CG   C  N N 271 
LYS CD   C  N N 272 
LYS CE   C  N N 273 
LYS NZ   N  N N 274 
LYS OXT  O  N N 275 
LYS H    H  N N 276 
LYS H2   H  N N 277 
LYS HA   H  N N 278 
LYS HB2  H  N N 279 
LYS HB3  H  N N 280 
LYS HG2  H  N N 281 
LYS HG3  H  N N 282 
LYS HD2  H  N N 283 
LYS HD3  H  N N 284 
LYS HE2  H  N N 285 
LYS HE3  H  N N 286 
LYS HZ1  H  N N 287 
LYS HZ2  H  N N 288 
LYS HZ3  H  N N 289 
LYS HXT  H  N N 290 
MET N    N  N N 291 
MET CA   C  N S 292 
MET C    C  N N 293 
MET O    O  N N 294 
MET CB   C  N N 295 
MET CG   C  N N 296 
MET SD   S  N N 297 
MET CE   C  N N 298 
MET OXT  O  N N 299 
MET H    H  N N 300 
MET H2   H  N N 301 
MET HA   H  N N 302 
MET HB2  H  N N 303 
MET HB3  H  N N 304 
MET HG2  H  N N 305 
MET HG3  H  N N 306 
MET HE1  H  N N 307 
MET HE2  H  N N 308 
MET HE3  H  N N 309 
MET HXT  H  N N 310 
OXY O1   O  N N 311 
OXY O2   O  N N 312 
PHE N    N  N N 313 
PHE CA   C  N S 314 
PHE C    C  N N 315 
PHE O    O  N N 316 
PHE CB   C  N N 317 
PHE CG   C  Y N 318 
PHE CD1  C  Y N 319 
PHE CD2  C  Y N 320 
PHE CE1  C  Y N 321 
PHE CE2  C  Y N 322 
PHE CZ   C  Y N 323 
PHE OXT  O  N N 324 
PHE H    H  N N 325 
PHE H2   H  N N 326 
PHE HA   H  N N 327 
PHE HB2  H  N N 328 
PHE HB3  H  N N 329 
PHE HD1  H  N N 330 
PHE HD2  H  N N 331 
PHE HE1  H  N N 332 
PHE HE2  H  N N 333 
PHE HZ   H  N N 334 
PHE HXT  H  N N 335 
PRO N    N  N N 336 
PRO CA   C  N S 337 
PRO C    C  N N 338 
PRO O    O  N N 339 
PRO CB   C  N N 340 
PRO CG   C  N N 341 
PRO CD   C  N N 342 
PRO OXT  O  N N 343 
PRO H    H  N N 344 
PRO HA   H  N N 345 
PRO HB2  H  N N 346 
PRO HB3  H  N N 347 
PRO HG2  H  N N 348 
PRO HG3  H  N N 349 
PRO HD2  H  N N 350 
PRO HD3  H  N N 351 
PRO HXT  H  N N 352 
SER N    N  N N 353 
SER CA   C  N S 354 
SER C    C  N N 355 
SER O    O  N N 356 
SER CB   C  N N 357 
SER OG   O  N N 358 
SER OXT  O  N N 359 
SER H    H  N N 360 
SER H2   H  N N 361 
SER HA   H  N N 362 
SER HB2  H  N N 363 
SER HB3  H  N N 364 
SER HG   H  N N 365 
SER HXT  H  N N 366 
SO4 S    S  N N 367 
SO4 O1   O  N N 368 
SO4 O2   O  N N 369 
SO4 O3   O  N N 370 
SO4 O4   O  N N 371 
THR N    N  N N 372 
THR CA   C  N S 373 
THR C    C  N N 374 
THR O    O  N N 375 
THR CB   C  N R 376 
THR OG1  O  N N 377 
THR CG2  C  N N 378 
THR OXT  O  N N 379 
THR H    H  N N 380 
THR H2   H  N N 381 
THR HA   H  N N 382 
THR HB   H  N N 383 
THR HG1  H  N N 384 
THR HG21 H  N N 385 
THR HG22 H  N N 386 
THR HG23 H  N N 387 
THR HXT  H  N N 388 
TRP N    N  N N 389 
TRP CA   C  N S 390 
TRP C    C  N N 391 
TRP O    O  N N 392 
TRP CB   C  N N 393 
TRP CG   C  Y N 394 
TRP CD1  C  Y N 395 
TRP CD2  C  Y N 396 
TRP NE1  N  Y N 397 
TRP CE2  C  Y N 398 
TRP CE3  C  Y N 399 
TRP CZ2  C  Y N 400 
TRP CZ3  C  Y N 401 
TRP CH2  C  Y N 402 
TRP OXT  O  N N 403 
TRP H    H  N N 404 
TRP H2   H  N N 405 
TRP HA   H  N N 406 
TRP HB2  H  N N 407 
TRP HB3  H  N N 408 
TRP HD1  H  N N 409 
TRP HE1  H  N N 410 
TRP HE3  H  N N 411 
TRP HZ2  H  N N 412 
TRP HZ3  H  N N 413 
TRP HH2  H  N N 414 
TRP HXT  H  N N 415 
TYR N    N  N N 416 
TYR CA   C  N S 417 
TYR C    C  N N 418 
TYR O    O  N N 419 
TYR CB   C  N N 420 
TYR CG   C  Y N 421 
TYR CD1  C  Y N 422 
TYR CD2  C  Y N 423 
TYR CE1  C  Y N 424 
TYR CE2  C  Y N 425 
TYR CZ   C  Y N 426 
TYR OH   O  N N 427 
TYR OXT  O  N N 428 
TYR H    H  N N 429 
TYR H2   H  N N 430 
TYR HA   H  N N 431 
TYR HB2  H  N N 432 
TYR HB3  H  N N 433 
TYR HD1  H  N N 434 
TYR HD2  H  N N 435 
TYR HE1  H  N N 436 
TYR HE2  H  N N 437 
TYR HH   H  N N 438 
TYR HXT  H  N N 439 
VAL N    N  N N 440 
VAL CA   C  N S 441 
VAL C    C  N N 442 
VAL O    O  N N 443 
VAL CB   C  N N 444 
VAL CG1  C  N N 445 
VAL CG2  C  N N 446 
VAL OXT  O  N N 447 
VAL H    H  N N 448 
VAL H2   H  N N 449 
VAL HA   H  N N 450 
VAL HB   H  N N 451 
VAL HG11 H  N N 452 
VAL HG12 H  N N 453 
VAL HG13 H  N N 454 
VAL HG21 H  N N 455 
VAL HG22 H  N N 456 
VAL HG23 H  N N 457 
VAL HXT  H  N N 458 
# 
loop_
_chem_comp_bond.comp_id 
_chem_comp_bond.atom_id_1 
_chem_comp_bond.atom_id_2 
_chem_comp_bond.value_order 
_chem_comp_bond.pdbx_aromatic_flag 
_chem_comp_bond.pdbx_stereo_config 
_chem_comp_bond.pdbx_ordinal 
ALA N   CA   sing N N 1   
ALA N   H    sing N N 2   
ALA N   H2   sing N N 3   
ALA CA  C    sing N N 4   
ALA CA  CB   sing N N 5   
ALA CA  HA   sing N N 6   
ALA C   O    doub N N 7   
ALA C   OXT  sing N N 8   
ALA CB  HB1  sing N N 9   
ALA CB  HB2  sing N N 10  
ALA CB  HB3  sing N N 11  
ALA OXT HXT  sing N N 12  
ARG N   CA   sing N N 13  
ARG N   H    sing N N 14  
ARG N   H2   sing N N 15  
ARG CA  C    sing N N 16  
ARG CA  CB   sing N N 17  
ARG CA  HA   sing N N 18  
ARG C   O    doub N N 19  
ARG C   OXT  sing N N 20  
ARG CB  CG   sing N N 21  
ARG CB  HB2  sing N N 22  
ARG CB  HB3  sing N N 23  
ARG CG  CD   sing N N 24  
ARG CG  HG2  sing N N 25  
ARG CG  HG3  sing N N 26  
ARG CD  NE   sing N N 27  
ARG CD  HD2  sing N N 28  
ARG CD  HD3  sing N N 29  
ARG NE  CZ   sing N N 30  
ARG NE  HE   sing N N 31  
ARG CZ  NH1  sing N N 32  
ARG CZ  NH2  doub N N 33  
ARG NH1 HH11 sing N N 34  
ARG NH1 HH12 sing N N 35  
ARG NH2 HH21 sing N N 36  
ARG NH2 HH22 sing N N 37  
ARG OXT HXT  sing N N 38  
ASN N   CA   sing N N 39  
ASN N   H    sing N N 40  
ASN N   H2   sing N N 41  
ASN CA  C    sing N N 42  
ASN CA  CB   sing N N 43  
ASN CA  HA   sing N N 44  
ASN C   O    doub N N 45  
ASN C   OXT  sing N N 46  
ASN CB  CG   sing N N 47  
ASN CB  HB2  sing N N 48  
ASN CB  HB3  sing N N 49  
ASN CG  OD1  doub N N 50  
ASN CG  ND2  sing N N 51  
ASN ND2 HD21 sing N N 52  
ASN ND2 HD22 sing N N 53  
ASN OXT HXT  sing N N 54  
ASP N   CA   sing N N 55  
ASP N   H    sing N N 56  
ASP N   H2   sing N N 57  
ASP CA  C    sing N N 58  
ASP CA  CB   sing N N 59  
ASP CA  HA   sing N N 60  
ASP C   O    doub N N 61  
ASP C   OXT  sing N N 62  
ASP CB  CG   sing N N 63  
ASP CB  HB2  sing N N 64  
ASP CB  HB3  sing N N 65  
ASP CG  OD1  doub N N 66  
ASP CG  OD2  sing N N 67  
ASP OD2 HD2  sing N N 68  
ASP OXT HXT  sing N N 69  
COH CO  NA   sing N N 70  
COH CO  NB   sing N N 71  
COH CO  NC   sing N N 72  
COH CO  ND   sing N N 73  
COH CHA C1A  doub N N 74  
COH CHA C4D  sing N N 75  
COH CHA HHA  sing N N 76  
COH CHB C4A  sing N N 77  
COH CHB C1B  doub N N 78  
COH CHB HHB  sing N N 79  
COH CHC C4B  doub N N 80  
COH CHC C1C  sing N N 81  
COH CHC HHC  sing N N 82  
COH CHD C4C  doub N N 83  
COH CHD C1D  sing N N 84  
COH CHD HHD  sing N N 85  
COH NA  C1A  sing N N 86  
COH NA  C4A  doub N N 87  
COH C1A C2A  sing N N 88  
COH C2A C3A  doub N N 89  
COH C2A CAA  sing N N 90  
COH C3A C4A  sing N N 91  
COH C3A CMA  sing N N 92  
COH CMA HMA1 sing N N 93  
COH CMA HMA2 sing N N 94  
COH CMA HMA3 sing N N 95  
COH CAA CBA  sing N N 96  
COH CAA HAA1 sing N N 97  
COH CAA HAA2 sing N N 98  
COH CBA CGA  sing N N 99  
COH CBA HBA1 sing N N 100 
COH CBA HBA2 sing N N 101 
COH CGA O1A  doub N N 102 
COH CGA O2A  sing N N 103 
COH O2A H2A  sing N N 104 
COH NB  C1B  sing N N 105 
COH NB  C4B  sing N N 106 
COH C1B C2B  sing N N 107 
COH C2B C3B  doub N N 108 
COH C2B CMB  sing N N 109 
COH C3B C4B  sing N N 110 
COH C3B CAB  sing N N 111 
COH CMB HMB1 sing N N 112 
COH CMB HMB2 sing N N 113 
COH CMB HMB3 sing N N 114 
COH CAB CBB  doub N N 115 
COH CAB HAB  sing N N 116 
COH CBB HBB1 sing N N 117 
COH CBB HBB2 sing N N 118 
COH NC  C1C  doub N N 119 
COH NC  C4C  sing N N 120 
COH C1C C2C  sing N N 121 
COH C2C C3C  doub N N 122 
COH C2C CMC  sing N N 123 
COH C3C C4C  sing N N 124 
COH C3C CAC  sing N N 125 
COH CMC HMC1 sing N N 126 
COH CMC HMC2 sing N N 127 
COH CMC HMC3 sing N N 128 
COH CAC CBC  doub N N 129 
COH CAC HAC  sing N N 130 
COH CBC HBC1 sing N N 131 
COH CBC HBC2 sing N N 132 
COH ND  C1D  sing Y N 133 
COH ND  C4D  sing Y N 134 
COH C1D C2D  doub Y N 135 
COH C2D C3D  sing Y N 136 
COH C2D CMD  sing N N 137 
COH C3D C4D  doub Y N 138 
COH C3D CAD  sing N N 139 
COH CMD HMD1 sing N N 140 
COH CMD HMD2 sing N N 141 
COH CMD HMD3 sing N N 142 
COH CAD CBD  sing N N 143 
COH CAD HAD1 sing N N 144 
COH CAD HAD2 sing N N 145 
COH CBD CGD  sing N N 146 
COH CBD HBD1 sing N N 147 
COH CBD HBD2 sing N N 148 
COH CGD O1D  doub N N 149 
COH CGD O2D  sing N N 150 
COH O2D H2D  sing N N 151 
GLN N   CA   sing N N 152 
GLN N   H    sing N N 153 
GLN N   H2   sing N N 154 
GLN CA  C    sing N N 155 
GLN CA  CB   sing N N 156 
GLN CA  HA   sing N N 157 
GLN C   O    doub N N 158 
GLN C   OXT  sing N N 159 
GLN CB  CG   sing N N 160 
GLN CB  HB2  sing N N 161 
GLN CB  HB3  sing N N 162 
GLN CG  CD   sing N N 163 
GLN CG  HG2  sing N N 164 
GLN CG  HG3  sing N N 165 
GLN CD  OE1  doub N N 166 
GLN CD  NE2  sing N N 167 
GLN NE2 HE21 sing N N 168 
GLN NE2 HE22 sing N N 169 
GLN OXT HXT  sing N N 170 
GLU N   CA   sing N N 171 
GLU N   H    sing N N 172 
GLU N   H2   sing N N 173 
GLU CA  C    sing N N 174 
GLU CA  CB   sing N N 175 
GLU CA  HA   sing N N 176 
GLU C   O    doub N N 177 
GLU C   OXT  sing N N 178 
GLU CB  CG   sing N N 179 
GLU CB  HB2  sing N N 180 
GLU CB  HB3  sing N N 181 
GLU CG  CD   sing N N 182 
GLU CG  HG2  sing N N 183 
GLU CG  HG3  sing N N 184 
GLU CD  OE1  doub N N 185 
GLU CD  OE2  sing N N 186 
GLU OE2 HE2  sing N N 187 
GLU OXT HXT  sing N N 188 
GLY N   CA   sing N N 189 
GLY N   H    sing N N 190 
GLY N   H2   sing N N 191 
GLY CA  C    sing N N 192 
GLY CA  HA2  sing N N 193 
GLY CA  HA3  sing N N 194 
GLY C   O    doub N N 195 
GLY C   OXT  sing N N 196 
GLY OXT HXT  sing N N 197 
HIS N   CA   sing N N 198 
HIS N   H    sing N N 199 
HIS N   H2   sing N N 200 
HIS CA  C    sing N N 201 
HIS CA  CB   sing N N 202 
HIS CA  HA   sing N N 203 
HIS C   O    doub N N 204 
HIS C   OXT  sing N N 205 
HIS CB  CG   sing N N 206 
HIS CB  HB2  sing N N 207 
HIS CB  HB3  sing N N 208 
HIS CG  ND1  sing Y N 209 
HIS CG  CD2  doub Y N 210 
HIS ND1 CE1  doub Y N 211 
HIS ND1 HD1  sing N N 212 
HIS CD2 NE2  sing Y N 213 
HIS CD2 HD2  sing N N 214 
HIS CE1 NE2  sing Y N 215 
HIS CE1 HE1  sing N N 216 
HIS NE2 HE2  sing N N 217 
HIS OXT HXT  sing N N 218 
HOH O   H1   sing N N 219 
HOH O   H2   sing N N 220 
ILE N   CA   sing N N 221 
ILE N   H    sing N N 222 
ILE N   H2   sing N N 223 
ILE CA  C    sing N N 224 
ILE CA  CB   sing N N 225 
ILE CA  HA   sing N N 226 
ILE C   O    doub N N 227 
ILE C   OXT  sing N N 228 
ILE CB  CG1  sing N N 229 
ILE CB  CG2  sing N N 230 
ILE CB  HB   sing N N 231 
ILE CG1 CD1  sing N N 232 
ILE CG1 HG12 sing N N 233 
ILE CG1 HG13 sing N N 234 
ILE CG2 HG21 sing N N 235 
ILE CG2 HG22 sing N N 236 
ILE CG2 HG23 sing N N 237 
ILE CD1 HD11 sing N N 238 
ILE CD1 HD12 sing N N 239 
ILE CD1 HD13 sing N N 240 
ILE OXT HXT  sing N N 241 
LEU N   CA   sing N N 242 
LEU N   H    sing N N 243 
LEU N   H2   sing N N 244 
LEU CA  C    sing N N 245 
LEU CA  CB   sing N N 246 
LEU CA  HA   sing N N 247 
LEU C   O    doub N N 248 
LEU C   OXT  sing N N 249 
LEU CB  CG   sing N N 250 
LEU CB  HB2  sing N N 251 
LEU CB  HB3  sing N N 252 
LEU CG  CD1  sing N N 253 
LEU CG  CD2  sing N N 254 
LEU CG  HG   sing N N 255 
LEU CD1 HD11 sing N N 256 
LEU CD1 HD12 sing N N 257 
LEU CD1 HD13 sing N N 258 
LEU CD2 HD21 sing N N 259 
LEU CD2 HD22 sing N N 260 
LEU CD2 HD23 sing N N 261 
LEU OXT HXT  sing N N 262 
LYS N   CA   sing N N 263 
LYS N   H    sing N N 264 
LYS N   H2   sing N N 265 
LYS CA  C    sing N N 266 
LYS CA  CB   sing N N 267 
LYS CA  HA   sing N N 268 
LYS C   O    doub N N 269 
LYS C   OXT  sing N N 270 
LYS CB  CG   sing N N 271 
LYS CB  HB2  sing N N 272 
LYS CB  HB3  sing N N 273 
LYS CG  CD   sing N N 274 
LYS CG  HG2  sing N N 275 
LYS CG  HG3  sing N N 276 
LYS CD  CE   sing N N 277 
LYS CD  HD2  sing N N 278 
LYS CD  HD3  sing N N 279 
LYS CE  NZ   sing N N 280 
LYS CE  HE2  sing N N 281 
LYS CE  HE3  sing N N 282 
LYS NZ  HZ1  sing N N 283 
LYS NZ  HZ2  sing N N 284 
LYS NZ  HZ3  sing N N 285 
LYS OXT HXT  sing N N 286 
MET N   CA   sing N N 287 
MET N   H    sing N N 288 
MET N   H2   sing N N 289 
MET CA  C    sing N N 290 
MET CA  CB   sing N N 291 
MET CA  HA   sing N N 292 
MET C   O    doub N N 293 
MET C   OXT  sing N N 294 
MET CB  CG   sing N N 295 
MET CB  HB2  sing N N 296 
MET CB  HB3  sing N N 297 
MET CG  SD   sing N N 298 
MET CG  HG2  sing N N 299 
MET CG  HG3  sing N N 300 
MET SD  CE   sing N N 301 
MET CE  HE1  sing N N 302 
MET CE  HE2  sing N N 303 
MET CE  HE3  sing N N 304 
MET OXT HXT  sing N N 305 
OXY O1  O2   doub N N 306 
PHE N   CA   sing N N 307 
PHE N   H    sing N N 308 
PHE N   H2   sing N N 309 
PHE CA  C    sing N N 310 
PHE CA  CB   sing N N 311 
PHE CA  HA   sing N N 312 
PHE C   O    doub N N 313 
PHE C   OXT  sing N N 314 
PHE CB  CG   sing N N 315 
PHE CB  HB2  sing N N 316 
PHE CB  HB3  sing N N 317 
PHE CG  CD1  doub Y N 318 
PHE CG  CD2  sing Y N 319 
PHE CD1 CE1  sing Y N 320 
PHE CD1 HD1  sing N N 321 
PHE CD2 CE2  doub Y N 322 
PHE CD2 HD2  sing N N 323 
PHE CE1 CZ   doub Y N 324 
PHE CE1 HE1  sing N N 325 
PHE CE2 CZ   sing Y N 326 
PHE CE2 HE2  sing N N 327 
PHE CZ  HZ   sing N N 328 
PHE OXT HXT  sing N N 329 
PRO N   CA   sing N N 330 
PRO N   CD   sing N N 331 
PRO N   H    sing N N 332 
PRO CA  C    sing N N 333 
PRO CA  CB   sing N N 334 
PRO CA  HA   sing N N 335 
PRO C   O    doub N N 336 
PRO C   OXT  sing N N 337 
PRO CB  CG   sing N N 338 
PRO CB  HB2  sing N N 339 
PRO CB  HB3  sing N N 340 
PRO CG  CD   sing N N 341 
PRO CG  HG2  sing N N 342 
PRO CG  HG3  sing N N 343 
PRO CD  HD2  sing N N 344 
PRO CD  HD3  sing N N 345 
PRO OXT HXT  sing N N 346 
SER N   CA   sing N N 347 
SER N   H    sing N N 348 
SER N   H2   sing N N 349 
SER CA  C    sing N N 350 
SER CA  CB   sing N N 351 
SER CA  HA   sing N N 352 
SER C   O    doub N N 353 
SER C   OXT  sing N N 354 
SER CB  OG   sing N N 355 
SER CB  HB2  sing N N 356 
SER CB  HB3  sing N N 357 
SER OG  HG   sing N N 358 
SER OXT HXT  sing N N 359 
SO4 S   O1   doub N N 360 
SO4 S   O2   doub N N 361 
SO4 S   O3   sing N N 362 
SO4 S   O4   sing N N 363 
THR N   CA   sing N N 364 
THR N   H    sing N N 365 
THR N   H2   sing N N 366 
THR CA  C    sing N N 367 
THR CA  CB   sing N N 368 
THR CA  HA   sing N N 369 
THR C   O    doub N N 370 
THR C   OXT  sing N N 371 
THR CB  OG1  sing N N 372 
THR CB  CG2  sing N N 373 
THR CB  HB   sing N N 374 
THR OG1 HG1  sing N N 375 
THR CG2 HG21 sing N N 376 
THR CG2 HG22 sing N N 377 
THR CG2 HG23 sing N N 378 
THR OXT HXT  sing N N 379 
TRP N   CA   sing N N 380 
TRP N   H    sing N N 381 
TRP N   H2   sing N N 382 
TRP CA  C    sing N N 383 
TRP CA  CB   sing N N 384 
TRP CA  HA   sing N N 385 
TRP C   O    doub N N 386 
TRP C   OXT  sing N N 387 
TRP CB  CG   sing N N 388 
TRP CB  HB2  sing N N 389 
TRP CB  HB3  sing N N 390 
TRP CG  CD1  doub Y N 391 
TRP CG  CD2  sing Y N 392 
TRP CD1 NE1  sing Y N 393 
TRP CD1 HD1  sing N N 394 
TRP CD2 CE2  doub Y N 395 
TRP CD2 CE3  sing Y N 396 
TRP NE1 CE2  sing Y N 397 
TRP NE1 HE1  sing N N 398 
TRP CE2 CZ2  sing Y N 399 
TRP CE3 CZ3  doub Y N 400 
TRP CE3 HE3  sing N N 401 
TRP CZ2 CH2  doub Y N 402 
TRP CZ2 HZ2  sing N N 403 
TRP CZ3 CH2  sing Y N 404 
TRP CZ3 HZ3  sing N N 405 
TRP CH2 HH2  sing N N 406 
TRP OXT HXT  sing N N 407 
TYR N   CA   sing N N 408 
TYR N   H    sing N N 409 
TYR N   H2   sing N N 410 
TYR CA  C    sing N N 411 
TYR CA  CB   sing N N 412 
TYR CA  HA   sing N N 413 
TYR C   O    doub N N 414 
TYR C   OXT  sing N N 415 
TYR CB  CG   sing N N 416 
TYR CB  HB2  sing N N 417 
TYR CB  HB3  sing N N 418 
TYR CG  CD1  doub Y N 419 
TYR CG  CD2  sing Y N 420 
TYR CD1 CE1  sing Y N 421 
TYR CD1 HD1  sing N N 422 
TYR CD2 CE2  doub Y N 423 
TYR CD2 HD2  sing N N 424 
TYR CE1 CZ   doub Y N 425 
TYR CE1 HE1  sing N N 426 
TYR CE2 CZ   sing Y N 427 
TYR CE2 HE2  sing N N 428 
TYR CZ  OH   sing N N 429 
TYR OH  HH   sing N N 430 
TYR OXT HXT  sing N N 431 
VAL N   CA   sing N N 432 
VAL N   H    sing N N 433 
VAL N   H2   sing N N 434 
VAL CA  C    sing N N 435 
VAL CA  CB   sing N N 436 
VAL CA  HA   sing N N 437 
VAL C   O    doub N N 438 
VAL C   OXT  sing N N 439 
VAL CB  CG1  sing N N 440 
VAL CB  CG2  sing N N 441 
VAL CB  HB   sing N N 442 
VAL CG1 HG11 sing N N 443 
VAL CG1 HG12 sing N N 444 
VAL CG1 HG13 sing N N 445 
VAL CG2 HG21 sing N N 446 
VAL CG2 HG22 sing N N 447 
VAL CG2 HG23 sing N N 448 
VAL OXT HXT  sing N N 449 
# 
_atom_sites.entry_id                    1YOI 
_atom_sites.fract_transf_matrix[1][1]   -0.01564352 
_atom_sites.fract_transf_matrix[1][2]   -0.00300372 
_atom_sites.fract_transf_matrix[1][3]   -0.00207609 
_atom_sites.fract_transf_matrix[2][1]   -0.00610045 
_atom_sites.fract_transf_matrix[2][2]   0.01123913 
_atom_sites.fract_transf_matrix[2][3]   0.02970642 
_atom_sites.fract_transf_matrix[3][1]   -0.01149995 
_atom_sites.fract_transf_matrix[3][2]   0.02481052 
_atom_sites.fract_transf_matrix[3][3]   -0.01174842 
_atom_sites.fract_transf_vector[1]      0.248680 
_atom_sites.fract_transf_vector[2]      0.665309 
_atom_sites.fract_transf_vector[3]      0.247062 
# 
loop_
_atom_type.symbol 
C  
CO 
N  
O  
S  
# 
loop_
_atom_site.group_PDB 
_atom_site.id 
_atom_site.type_symbol 
_atom_site.label_atom_id 
_atom_site.label_alt_id 
_atom_site.label_comp_id 
_atom_site.label_asym_id 
_atom_site.label_entity_id 
_atom_site.label_seq_id 
_atom_site.pdbx_PDB_ins_code 
_atom_site.Cartn_x 
_atom_site.Cartn_y 
_atom_site.Cartn_z 
_atom_site.occupancy 
_atom_site.B_iso_or_equiv 
_atom_site.pdbx_formal_charge 
_atom_site.auth_seq_id 
_atom_site.auth_comp_id 
_atom_site.auth_asym_id 
_atom_site.auth_atom_id 
_atom_site.pdbx_PDB_model_num 
ATOM   1    N  N   . VAL A 1 1   ? 14.628  10.202  -6.908  1.00 30.40 ? 1   VAL A N   1 
ATOM   2    C  CA  . VAL A 1 1   ? 13.578  11.237  -6.987  1.00 29.50 ? 1   VAL A CA  1 
ATOM   3    C  C   . VAL A 1 1   ? 12.848  11.017  -8.285  1.00 27.60 ? 1   VAL A C   1 
ATOM   4    O  O   . VAL A 1 1   ? 13.462  10.653  -9.277  1.00 29.40 ? 1   VAL A O   1 
ATOM   5    C  CB  . VAL A 1 1   ? 14.201  12.624  -7.049  1.00 31.40 ? 1   VAL A CB  1 
ATOM   6    C  CG1 . VAL A 1 1   ? 14.760  13.012  -5.683  1.00 33.00 ? 1   VAL A CG1 1 
ATOM   7    C  CG2 . VAL A 1 1   ? 15.338  12.622  -8.060  1.00 32.00 ? 1   VAL A CG2 1 
ATOM   8    N  N   . LEU A 1 2   ? 11.534  11.200  -8.273  1.00 23.70 ? 2   LEU A N   1 
ATOM   9    C  CA  . LEU A 1 2   ? 10.742  11.064  -9.489  1.00 21.70 ? 2   LEU A CA  1 
ATOM   10   C  C   . LEU A 1 2   ? 10.675  12.420  -10.173 1.00 20.20 ? 2   LEU A C   1 
ATOM   11   O  O   . LEU A 1 2   ? 10.646  13.444  -9.499  1.00 20.30 ? 2   LEU A O   1 
ATOM   12   C  CB  . LEU A 1 2   ? 9.289   10.652  -9.162  1.00 18.80 ? 2   LEU A CB  1 
ATOM   13   C  CG  . LEU A 1 2   ? 8.983   9.166   -8.851  1.00 18.80 ? 2   LEU A CG  1 
ATOM   14   C  CD1 . LEU A 1 2   ? 9.476   8.898   -7.446  1.00 18.80 ? 2   LEU A CD1 1 
ATOM   15   C  CD2 . LEU A 1 2   ? 7.410   8.863   -8.912  1.00 18.90 ? 2   LEU A CD2 1 
ATOM   16   N  N   . SER A 1 3   ? 10.641  12.427  -11.496 1.00 19.40 ? 3   SER A N   1 
ATOM   17   C  CA  . SER A 1 3   ? 10.456  13.689  -12.206 1.00 19.10 ? 3   SER A CA  1 
ATOM   18   C  C   . SER A 1 3   ? 8.974   14.110  -12.124 1.00 19.90 ? 3   SER A C   1 
ATOM   19   O  O   . SER A 1 3   ? 8.074   13.316  -11.778 1.00 18.60 ? 3   SER A O   1 
ATOM   20   C  CB  . SER A 1 3   ? 10.784  13.529  -13.678 1.00 19.10 ? 3   SER A CB  1 
ATOM   21   O  OG  . SER A 1 3   ? 9.952   12.560  -14.317 1.00 19.10 ? 3   SER A OG  1 
ATOM   22   N  N   . GLU A 1 4   ? 8.718   15.339  -12.526 1.00 19.60 ? 4   GLU A N   1 
ATOM   23   C  CA  . GLU A 1 4   ? 7.377   15.870  -12.556 1.00 20.90 ? 4   GLU A CA  1 
ATOM   24   C  C   . GLU A 1 4   ? 6.494   15.027  -13.515 1.00 20.20 ? 4   GLU A C   1 
ATOM   25   O  O   . GLU A 1 4   ? 5.335   14.735  -13.197 1.00 19.90 ? 4   GLU A O   1 
ATOM   26   C  CB  . GLU A 1 4   ? 7.442   17.319  -12.962 1.00 21.60 ? 4   GLU A CB  1 
ATOM   27   C  CG  . GLU A 1 4   ? 6.216   18.051  -12.656 1.00 26.10 ? 4   GLU A CG  1 
ATOM   28   C  CD  . GLU A 1 4   ? 5.929   18.216  -11.152 1.00 27.00 ? 4   GLU A CD  1 
ATOM   29   O  OE1 . GLU A 1 4   ? 6.732   18.774  -10.344 1.00 29.20 ? 4   GLU A OE1 1 
ATOM   30   O  OE2 . GLU A 1 4   ? 4.834   17.816  -10.801 1.00 30.10 ? 4   GLU A OE2 1 
ATOM   31   N  N   . GLY A 1 5   ? 7.051   14.547  -14.633 1.00 19.50 ? 5   GLY A N   1 
ATOM   32   C  CA  . GLY A 1 5   ? 6.276   13.712  -15.540 1.00 19.00 ? 5   GLY A CA  1 
ATOM   33   C  C   . GLY A 1 5   ? 5.943   12.340  -14.930 1.00 19.00 ? 5   GLY A C   1 
ATOM   34   O  O   . GLY A 1 5   ? 4.881   11.779  -15.171 1.00 19.50 ? 5   GLY A O   1 
ATOM   35   N  N   . GLU A 1 6   ? 6.815   11.817  -14.076 1.00 17.80 ? 6   GLU A N   1 
ATOM   36   C  CA  . GLU A 1 6   ? 6.541   10.513  -13.456 1.00 16.70 ? 6   GLU A CA  1 
ATOM   37   C  C   . GLU A 1 6   ? 5.492   10.673  -12.375 1.00 15.00 ? 6   GLU A C   1 
ATOM   38   O  O   . GLU A 1 6   ? 4.645   9.790   -12.223 1.00 13.20 ? 6   GLU A O   1 
ATOM   39   C  CB  . GLU A 1 6   ? 7.831   9.940   -12.882 1.00 17.30 ? 6   GLU A CB  1 
ATOM   40   C  CG  . GLU A 1 6   ? 8.723   9.391   -13.999 1.00 19.70 ? 6   GLU A CG  1 
ATOM   41   C  CD  . GLU A 1 6   ? 10.128  9.095   -13.540 1.00 21.80 ? 6   GLU A CD  1 
ATOM   42   O  OE1 . GLU A 1 6   ? 10.638  9.766   -12.624 1.00 23.30 ? 6   GLU A OE1 1 
ATOM   43   O  OE2 . GLU A 1 6   ? 10.735  8.169   -14.102 1.00 26.60 ? 6   GLU A OE2 1 
ATOM   44   N  N   . TRP A 1 7   ? 5.541   11.798  -11.634 1.00 14.80 ? 7   TRP A N   1 
ATOM   45   C  CA  . TRP A 1 7   ? 4.530   12.077  -10.595 1.00 14.30 ? 7   TRP A CA  1 
ATOM   46   C  C   . TRP A 1 7   ? 3.160   12.220  -11.262 1.00 15.10 ? 7   TRP A C   1 
ATOM   47   O  O   . TRP A 1 7   ? 2.148   11.727  -10.713 1.00 14.20 ? 7   TRP A O   1 
ATOM   48   C  CB  . TRP A 1 7   ? 4.807   13.337  -9.783  1.00 12.90 ? 7   TRP A CB  1 
ATOM   49   C  CG  . TRP A 1 7   ? 5.774   13.153  -8.666  1.00 15.10 ? 7   TRP A CG  1 
ATOM   50   C  CD1 . TRP A 1 7   ? 6.993   13.760  -8.528  1.00 14.40 ? 7   TRP A CD1 1 
ATOM   51   C  CD2 . TRP A 1 7   ? 5.653   12.237  -7.556  1.00 14.50 ? 7   TRP A CD2 1 
ATOM   52   N  NE1 . TRP A 1 7   ? 7.630   13.283  -7.412  1.00 15.30 ? 7   TRP A NE1 1 
ATOM   53   C  CE2 . TRP A 1 7   ? 6.840   12.334  -6.809  1.00 14.00 ? 7   TRP A CE2 1 
ATOM   54   C  CE3 . TRP A 1 7   ? 4.656   11.335  -7.141  1.00 13.30 ? 7   TRP A CE3 1 
ATOM   55   C  CZ2 . TRP A 1 7   ? 7.070   11.561  -5.671  1.00 15.80 ? 7   TRP A CZ2 1 
ATOM   56   C  CZ3 . TRP A 1 7   ? 4.867   10.569  -6.012  1.00 13.80 ? 7   TRP A CZ3 1 
ATOM   57   C  CH2 . TRP A 1 7   ? 6.080   10.683  -5.290  1.00 15.50 ? 7   TRP A CH2 1 
ATOM   58   N  N   . GLN A 1 8   ? 3.122   12.857  -12.442 1.00 14.40 ? 8   GLN A N   1 
ATOM   59   C  CA  . GLN A 1 8   ? 1.867   13.012  -13.156 1.00 15.80 ? 8   GLN A CA  1 
ATOM   60   C  C   . GLN A 1 8   ? 1.273   11.664  -13.528 1.00 15.10 ? 8   GLN A C   1 
ATOM   61   O  O   . GLN A 1 8   ? 0.078   11.487  -13.399 1.00 14.50 ? 8   GLN A O   1 
ATOM   62   C  CB  . GLN A 1 8   ? 2.030   13.876  -14.423 1.00 20.80 ? 8   GLN A CB  1 
ATOM   63   C  CG  . GLN A 1 8   ? 0.700   14.461  -14.931 1.00 26.50 ? 8   GLN A CG  1 
ATOM   64   C  CD  . GLN A 1 8   ? 0.857   15.625  -15.939 1.00 31.40 ? 8   GLN A CD  1 
ATOM   65   O  OE1 . GLN A 1 8   ? 1.977   15.935  -16.439 1.00 33.50 ? 8   GLN A OE1 1 
ATOM   66   N  NE2 . GLN A 1 8   ? -0.275  16.300  -16.219 1.00 33.20 ? 8   GLN A NE2 1 
ATOM   67   N  N   . LEU A 1 9   ? 2.086   10.697  -13.941 1.00 13.60 ? 9   LEU A N   1 
ATOM   68   C  CA  . LEU A 1 9   ? 1.581   9.374   -14.279 1.00 13.50 ? 9   LEU A CA  1 
ATOM   69   C  C   . LEU A 1 9   ? 1.039   8.685   -13.011 1.00 13.30 ? 9   LEU A C   1 
ATOM   70   O  O   . LEU A 1 9   ? 0.021   8.012   -13.023 1.00 14.10 ? 9   LEU A O   1 
ATOM   71   C  CB  . LEU A 1 9   ? 2.660   8.488   -14.887 1.00 14.40 ? 9   LEU A CB  1 
ATOM   72   C  CG  . LEU A 1 9   ? 3.139   8.790   -16.305 1.00 17.30 ? 9   LEU A CG  1 
ATOM   73   C  CD1 . LEU A 1 9   ? 4.400   7.948   -16.633 1.00 18.50 ? 9   LEU A CD1 1 
ATOM   74   C  CD2 . LEU A 1 9   ? 2.083   8.454   -17.310 1.00 17.90 ? 9   LEU A CD2 1 
ATOM   75   N  N   . VAL A 1 10  ? 1.691   8.917   -11.896 1.00 12.10 ? 10  VAL A N   1 
ATOM   76   C  CA  . VAL A 1 10  ? 1.246   8.278   -10.673 1.00 12.60 ? 10  VAL A CA  1 
ATOM   77   C  C   . VAL A 1 10  ? -0.116  8.814   -10.200 1.00 12.30 ? 10  VAL A C   1 
ATOM   78   O  O   . VAL A 1 10  ? -1.002  8.093   -9.803  1.00 11.30 ? 10  VAL A O   1 
ATOM   79   C  CB  . VAL A 1 10  ? 2.354   8.470   -9.547  1.00 13.50 ? 10  VAL A CB  1 
ATOM   80   C  CG1 . VAL A 1 10  ? 1.811   7.969   -8.167  1.00 12.80 ? 10  VAL A CG1 1 
ATOM   81   C  CG2 . VAL A 1 10  ? 3.636   7.652   -9.931  1.00 11.80 ? 10  VAL A CG2 1 
ATOM   82   N  N   . LEU A 1 11  ? -0.232  10.123  -10.163 1.00 11.40 ? 11  LEU A N   1 
ATOM   83   C  CA  . LEU A 1 11  ? -1.434  10.780  -9.677  1.00 12.20 ? 11  LEU A CA  1 
ATOM   84   C  C   . LEU A 1 11  ? -2.610  10.660  -10.658 1.00 13.00 ? 11  LEU A C   1 
ATOM   85   O  O   . LEU A 1 11  ? -3.766  10.614  -10.232 1.00 12.90 ? 11  LEU A O   1 
ATOM   86   C  CB  . LEU A 1 11  ? -1.094  12.233  -9.341  1.00 13.70 ? 11  LEU A CB  1 
ATOM   87   C  CG  . LEU A 1 11  ? -0.053  12.398  -8.204  1.00 12.80 ? 11  LEU A CG  1 
ATOM   88   C  CD1 . LEU A 1 11  ? 0.208   13.872  -8.003  1.00 15.50 ? 11  LEU A CD1 1 
ATOM   89   C  CD2 . LEU A 1 11  ? -0.564  11.765  -6.925  1.00 16.20 ? 11  LEU A CD2 1 
ATOM   90   N  N   . HIS A 1 12  ? -2.312  10.463  -11.944 1.00 13.60 ? 12  HIS A N   1 
ATOM   91   C  CA  . HIS A 1 12  ? -3.376  10.307  -12.931 1.00 16.40 ? 12  HIS A CA  1 
ATOM   92   C  C   . HIS A 1 12  ? -4.038  8.980   -12.634 1.00 17.10 ? 12  HIS A C   1 
ATOM   93   O  O   . HIS A 1 12  ? -5.226  8.972   -12.461 1.00 18.90 ? 12  HIS A O   1 
ATOM   94   C  CB  . HIS A 1 12  ? -2.878  10.396  -14.370 1.00 19.40 ? 12  HIS A CB  1 
ATOM   95   C  CG  . HIS A 1 12  ? -3.950  10.179  -15.401 1.00 25.00 ? 12  HIS A CG  1 
ATOM   96   N  ND1 . HIS A 1 12  ? -4.813  11.187  -15.809 1.00 27.40 ? 12  HIS A ND1 1 
ATOM   97   C  CD2 . HIS A 1 12  ? -4.363  9.054   -16.049 1.00 27.00 ? 12  HIS A CD2 1 
ATOM   98   C  CE1 . HIS A 1 12  ? -5.718  10.685  -16.641 1.00 27.20 ? 12  HIS A CE1 1 
ATOM   99   N  NE2 . HIS A 1 12  ? -5.464  9.393   -16.806 1.00 27.00 ? 12  HIS A NE2 1 
ATOM   100  N  N   . VAL A 1 13  ? -3.287  7.888   -12.480 1.00 16.50 ? 13  VAL A N   1 
ATOM   101  C  CA  . VAL A 1 13  ? -3.924  6.594   -12.146 1.00 17.50 ? 13  VAL A CA  1 
ATOM   102  C  C   . VAL A 1 13  ? -4.559  6.636   -10.723 1.00 17.20 ? 13  VAL A C   1 
ATOM   103  O  O   . VAL A 1 13  ? -5.615  6.022   -10.497 1.00 16.50 ? 13  VAL A O   1 
ATOM   104  C  CB  . VAL A 1 13  ? -2.927  5.384   -12.222 1.00 18.80 ? 13  VAL A CB  1 
ATOM   105  C  CG1 . VAL A 1 13  ? -1.992  5.398   -11.037 1.00 19.00 ? 13  VAL A CG1 1 
ATOM   106  C  CG2 . VAL A 1 13  ? -3.721  4.015   -12.202 1.00 20.50 ? 13  VAL A CG2 1 
ATOM   107  N  N   . TRP A 1 14  ? -3.927  7.346   -9.770  1.00 14.70 ? 14  TRP A N   1 
ATOM   108  C  CA  . TRP A 1 14  ? -4.476  7.389   -8.431  1.00 15.80 ? 14  TRP A CA  1 
ATOM   109  C  C   . TRP A 1 14  ? -5.876  8.028   -8.399  1.00 16.50 ? 14  TRP A C   1 
ATOM   110  O  O   . TRP A 1 14  ? -6.747  7.615   -7.585  1.00 15.10 ? 14  TRP A O   1 
ATOM   111  C  CB  . TRP A 1 14  ? -3.570  8.127   -7.436  1.00 16.00 ? 14  TRP A CB  1 
ATOM   112  C  CG  . TRP A 1 14  ? -3.962  7.773   -6.023  1.00 16.70 ? 14  TRP A CG  1 
ATOM   113  C  CD1 . TRP A 1 14  ? -4.686  8.538   -5.119  1.00 18.00 ? 14  TRP A CD1 1 
ATOM   114  C  CD2 . TRP A 1 14  ? -3.692  6.540   -5.372  1.00 17.20 ? 14  TRP A CD2 1 
ATOM   115  N  NE1 . TRP A 1 14  ? -4.879  7.834   -3.945  1.00 18.10 ? 14  TRP A NE1 1 
ATOM   116  C  CE2 . TRP A 1 14  ? -4.286  6.604   -4.072  1.00 17.80 ? 14  TRP A CE2 1 
ATOM   117  C  CE3 . TRP A 1 14  ? -3.002  5.388   -5.750  1.00 16.50 ? 14  TRP A CE3 1 
ATOM   118  C  CZ2 . TRP A 1 14  ? -4.208  5.554   -3.163  1.00 18.70 ? 14  TRP A CZ2 1 
ATOM   119  C  CZ3 . TRP A 1 14  ? -2.925  4.318   -4.825  1.00 19.50 ? 14  TRP A CZ3 1 
ATOM   120  C  CH2 . TRP A 1 14  ? -3.525  4.417   -3.554  1.00 17.80 ? 14  TRP A CH2 1 
ATOM   121  N  N   . ALA A 1 15  ? -6.095  9.019   -9.271  1.00 16.10 ? 15  ALA A N   1 
ATOM   122  C  CA  . ALA A 1 15  ? -7.404  9.699   -9.335  1.00 18.80 ? 15  ALA A CA  1 
ATOM   123  C  C   . ALA A 1 15  ? -8.481  8.658   -9.692  1.00 19.00 ? 15  ALA A C   1 
ATOM   124  O  O   . ALA A 1 15  ? -9.606  8.723   -9.173  1.00 19.40 ? 15  ALA A O   1 
ATOM   125  C  CB  . ALA A 1 15  ? -7.389  10.874  -10.323 1.00 15.80 ? 15  ALA A CB  1 
ATOM   126  N  N   . LYS A 1 16  ? -8.082  7.654   -10.476 1.00 19.70 ? 16  LYS A N   1 
ATOM   127  C  CA  . LYS A 1 16  ? -8.958  6.537   -10.863 1.00 20.40 ? 16  LYS A CA  1 
ATOM   128  C  C   . LYS A 1 16  ? -9.253  5.638   -9.632  1.00 21.60 ? 16  LYS A C   1 
ATOM   129  O  O   . LYS A 1 16  ? -10.395 5.121   -9.456  1.00 22.20 ? 16  LYS A O   1 
ATOM   130  C  CB  . LYS A 1 16  ? -8.306  5.649   -11.922 1.00 21.20 ? 16  LYS A CB  1 
ATOM   131  C  CG  . LYS A 1 16  ? -7.781  6.317   -13.183 1.00 24.20 ? 16  LYS A CG  1 
ATOM   132  C  CD  . LYS A 1 16  ? -8.823  7.108   -13.918 1.00 26.70 ? 16  LYS A CD  1 
ATOM   133  C  CE  . LYS A 1 16  ? -8.246  7.830   -15.170 1.00 27.20 ? 16  LYS A CE  1 
ATOM   134  N  NZ  . LYS A 1 16  ? -9.358  8.171   -16.157 1.00 27.40 ? 16  LYS A NZ  1 
ATOM   135  N  N   . VAL A 1 17  ? -8.202  5.350   -8.850  1.00 19.40 ? 17  VAL A N   1 
ATOM   136  C  CA  . VAL A 1 17  ? -8.338  4.523   -7.640  1.00 18.80 ? 17  VAL A CA  1 
ATOM   137  C  C   . VAL A 1 17  ? -9.319  5.187   -6.708  1.00 18.70 ? 17  VAL A C   1 
ATOM   138  O  O   . VAL A 1 17  ? -10.076 4.518   -5.998  1.00 19.10 ? 17  VAL A O   1 
ATOM   139  C  CB  . VAL A 1 17  ? -6.988  4.394   -6.873  1.00 17.60 ? 17  VAL A CB  1 
ATOM   140  C  CG1 . VAL A 1 17  ? -7.180  3.717   -5.532  1.00 17.00 ? 17  VAL A CG1 1 
ATOM   141  C  CG2 . VAL A 1 17  ? -5.973  3.624   -7.725  1.00 17.80 ? 17  VAL A CG2 1 
ATOM   142  N  N   . GLU A 1 18  ? -9.318  6.512   -6.715  1.00 18.10 ? 18  GLU A N   1 
ATOM   143  C  CA  . GLU A 1 18  ? -10.191 7.228   -5.832  1.00 19.50 ? 18  GLU A CA  1 
ATOM   144  C  C   . GLU A 1 18  ? -11.682 7.173   -6.195  1.00 19.20 ? 18  GLU A C   1 
ATOM   145  O  O   . GLU A 1 18  ? -12.519 7.561   -5.373  1.00 18.80 ? 18  GLU A O   1 
ATOM   146  C  CB  . GLU A 1 18  ? -9.676  8.644   -5.593  1.00 20.10 ? 18  GLU A CB  1 
ATOM   147  C  CG  . GLU A 1 18  ? -8.349  8.606   -4.743  1.00 23.40 ? 18  GLU A CG  1 
ATOM   148  C  CD  . GLU A 1 18  ? -7.859  9.978   -4.330  1.00 26.50 ? 18  GLU A CD  1 
ATOM   149  O  OE1 . GLU A 1 18  ? -8.136  10.931  -5.085  1.00 30.00 ? 18  GLU A OE1 1 
ATOM   150  O  OE2 . GLU A 1 18  ? -7.225  10.119  -3.248  1.00 28.40 ? 18  GLU A OE2 1 
ATOM   151  N  N   . ALA A 1 19  ? -11.983 6.693   -7.408  1.00 18.60 ? 19  ALA A N   1 
ATOM   152  C  CA  . ALA A 1 19  ? -13.381 6.574   -7.835  1.00 20.20 ? 19  ALA A CA  1 
ATOM   153  C  C   . ALA A 1 19  ? -14.032 5.375   -7.125  1.00 21.20 ? 19  ALA A C   1 
ATOM   154  O  O   . ALA A 1 19  ? -15.264 5.297   -7.053  1.00 23.30 ? 19  ALA A O   1 
ATOM   155  C  CB  . ALA A 1 19  ? -13.466 6.378   -9.337  1.00 20.60 ? 19  ALA A CB  1 
ATOM   156  N  N   . ASP A 1 20  ? -13.213 4.457   -6.602  1.00 18.40 ? 20  ASP A N   1 
ATOM   157  C  CA  . ASP A 1 20  ? -13.698 3.283   -5.916  1.00 17.40 ? 20  ASP A CA  1 
ATOM   158  C  C   . ASP A 1 20  ? -12.643 2.831   -4.927  1.00 16.40 ? 20  ASP A C   1 
ATOM   159  O  O   . ASP A 1 20  ? -12.036 1.767   -5.113  1.00 14.70 ? 20  ASP A O   1 
ATOM   160  C  CB  . ASP A 1 20  ? -13.959 2.157   -6.881  1.00 18.70 ? 20  ASP A CB  1 
ATOM   161  C  CG  . ASP A 1 20  ? -14.568 0.919   -6.192  1.00 21.50 ? 20  ASP A CG  1 
ATOM   162  O  OD1 . ASP A 1 20  ? -15.033 0.997   -5.027  1.00 19.10 ? 20  ASP A OD1 1 
ATOM   163  O  OD2 . ASP A 1 20  ? -14.536 -0.168  -6.831  1.00 25.70 ? 20  ASP A OD2 1 
ATOM   164  N  N   . VAL A 1 21  ? -12.452 3.642   -3.880  1.00 16.30 ? 21  VAL A N   1 
ATOM   165  C  CA  . VAL A 1 21  ? -11.446 3.379   -2.834  1.00 16.30 ? 21  VAL A CA  1 
ATOM   166  C  C   . VAL A 1 21  ? -11.698 2.051   -2.141  1.00 15.00 ? 21  VAL A C   1 
ATOM   167  O  O   . VAL A 1 21  ? -10.795 1.228   -2.051  1.00 13.00 ? 21  VAL A O   1 
ATOM   168  C  CB  . VAL A 1 21  ? -11.379 4.506   -1.789  1.00 18.20 ? 21  VAL A CB  1 
ATOM   169  C  CG1 . VAL A 1 21  ? -10.330 4.205   -0.710  1.00 19.80 ? 21  VAL A CG1 1 
ATOM   170  C  CG2 . VAL A 1 21  ? -10.962 5.808   -2.475  1.00 20.40 ? 21  VAL A CG2 1 
ATOM   171  N  N   . ALA A 1 22  ? -12.962 1.801   -1.789  1.00 14.10 ? 22  ALA A N   1 
ATOM   172  C  CA  . ALA A 1 22  ? -13.274 0.581   -1.092  1.00 14.60 ? 22  ALA A CA  1 
ATOM   173  C  C   . ALA A 1 22  ? -13.057 -0.706  -1.904  1.00 14.50 ? 22  ALA A C   1 
ATOM   174  O  O   . ALA A 1 22  ? -12.514 -1.674  -1.356  1.00 15.40 ? 22  ALA A O   1 
ATOM   175  C  CB  . ALA A 1 22  ? -14.706 0.648   -0.445  1.00 16.00 ? 22  ALA A CB  1 
ATOM   176  N  N   . GLY A 1 23  ? -13.403 -0.709  -3.194  1.00 13.60 ? 23  GLY A N   1 
ATOM   177  C  CA  . GLY A 1 23  ? -13.216 -1.897  -4.021  1.00 12.90 ? 23  GLY A CA  1 
ATOM   178  C  C   . GLY A 1 23  ? -11.734 -2.184  -4.216  1.00 13.40 ? 23  GLY A C   1 
ATOM   179  O  O   . GLY A 1 23  ? -11.277 -3.321  -4.125  1.00 13.30 ? 23  GLY A O   1 
ATOM   180  N  N   . HIS A 1 24  ? -10.957 -1.116  -4.402  1.00 12.70 ? 24  HIS A N   1 
ATOM   181  C  CA  . HIS A 1 24  ? -9.545  -1.255  -4.589  1.00 13.30 ? 24  HIS A CA  1 
ATOM   182  C  C   . HIS A 1 24  ? -8.875  -1.761  -3.341  1.00 11.30 ? 24  HIS A C   1 
ATOM   183  O  O   . HIS A 1 24  ? -7.996  -2.645  -3.435  1.00 10.10 ? 24  HIS A O   1 
ATOM   184  C  CB  . HIS A 1 24  ? -8.897  0.092   -5.029  1.00 13.60 ? 24  HIS A CB  1 
ATOM   185  C  CG  . HIS A 1 24  ? -9.098  0.401   -6.485  1.00 15.50 ? 24  HIS A CG  1 
ATOM   186  N  ND1 . HIS A 1 24  ? -10.224 1.049   -6.955  1.00 15.40 ? 24  HIS A ND1 1 
ATOM   187  C  CD2 . HIS A 1 24  ? -8.282  0.224   -7.561  1.00 15.60 ? 24  HIS A CD2 1 
ATOM   188  C  CE1 . HIS A 1 24  ? -10.081 1.276   -8.256  1.00 16.90 ? 24  HIS A CE1 1 
ATOM   189  N  NE2 . HIS A 1 24  ? -8.914  0.783   -8.644  1.00 16.00 ? 24  HIS A NE2 1 
ATOM   190  N  N   . GLY A 1 25  ? -9.305  -1.219  -2.211  1.00 11.30 ? 25  GLY A N   1 
ATOM   191  C  CA  . GLY A 1 25  ? -8.716  -1.537  -0.916  1.00 12.00 ? 25  GLY A CA  1 
ATOM   192  C  C   . GLY A 1 25  ? -8.926  -2.993  -0.600  1.00 12.90 ? 25  GLY A C   1 
ATOM   193  O  O   . GLY A 1 25  ? -8.070  -3.725  -0.162  1.00 13.70 ? 25  GLY A O   1 
ATOM   194  N  N   . GLN A 1 26  ? -10.122 -3.443  -0.875  1.00 14.10 ? 26  GLN A N   1 
ATOM   195  C  CA  . GLN A 1 26  ? -10.417 -4.840  -0.610  1.00 16.40 ? 26  GLN A CA  1 
ATOM   196  C  C   . GLN A 1 26  ? -9.606  -5.791  -1.512  1.00 14.30 ? 26  GLN A C   1 
ATOM   197  O  O   . GLN A 1 26  ? -9.099  -6.777  -1.025  1.00 14.50 ? 26  GLN A O   1 
ATOM   198  C  CB  . GLN A 1 26  ? -11.925 -5.090  -0.755  1.00 19.20 ? 26  GLN A CB  1 
ATOM   199  C  CG  . GLN A 1 26  ? -12.159 -6.547  -0.866  1.00 26.80 ? 26  GLN A CG  1 
ATOM   200  C  CD  . GLN A 1 26  ? -13.465 -7.003  -0.338  1.00 30.80 ? 26  GLN A CD  1 
ATOM   201  O  OE1 . GLN A 1 26  ? -14.474 -6.299  -0.367  1.00 32.40 ? 26  GLN A OE1 1 
ATOM   202  N  NE2 . GLN A 1 26  ? -13.452 -8.205  0.197   1.00 34.30 ? 26  GLN A NE2 1 
ATOM   203  N  N   . ASP A 1 27  ? -9.484  -5.507  -2.812  1.00 13.70 ? 27  ASP A N   1 
ATOM   204  C  CA  . ASP A 1 27  ? -8.749  -6.373  -3.735  1.00 13.60 ? 27  ASP A CA  1 
ATOM   205  C  C   . ASP A 1 27  ? -7.266  -6.462  -3.320  1.00 13.00 ? 27  ASP A C   1 
ATOM   206  O  O   . ASP A 1 27  ? -6.626  -7.507  -3.360  1.00 11.40 ? 27  ASP A O   1 
ATOM   207  C  CB  . ASP A 1 27  ? -8.836  -5.790  -5.154  1.00 15.30 ? 27  ASP A CB  1 
ATOM   208  C  CG  . ASP A 1 27  ? -10.235 -5.990  -5.807  1.00 19.90 ? 27  ASP A CG  1 
ATOM   209  O  OD1 . ASP A 1 27  ? -11.013 -6.788  -5.275  1.00 20.20 ? 27  ASP A OD1 1 
ATOM   210  O  OD2 . ASP A 1 27  ? -10.517 -5.404  -6.873  1.00 21.20 ? 27  ASP A OD2 1 
ATOM   211  N  N   . ILE A 1 28  ? -6.723  -5.324  -2.935  1.00 10.80 ? 28  ILE A N   1 
ATOM   212  C  CA  . ILE A 1 28  ? -5.314  -5.271  -2.519  1.00 10.60 ? 28  ILE A CA  1 
ATOM   213  C  C   . ILE A 1 28  ? -5.038  -6.128  -1.254  1.00 10.40 ? 28  ILE A C   1 
ATOM   214  O  O   . ILE A 1 28  ? -4.109  -6.949  -1.233  1.00 12.50 ? 28  ILE A O   1 
ATOM   215  C  CB  . ILE A 1 28  ? -4.881  -3.799  -2.311  1.00 9.10  ? 28  ILE A CB  1 
ATOM   216  C  CG1 . ILE A 1 28  ? -4.782  -3.135  -3.674  1.00 9.20  ? 28  ILE A CG1 1 
ATOM   217  C  CG2 . ILE A 1 28  ? -3.517  -3.734  -1.590  1.00 8.70  ? 28  ILE A CG2 1 
ATOM   218  C  CD1 . ILE A 1 28  ? -4.716  -1.597  -3.678  1.00 10.50 ? 28  ILE A CD1 1 
ATOM   219  N  N   . LEU A 1 29  ? -5.806  -5.916  -0.198  1.00 8.60  ? 29  LEU A N   1 
ATOM   220  C  CA  . LEU A 1 29  ? -5.620  -6.706  1.025   1.00 9.60  ? 29  LEU A CA  1 
ATOM   221  C  C   . LEU A 1 29  ? -5.861  -8.213  0.743   1.00 9.80  ? 29  LEU A C   1 
ATOM   222  O  O   . LEU A 1 29  ? -5.129  -9.065  1.230   1.00 10.30 ? 29  LEU A O   1 
ATOM   223  C  CB  . LEU A 1 29  ? -6.591  -6.224  2.108   1.00 11.90 ? 29  LEU A CB  1 
ATOM   224  C  CG  . LEU A 1 29  ? -6.220  -4.841  2.665   1.00 12.60 ? 29  LEU A CG  1 
ATOM   225  C  CD1 . LEU A 1 29  ? -7.221  -4.461  3.728   1.00 14.80 ? 29  LEU A CD1 1 
ATOM   226  C  CD2 . LEU A 1 29  ? -4.775  -4.869  3.250   1.00 13.60 ? 29  LEU A CD2 1 
ATOM   227  N  N   . ILE A 1 30  ? -6.881  -8.546  -0.045  1.00 9.20  ? 30  ILE A N   1 
ATOM   228  C  CA  . ILE A 1 30  ? -7.104  -9.963  -0.322  1.00 11.40 ? 30  ILE A CA  1 
ATOM   229  C  C   . ILE A 1 30  ? -5.903  -10.541 -1.108  1.00 12.10 ? 30  ILE A C   1 
ATOM   230  O  O   . ILE A 1 30  ? -5.461  -11.667 -0.824  1.00 12.80 ? 30  ILE A O   1 
ATOM   231  C  CB  . ILE A 1 30  ? -8.412  -10.174 -1.111  1.00 12.70 ? 30  ILE A CB  1 
ATOM   232  C  CG1 . ILE A 1 30  ? -9.614  -9.910  -0.174  1.00 14.20 ? 30  ILE A CG1 1 
ATOM   233  C  CG2 . ILE A 1 30  ? -8.455  -11.592 -1.736  1.00 14.00 ? 30  ILE A CG2 1 
ATOM   234  C  CD1 . ILE A 1 30  ? -10.975 -9.869  -0.878  1.00 12.10 ? 30  ILE A CD1 1 
ATOM   235  N  N   . ARG A 1 31  ? -5.389  -9.789  -2.087  1.00 10.30 ? 31  ARG A N   1 
ATOM   236  C  CA  . ARG A 1 31  ? -4.253  -10.286 -2.869  1.00 12.40 ? 31  ARG A CA  1 
ATOM   237  C  C   . ARG A 1 31  ? -3.050  -10.506 -1.939  1.00 11.90 ? 31  ARG A C   1 
ATOM   238  O  O   . ARG A 1 31  ? -2.364  -11.503 -2.034  1.00 12.20 ? 31  ARG A O   1 
ATOM   239  C  CB  . ARG A 1 31  ? -3.947  -9.291  -4.008  1.00 15.50 ? 31  ARG A CB  1 
ATOM   240  C  CG  . ARG A 1 31  ? -2.519  -9.240  -4.508  1.00 22.00 ? 31  ARG A CG  1 
ATOM   241  C  CD  . ARG A 1 31  ? -2.087  -10.542 -5.080  1.00 28.80 ? 31  ARG A CD  1 
ATOM   242  N  NE  . ARG A 1 31  ? -2.674  -10.775 -6.383  1.00 34.80 ? 31  ARG A NE  1 
ATOM   243  C  CZ  . ARG A 1 31  ? -2.054  -11.361 -7.404  1.00 36.70 ? 31  ARG A CZ  1 
ATOM   244  N  NH1 . ARG A 1 31  ? -0.758  -11.690 -7.355  1.00 36.70 ? 31  ARG A NH1 1 
ATOM   245  N  NH2 . ARG A 1 31  ? -2.738  -11.542 -8.520  1.00 38.40 ? 31  ARG A NH2 1 
ATOM   246  N  N   . LEU A 1 32  ? -2.838  -9.597  -1.000  1.00 12.10 ? 32  LEU A N   1 
ATOM   247  C  CA  . LEU A 1 32  ? -1.717  -9.688  -0.052  1.00 12.30 ? 32  LEU A CA  1 
ATOM   248  C  C   . LEU A 1 32  ? -1.854  -10.949 0.839   1.00 11.50 ? 32  LEU A C   1 
ATOM   249  O  O   . LEU A 1 32  ? -0.899  -11.720 0.996   1.00 9.60  ? 32  LEU A O   1 
ATOM   250  C  CB  . LEU A 1 32  ? -1.703  -8.436  0.812   1.00 11.20 ? 32  LEU A CB  1 
ATOM   251  C  CG  . LEU A 1 32  ? -0.678  -8.415  1.949   1.00 12.10 ? 32  LEU A CG  1 
ATOM   252  C  CD1 . LEU A 1 32  ? 0.757   -8.410  1.336   1.00 11.90 ? 32  LEU A CD1 1 
ATOM   253  C  CD2 . LEU A 1 32  ? -0.941  -7.233  2.919   1.00 11.60 ? 32  LEU A CD2 1 
ATOM   254  N  N   . PHE A 1 33  ? -3.083  -11.152 1.351   1.00 10.50 ? 33  PHE A N   1 
ATOM   255  C  CA  . PHE A 1 33  ? -3.391  -12.271 2.224   1.00 12.00 ? 33  PHE A CA  1 
ATOM   256  C  C   . PHE A 1 33  ? -3.272  -13.651 1.563   1.00 12.50 ? 33  PHE A C   1 
ATOM   257  O  O   . PHE A 1 33  ? -2.745  -14.598 2.167   1.00 13.90 ? 33  PHE A O   1 
ATOM   258  C  CB  . PHE A 1 33  ? -4.750  -12.100 2.882   1.00 12.60 ? 33  PHE A CB  1 
ATOM   259  C  CG  . PHE A 1 33  ? -4.821  -10.952 3.850   1.00 11.40 ? 33  PHE A CG  1 
ATOM   260  C  CD1 . PHE A 1 33  ? -3.652  -10.394 4.426   1.00 13.00 ? 33  PHE A CD1 1 
ATOM   261  C  CD2 . PHE A 1 33  ? -6.035  -10.413 4.177   1.00 12.30 ? 33  PHE A CD2 1 
ATOM   262  C  CE1 . PHE A 1 33  ? -3.735  -9.295  5.318   1.00 14.40 ? 33  PHE A CE1 1 
ATOM   263  C  CE2 . PHE A 1 33  ? -6.150  -9.314  5.072   1.00 13.70 ? 33  PHE A CE2 1 
ATOM   264  C  CZ  . PHE A 1 33  ? -5.000  -8.747  5.643   1.00 14.30 ? 33  PHE A CZ  1 
ATOM   265  N  N   . LYS A 1 34  ? -3.674  -13.735 0.307   1.00 13.80 ? 34  LYS A N   1 
ATOM   266  C  CA  . LYS A 1 34  ? -3.611  -14.992 -0.413  1.00 15.20 ? 34  LYS A CA  1 
ATOM   267  C  C   . LYS A 1 34  ? -2.184  -15.301 -0.897  1.00 15.40 ? 34  LYS A C   1 
ATOM   268  O  O   . LYS A 1 34  ? -1.720  -16.451 -0.808  1.00 15.20 ? 34  LYS A O   1 
ATOM   269  C  CB  . LYS A 1 34  ? -4.588  -14.951 -1.580  1.00 17.90 ? 34  LYS A CB  1 
ATOM   270  C  CG  . LYS A 1 34  ? -6.064  -14.859 -1.173  1.00 22.20 ? 34  LYS A CG  1 
ATOM   271  C  CD  . LYS A 1 34  ? -6.440  -15.853 -0.065  1.00 28.30 ? 34  LYS A CD  1 
ATOM   272  C  CE  . LYS A 1 34  ? -7.387  -16.932 -0.616  1.00 32.40 ? 34  LYS A CE  1 
ATOM   273  N  NZ  . LYS A 1 34  ? -7.593  -18.090 0.347   1.00 35.80 ? 34  LYS A NZ  1 
ATOM   274  N  N   . SER A 1 35  ? -1.487  -14.266 -1.379  1.00 14.50 ? 35  SER A N   1 
ATOM   275  C  CA  . SER A 1 35  ? -0.113  -14.377 -1.885  1.00 14.80 ? 35  SER A CA  1 
ATOM   276  C  C   . SER A 1 35  ? 0.920   -14.589 -0.796  1.00 13.80 ? 35  SER A C   1 
ATOM   277  O  O   . SER A 1 35  ? 1.910   -15.302 -0.996  1.00 14.80 ? 35  SER A O   1 
ATOM   278  C  CB  . SER A 1 35  ? 0.258   -13.104 -2.659  1.00 16.10 ? 35  SER A CB  1 
ATOM   279  O  OG  . SER A 1 35  ? -0.563  -13.031 -3.814  1.00 22.90 ? 35  SER A OG  1 
ATOM   280  N  N   . HIS A 1 36  ? 0.687   -13.973 0.356   1.00 12.90 ? 36  HIS A N   1 
ATOM   281  C  CA  . HIS A 1 36  ? 1.622   -14.047 1.496   1.00 12.90 ? 36  HIS A CA  1 
ATOM   282  C  C   . HIS A 1 36  ? 0.825   -14.255 2.756   1.00 13.60 ? 36  HIS A C   1 
ATOM   283  O  O   . HIS A 1 36  ? 0.600   -13.322 3.521   1.00 12.50 ? 36  HIS A O   1 
ATOM   284  C  CB  . HIS A 1 36  ? 2.444   -12.745 1.584   1.00 12.80 ? 36  HIS A CB  1 
ATOM   285  C  CG  . HIS A 1 36  ? 3.197   -12.438 0.327   1.00 13.80 ? 36  HIS A CG  1 
ATOM   286  N  ND1 . HIS A 1 36  ? 4.367   -13.085 -0.015  1.00 15.40 ? 36  HIS A ND1 1 
ATOM   287  C  CD2 . HIS A 1 36  ? 2.870   -11.679 -0.738  1.00 14.50 ? 36  HIS A CD2 1 
ATOM   288  C  CE1 . HIS A 1 36  ? 4.719   -12.754 -1.235  1.00 15.00 ? 36  HIS A CE1 1 
ATOM   289  N  NE2 . HIS A 1 36  ? 3.825   -11.897 -1.700  1.00 16.30 ? 36  HIS A NE2 1 
ATOM   290  N  N   . PRO A 1 37  ? 0.430   -15.544 3.037   1.00 14.80 ? 37  PRO A N   1 
ATOM   291  C  CA  . PRO A 1 37  ? -0.367  -15.883 4.224   1.00 14.00 ? 37  PRO A CA  1 
ATOM   292  C  C   . PRO A 1 37  ? 0.199   -15.433 5.567   1.00 14.00 ? 37  PRO A C   1 
ATOM   293  O  O   . PRO A 1 37  ? -0.561  -15.142 6.489   1.00 14.60 ? 37  PRO A O   1 
ATOM   294  C  CB  . PRO A 1 37  ? -0.476  -17.415 4.132   1.00 14.20 ? 37  PRO A CB  1 
ATOM   295  C  CG  . PRO A 1 37  ? -0.397  -17.672 2.682   1.00 14.00 ? 37  PRO A CG  1 
ATOM   296  C  CD  . PRO A 1 37  ? 0.657   -16.741 2.194   1.00 13.70 ? 37  PRO A CD  1 
ATOM   297  N  N   . GLU A 1 38  ? 1.516   -15.351 5.694   1.00 13.00 ? 38  GLU A N   1 
ATOM   298  C  CA  . GLU A 1 38  ? 2.100   -14.913 6.960   1.00 13.90 ? 38  GLU A CA  1 
ATOM   299  C  C   . GLU A 1 38  ? 1.671   -13.466 7.311   1.00 14.00 ? 38  GLU A C   1 
ATOM   300  O  O   . GLU A 1 38  ? 1.656   -13.086 8.472   1.00 15.00 ? 38  GLU A O   1 
ATOM   301  C  CB  . GLU A 1 38  ? 3.637   -15.044 6.918   1.00 14.90 ? 38  GLU A CB  1 
ATOM   302  C  CG  . GLU A 1 38  ? 4.347   -14.046 5.962   1.00 15.80 ? 38  GLU A CG  1 
ATOM   303  C  CD  . GLU A 1 38  ? 4.472   -14.488 4.500   1.00 15.90 ? 38  GLU A CD  1 
ATOM   304  O  OE1 . GLU A 1 38  ? 3.586   -15.152 3.975   1.00 15.10 ? 38  GLU A OE1 1 
ATOM   305  O  OE2 . GLU A 1 38  ? 5.482   -14.168 3.862   1.00 15.80 ? 38  GLU A OE2 1 
ATOM   306  N  N   . THR A 1 39  ? 1.323   -12.652 6.314   1.00 13.10 ? 39  THR A N   1 
ATOM   307  C  CA  . THR A 1 39  ? 0.879   -11.284 6.613   1.00 13.30 ? 39  THR A CA  1 
ATOM   308  C  C   . THR A 1 39  ? -0.465  -11.196 7.361   1.00 13.20 ? 39  THR A C   1 
ATOM   309  O  O   . THR A 1 39  ? -0.707  -10.251 8.124   1.00 14.10 ? 39  THR A O   1 
ATOM   310  C  CB  . THR A 1 39  ? 0.789   -10.405 5.333   1.00 11.90 ? 39  THR A CB  1 
ATOM   311  O  OG1 . THR A 1 39  ? -0.237  -10.867 4.440   1.00 11.90 ? 39  THR A OG1 1 
ATOM   312  C  CG2 . THR A 1 39  ? 2.136   -10.397 4.622   1.00 13.00 ? 39  THR A CG2 1 
ATOM   313  N  N   . LEU A 1 40  ? -1.343  -12.161 7.102   1.00 14.40 ? 40  LEU A N   1 
ATOM   314  C  CA  . LEU A 1 40  ? -2.675  -12.191 7.737   1.00 15.80 ? 40  LEU A CA  1 
ATOM   315  C  C   . LEU A 1 40  ? -2.524  -12.402 9.246   1.00 16.80 ? 40  LEU A C   1 
ATOM   316  O  O   . LEU A 1 40  ? -3.327  -11.873 10.035  1.00 16.90 ? 40  LEU A O   1 
ATOM   317  C  CB  . LEU A 1 40  ? -3.534  -13.296 7.126   1.00 15.60 ? 40  LEU A CB  1 
ATOM   318  C  CG  . LEU A 1 40  ? -4.991  -13.361 7.619   1.00 17.10 ? 40  LEU A CG  1 
ATOM   319  C  CD1 . LEU A 1 40  ? -5.691  -11.995 7.475   1.00 14.80 ? 40  LEU A CD1 1 
ATOM   320  C  CD2 . LEU A 1 40  ? -5.744  -14.494 6.806   1.00 17.60 ? 40  LEU A CD2 1 
ATOM   321  N  N   . GLU A 1 41  ? -1.462  -13.124 9.638   1.00 17.30 ? 41  GLU A N   1 
ATOM   322  C  CA  . GLU A 1 41  ? -1.181  -13.401 11.043  1.00 19.80 ? 41  GLU A CA  1 
ATOM   323  C  C   . GLU A 1 41  ? -0.838  -12.111 11.837  1.00 19.80 ? 41  GLU A C   1 
ATOM   324  O  O   . GLU A 1 41  ? -0.866  -12.129 13.053  1.00 21.10 ? 41  GLU A O   1 
ATOM   325  C  CB  . GLU A 1 41  ? -0.061  -14.447 11.113  1.00 22.70 ? 41  GLU A CB  1 
ATOM   326  C  CG  . GLU A 1 41  ? -0.168  -15.414 12.258  1.00 28.70 ? 41  GLU A CG  1 
ATOM   327  C  CD  . GLU A 1 41  ? -1.544  -16.091 12.384  1.00 30.50 ? 41  GLU A CD  1 
ATOM   328  O  OE1 . GLU A 1 41  ? -2.241  -16.330 11.361  1.00 33.00 ? 41  GLU A OE1 1 
ATOM   329  O  OE2 . GLU A 1 41  ? -1.932  -16.398 13.523  1.00 33.60 ? 41  GLU A OE2 1 
ATOM   330  N  N   . LYS A 1 42  ? -0.479  -10.993 11.175  1.00 18.00 ? 42  LYS A N   1 
ATOM   331  C  CA  . LYS A 1 42  ? -0.225  -9.768  11.906  1.00 17.10 ? 42  LYS A CA  1 
ATOM   332  C  C   . LYS A 1 42  ? -1.519  -9.013  12.301  1.00 17.00 ? 42  LYS A C   1 
ATOM   333  O  O   . LYS A 1 42  ? -1.496  -8.023  13.043  1.00 18.00 ? 42  LYS A O   1 
ATOM   334  C  CB  . LYS A 1 42  ? 0.614   -8.836  11.038  1.00 17.60 ? 42  LYS A CB  1 
ATOM   335  C  CG  . LYS A 1 42  ? 2.070   -9.207  10.973  1.00 20.40 ? 42  LYS A CG  1 
ATOM   336  C  CD  . LYS A 1 42  ? 2.805   -8.965  12.338  1.00 21.10 ? 42  LYS A CD  1 
ATOM   337  C  CE  . LYS A 1 42  ? 4.184   -9.611  12.286  1.00 24.00 ? 42  LYS A CE  1 
ATOM   338  N  NZ  . LYS A 1 42  ? 5.020   -9.279  13.506  1.00 22.90 ? 42  LYS A NZ  1 
ATOM   339  N  N   . PHE A 1 43  ? -2.643  -9.413  11.733  1.00 16.20 ? 43  PHE A N   1 
ATOM   340  C  CA  . PHE A 1 43  ? -3.903  -8.743  12.001  1.00 16.30 ? 43  PHE A CA  1 
ATOM   341  C  C   . PHE A 1 43  ? -4.789  -9.577  12.926  1.00 18.00 ? 43  PHE A C   1 
ATOM   342  O  O   . PHE A 1 43  ? -5.465  -10.493 12.458  1.00 16.70 ? 43  PHE A O   1 
ATOM   343  C  CB  . PHE A 1 43  ? -4.666  -8.527  10.675  1.00 15.80 ? 43  PHE A CB  1 
ATOM   344  C  CG  . PHE A 1 43  ? -4.022  -7.524  9.730   1.00 15.00 ? 43  PHE A CG  1 
ATOM   345  C  CD1 . PHE A 1 43  ? -4.344  -6.172  9.795   1.00 14.70 ? 43  PHE A CD1 1 
ATOM   346  C  CD2 . PHE A 1 43  ? -3.115  -7.952  8.763   1.00 15.80 ? 43  PHE A CD2 1 
ATOM   347  C  CE1 . PHE A 1 43  ? -3.779  -5.248  8.903   1.00 13.30 ? 43  PHE A CE1 1 
ATOM   348  C  CE2 . PHE A 1 43  ? -2.551  -7.037  7.880   1.00 15.70 ? 43  PHE A CE2 1 
ATOM   349  C  CZ  . PHE A 1 43  ? -2.882  -5.695  7.950   1.00 14.30 ? 43  PHE A CZ  1 
ATOM   350  N  N   . ASP A 1 44  ? -4.799  -9.278  14.219  1.00 19.30 ? 44  ASP A N   1 
ATOM   351  C  CA  . ASP A 1 44  ? -5.678  -10.035 15.111  1.00 21.80 ? 44  ASP A CA  1 
ATOM   352  C  C   . ASP A 1 44  ? -7.127  -9.858  14.653  1.00 21.10 ? 44  ASP A C   1 
ATOM   353  O  O   . ASP A 1 44  ? -7.944  -10.780 14.805  1.00 20.80 ? 44  ASP A O   1 
ATOM   354  C  CB  . ASP A 1 44  ? -5.585  -9.536  16.564  1.00 25.60 ? 44  ASP A CB  1 
ATOM   355  C  CG  . ASP A 1 44  ? -4.367  -10.097 17.307  1.00 31.40 ? 44  ASP A CG  1 
ATOM   356  O  OD1 . ASP A 1 44  ? -4.128  -11.338 17.289  1.00 34.00 ? 44  ASP A OD1 1 
ATOM   357  O  OD2 . ASP A 1 44  ? -3.636  -9.276  17.919  1.00 35.40 ? 44  ASP A OD2 1 
ATOM   358  N  N   . ARG A 1 45  ? -7.439  -8.691  14.068  1.00 20.00 ? 45  ARG A N   1 
ATOM   359  C  CA  . ARG A 1 45  ? -8.827  -8.458  13.663  1.00 20.70 ? 45  ARG A CA  1 
ATOM   360  C  C   . ARG A 1 45  ? -9.308  -9.175  12.413  1.00 19.10 ? 45  ARG A C   1 
ATOM   361  O  O   . ARG A 1 45  ? -10.506 -9.253  12.181  1.00 18.30 ? 45  ARG A O   1 
ATOM   362  C  CB  . ARG A 1 45  ? -9.196  -6.956  13.650  1.00 23.80 ? 45  ARG A CB  1 
ATOM   363  C  CG  . ARG A 1 45  ? -8.869  -6.149  12.465  1.00 24.30 ? 45  ARG A CG  1 
ATOM   364  C  CD  . ARG A 1 45  ? -9.116  -4.622  12.864  1.00 27.60 ? 45  ARG A CD  1 
ATOM   365  N  NE  . ARG A 1 45  ? -10.062 -3.968  11.968  1.00 28.30 ? 45  ARG A NE  1 
ATOM   366  C  CZ  . ARG A 1 45  ? -9.994  -2.709  11.532  1.00 30.50 ? 45  ARG A CZ  1 
ATOM   367  N  NH1 . ARG A 1 45  ? -8.986  -1.920  11.909  1.00 28.60 ? 45  ARG A NH1 1 
ATOM   368  N  NH2 . ARG A 1 45  ? -10.950 -2.251  10.692  1.00 29.50 ? 45  ARG A NH2 1 
ATOM   369  N  N   . PHE A 1 46  ? -8.369  -9.746  11.646  1.00 17.10 ? 46  PHE A N   1 
ATOM   370  C  CA  . PHE A 1 46  ? -8.715  -10.483 10.419  1.00 16.70 ? 46  PHE A CA  1 
ATOM   371  C  C   . PHE A 1 46  ? -8.283  -11.946 10.418  1.00 15.40 ? 46  PHE A C   1 
ATOM   372  O  O   . PHE A 1 46  ? -8.596  -12.654 9.476   1.00 14.80 ? 46  PHE A O   1 
ATOM   373  C  CB  . PHE A 1 46  ? -8.111  -9.786  9.173   1.00 15.40 ? 46  PHE A CB  1 
ATOM   374  C  CG  . PHE A 1 46  ? -8.584  -8.360  8.985   1.00 16.00 ? 46  PHE A CG  1 
ATOM   375  C  CD1 . PHE A 1 46  ? -9.932  -8.028  9.169   1.00 14.40 ? 46  PHE A CD1 1 
ATOM   376  C  CD2 . PHE A 1 46  ? -7.652  -7.333  8.732   1.00 16.10 ? 46  PHE A CD2 1 
ATOM   377  C  CE1 . PHE A 1 46  ? -10.335 -6.713  9.118   1.00 16.80 ? 46  PHE A CE1 1 
ATOM   378  C  CE2 . PHE A 1 46  ? -8.056  -5.976  8.683   1.00 16.70 ? 46  PHE A CE2 1 
ATOM   379  C  CZ  . PHE A 1 46  ? -9.393  -5.661  8.877   1.00 16.80 ? 46  PHE A CZ  1 
ATOM   380  N  N   . LYS A 1 47  ? -7.552  -12.380 11.444  1.00 16.70 ? 47  LYS A N   1 
ATOM   381  C  CA  . LYS A 1 47  ? -7.017  -13.752 11.539  1.00 19.00 ? 47  LYS A CA  1 
ATOM   382  C  C   . LYS A 1 47  ? -8.046  -14.855 11.386  1.00 18.70 ? 47  LYS A C   1 
ATOM   383  O  O   . LYS A 1 47  ? -7.682  -15.964 11.051  1.00 19.40 ? 47  LYS A O   1 
ATOM   384  C  CB  . LYS A 1 47  ? -6.367  -14.060 12.908  1.00 23.00 ? 47  LYS A CB  1 
ATOM   385  C  CG  . LYS A 1 47  ? -5.172  -13.283 13.319  1.00 29.00 ? 47  LYS A CG  1 
ATOM   386  C  CD  . LYS A 1 47  ? -4.070  -14.233 13.807  1.00 33.10 ? 47  LYS A CD  1 
ATOM   387  C  CE  . LYS A 1 47  ? -3.419  -13.751 15.088  1.00 36.40 ? 47  LYS A CE  1 
ATOM   388  N  NZ  . LYS A 1 47  ? -4.493  -13.765 16.146  1.00 38.60 ? 47  LYS A NZ  1 
ATOM   389  N  N   . HIS A 1 48  ? -9.292  -14.597 11.727  1.00 16.70 ? 48  HIS A N   1 
ATOM   390  C  CA  . HIS A 1 48  ? -10.298 -15.629 11.650  1.00 17.50 ? 48  HIS A CA  1 
ATOM   391  C  C   . HIS A 1 48  ? -10.748 -15.918 10.223  1.00 17.80 ? 48  HIS A C   1 
ATOM   392  O  O   . HIS A 1 48  ? -11.427 -16.890 9.990   1.00 17.90 ? 48  HIS A O   1 
ATOM   393  C  CB  . HIS A 1 48  ? -11.500 -15.209 12.499  1.00 17.90 ? 48  HIS A CB  1 
ATOM   394  C  CG  . HIS A 1 48  ? -12.167 -13.956 12.006  1.00 19.10 ? 48  HIS A CG  1 
ATOM   395  N  ND1 . HIS A 1 48  ? -11.603 -12.702 12.139  1.00 19.40 ? 48  HIS A ND1 1 
ATOM   396  C  CD2 . HIS A 1 48  ? -13.323 -13.772 11.316  1.00 18.10 ? 48  HIS A CD2 1 
ATOM   397  C  CE1 . HIS A 1 48  ? -12.375 -11.806 11.552  1.00 18.60 ? 48  HIS A CE1 1 
ATOM   398  N  NE2 . HIS A 1 48  ? -13.427 -12.427 11.046  1.00 18.20 ? 48  HIS A NE2 1 
ATOM   399  N  N   . LEU A 1 49  ? -10.362 -15.091 9.265   1.00 17.50 ? 49  LEU A N   1 
ATOM   400  C  CA  . LEU A 1 49  ? -10.805 -15.275 7.887   1.00 18.90 ? 49  LEU A CA  1 
ATOM   401  C  C   . LEU A 1 49  ? -9.978  -16.332 7.201   1.00 20.20 ? 49  LEU A C   1 
ATOM   402  O  O   . LEU A 1 49  ? -8.769  -16.222 7.193   1.00 21.30 ? 49  LEU A O   1 
ATOM   403  C  CB  . LEU A 1 49  ? -10.753 -13.947 7.115   1.00 18.30 ? 49  LEU A CB  1 
ATOM   404  C  CG  . LEU A 1 49  ? -11.605 -12.828 7.708   1.00 17.20 ? 49  LEU A CG  1 
ATOM   405  C  CD1 . LEU A 1 49  ? -11.133 -11.463 7.133   1.00 16.60 ? 49  LEU A CD1 1 
ATOM   406  C  CD2 . LEU A 1 49  ? -13.086 -13.125 7.424   1.00 18.00 ? 49  LEU A CD2 1 
ATOM   407  N  N   . LYS A 1 50  ? -10.649 -17.369 6.676   1.00 20.20 ? 50  LYS A N   1 
ATOM   408  C  CA  . LYS A 1 50  ? -9.991  -18.510 6.058   1.00 21.10 ? 50  LYS A CA  1 
ATOM   409  C  C   . LYS A 1 50  ? -10.058 -18.540 4.518   1.00 20.40 ? 50  LYS A C   1 
ATOM   410  O  O   . LYS A 1 50  ? -9.018  -18.596 3.822   1.00 23.50 ? 50  LYS A O   1 
ATOM   411  C  CB  . LYS A 1 50  ? -10.593 -19.794 6.620   1.00 25.60 ? 50  LYS A CB  1 
ATOM   412  C  CG  . LYS A 1 50  ? -10.307 -20.101 8.108   1.00 30.80 ? 50  LYS A CG  1 
ATOM   413  C  CD  . LYS A 1 50  ? -8.814  -20.424 8.367   1.00 35.30 ? 50  LYS A CD  1 
ATOM   414  C  CE  . LYS A 1 50  ? -8.614  -21.241 9.679   1.00 38.30 ? 50  LYS A CE  1 
ATOM   415  N  NZ  . LYS A 1 50  ? -8.234  -22.738 9.538   1.00 39.70 ? 50  LYS A NZ  1 
ATOM   416  N  N   . THR A 1 51  ? -11.232 -18.267 3.979   1.00 16.10 ? 51  THR A N   1 
ATOM   417  C  CA  . THR A 1 51  ? -11.376 -18.332 2.530   1.00 13.20 ? 51  THR A CA  1 
ATOM   418  C  C   . THR A 1 51  ? -11.461 -16.955 1.862   1.00 11.70 ? 51  THR A C   1 
ATOM   419  O  O   . THR A 1 51  ? -11.775 -15.917 2.506   1.00 10.80 ? 51  THR A O   1 
ATOM   420  C  CB  . THR A 1 51  ? -12.678 -19.126 2.201   1.00 13.10 ? 51  THR A CB  1 
ATOM   421  O  OG1 . THR A 1 51  ? -13.784 -18.326 2.607   1.00 13.30 ? 51  THR A OG1 1 
ATOM   422  C  CG2 . THR A 1 51  ? -12.722 -20.436 3.017   1.00 13.50 ? 51  THR A CG2 1 
ATOM   423  N  N   . GLU A 1 52  ? -11.244 -16.957 0.553   1.00 11.40 ? 52  GLU A N   1 
ATOM   424  C  CA  . GLU A 1 52  ? -11.375 -15.745 -0.172  1.00 11.90 ? 52  GLU A CA  1 
ATOM   425  C  C   . GLU A 1 52  ? -12.827 -15.243 -0.064  1.00 11.50 ? 52  GLU A C   1 
ATOM   426  O  O   . GLU A 1 52  ? -13.048 -14.029 0.055   1.00 9.40  ? 52  GLU A O   1 
ATOM   427  C  CB  . GLU A 1 52  ? -10.981 -15.934 -1.631  1.00 13.20 ? 52  GLU A CB  1 
ATOM   428  C  CG  . GLU A 1 52  ? -11.148 -14.629 -2.427  1.00 14.70 ? 52  GLU A CG  1 
ATOM   429  C  CD  . GLU A 1 52  ? -10.550 -14.684 -3.790  1.00 17.80 ? 52  GLU A CD  1 
ATOM   430  O  OE1 . GLU A 1 52  ? -10.052 -15.743 -4.185  1.00 19.20 ? 52  GLU A OE1 1 
ATOM   431  O  OE2 . GLU A 1 52  ? -10.559 -13.655 -4.473  1.00 21.10 ? 52  GLU A OE2 1 
ATOM   432  N  N   . ALA A 1 53  ? -13.814 -16.152 -0.103  1.00 11.10 ? 53  ALA A N   1 
ATOM   433  C  CA  . ALA A 1 53  ? -15.236 -15.737 0.007   1.00 11.40 ? 53  ALA A CA  1 
ATOM   434  C  C   . ALA A 1 53  ? -15.495 -15.032 1.334   1.00 10.50 ? 53  ALA A C   1 
ATOM   435  O  O   . ALA A 1 53  ? -16.172 -14.016 1.350   1.00 12.20 ? 53  ALA A O   1 
ATOM   436  C  CB  . ALA A 1 53  ? -16.188 -16.965 -0.111  1.00 12.80 ? 53  ALA A CB  1 
ATOM   437  N  N   . GLU A 1 54  ? -14.960 -15.549 2.428   1.00 9.90  ? 54  GLU A N   1 
ATOM   438  C  CA  . GLU A 1 54  ? -15.108 -14.915 3.742   1.00 10.80 ? 54  GLU A CA  1 
ATOM   439  C  C   . GLU A 1 54  ? -14.462 -13.506 3.759   1.00 10.70 ? 54  GLU A C   1 
ATOM   440  O  O   . GLU A 1 54  ? -15.029 -12.535 4.230   1.00 10.20 ? 54  GLU A O   1 
ATOM   441  C  CB  . GLU A 1 54  ? -14.473 -15.793 4.805   1.00 12.70 ? 54  GLU A CB  1 
ATOM   442  C  CG  . GLU A 1 54  ? -15.244 -17.085 5.016   1.00 16.30 ? 54  GLU A CG  1 
ATOM   443  C  CD  . GLU A 1 54  ? -14.539 -18.057 5.922   1.00 20.20 ? 54  GLU A CD  1 
ATOM   444  O  OE1 . GLU A 1 54  ? -13.410 -17.802 6.353   1.00 19.50 ? 54  GLU A OE1 1 
ATOM   445  O  OE2 . GLU A 1 54  ? -15.124 -19.132 6.200   1.00 24.20 ? 54  GLU A OE2 1 
ATOM   446  N  N   . MET A 1 55  ? -13.341 -13.387 3.089   1.00 9.60  ? 55  MET A N   1 
ATOM   447  C  CA  . MET A 1 55  ? -12.663 -12.093 3.010   1.00 10.00 ? 55  MET A CA  1 
ATOM   448  C  C   . MET A 1 55  ? -13.461 -11.059 2.288   1.00 9.10  ? 55  MET A C   1 
ATOM   449  O  O   . MET A 1 55  ? -13.550 -9.915  2.719   1.00 9.00  ? 55  MET A O   1 
ATOM   450  C  CB  . MET A 1 55  ? -11.281 -12.288 2.342   1.00 9.80  ? 55  MET A CB  1 
ATOM   451  C  CG  . MET A 1 55  ? -10.332 -13.052 3.225   1.00 10.40 ? 55  MET A CG  1 
ATOM   452  S  SD  . MET A 1 55  ? -8.726  -13.359 2.376   1.00 15.30 ? 55  MET A SD  1 
ATOM   453  C  CE  . MET A 1 55  ? -8.023  -14.448 3.587   1.00 15.20 ? 55  MET A CE  1 
ATOM   454  N  N   . LYS A 1 56  ? -14.024 -11.467 1.154   1.00 10.60 ? 56  LYS A N   1 
ATOM   455  C  CA  . LYS A 1 56  ? -14.870 -10.610 0.316   1.00 12.50 ? 56  LYS A CA  1 
ATOM   456  C  C   . LYS A 1 56  ? -16.128 -10.155 1.065   1.00 12.10 ? 56  LYS A C   1 
ATOM   457  O  O   . LYS A 1 56  ? -16.533 -9.009  0.957   1.00 13.60 ? 56  LYS A O   1 
ATOM   458  C  CB  . LYS A 1 56  ? -15.236 -11.316 -0.977  1.00 13.90 ? 56  LYS A CB  1 
ATOM   459  C  CG  . LYS A 1 56  ? -14.197 -11.077 -2.064  1.00 18.30 ? 56  LYS A CG  1 
ATOM   460  C  CD  . LYS A 1 56  ? -14.455 -11.859 -3.316  1.00 22.40 ? 56  LYS A CD  1 
ATOM   461  C  CE  . LYS A 1 56  ? -13.187 -12.006 -4.149  1.00 24.60 ? 56  LYS A CE  1 
ATOM   462  N  NZ  . LYS A 1 56  ? -13.201 -11.040 -5.264  1.00 30.70 ? 56  LYS A NZ  1 
ATOM   463  N  N   . ALA A 1 57  ? -16.609 -11.006 1.956   1.00 11.50 ? 57  ALA A N   1 
ATOM   464  C  CA  . ALA A 1 57  ? -17.830 -10.694 2.712   1.00 13.00 ? 57  ALA A CA  1 
ATOM   465  C  C   . ALA A 1 57  ? -17.655 -9.783  3.915   1.00 13.10 ? 57  ALA A C   1 
ATOM   466  O  O   . ALA A 1 57  ? -18.638 -9.301  4.451   1.00 13.40 ? 57  ALA A O   1 
ATOM   467  C  CB  . ALA A 1 57  ? -18.459 -11.983 3.198   1.00 13.80 ? 57  ALA A CB  1 
ATOM   468  N  N   . SER A 1 58  ? -16.426 -9.660  4.418   1.00 12.50 ? 58  SER A N   1 
ATOM   469  C  CA  . SER A 1 58  ? -16.136 -8.870  5.610   1.00 12.10 ? 58  SER A CA  1 
ATOM   470  C  C   . SER A 1 58  ? -16.238 -7.374  5.393   1.00 13.20 ? 58  SER A C   1 
ATOM   471  O  O   . SER A 1 58  ? -15.474 -6.783  4.648   1.00 13.80 ? 58  SER A O   1 
ATOM   472  C  CB  . SER A 1 58  ? -14.720 -9.194  6.111   1.00 10.30 ? 58  SER A CB  1 
ATOM   473  O  OG  . SER A 1 58  ? -14.457 -8.368  7.212   1.00 11.10 ? 58  SER A OG  1 
ATOM   474  N  N   . GLU A 1 59  ? -17.139 -6.729  6.103   1.00 12.90 ? 59  GLU A N   1 
ATOM   475  C  CA  . GLU A 1 59  ? -17.281 -5.290  5.936   1.00 11.80 ? 59  GLU A CA  1 
ATOM   476  C  C   . GLU A 1 59  ? -16.110 -4.592  6.655   1.00 10.90 ? 59  GLU A C   1 
ATOM   477  O  O   . GLU A 1 59  ? -15.634 -3.508  6.260   1.00 11.30 ? 59  GLU A O   1 
ATOM   478  C  CB  . GLU A 1 59  ? -18.650 -4.862  6.510   1.00 13.90 ? 59  GLU A CB  1 
ATOM   479  C  CG  . GLU A 1 59  ? -19.001 -3.389  6.249   1.00 17.20 ? 59  GLU A CG  1 
ATOM   480  C  CD  . GLU A 1 59  ? -19.214 -3.085  4.769   1.00 18.60 ? 59  GLU A CD  1 
ATOM   481  O  OE1 . GLU A 1 59  ? -19.347 -4.003  3.943   1.00 17.60 ? 59  GLU A OE1 1 
ATOM   482  O  OE2 . GLU A 1 59  ? -19.307 -1.888  4.443   1.00 21.00 ? 59  GLU A OE2 1 
ATOM   483  N  N   . ASP A 1 60  ? -15.657 -5.185  7.731   1.00 10.70 ? 60  ASP A N   1 
ATOM   484  C  CA  . ASP A 1 60  ? -14.540 -4.578  8.488   1.00 11.90 ? 60  ASP A CA  1 
ATOM   485  C  C   . ASP A 1 60  ? -13.252 -4.567  7.636   1.00 12.60 ? 60  ASP A C   1 
ATOM   486  O  O   . ASP A 1 60  ? -12.447 -3.652  7.722   1.00 13.10 ? 60  ASP A O   1 
ATOM   487  C  CB  . ASP A 1 60  ? -14.329 -5.361  9.786   1.00 12.60 ? 60  ASP A CB  1 
ATOM   488  C  CG  . ASP A 1 60  ? -13.507 -4.587  10.819  1.00 14.10 ? 60  ASP A CG  1 
ATOM   489  O  OD1 . ASP A 1 60  ? -13.797 -3.408  11.105  1.00 15.00 ? 60  ASP A OD1 1 
ATOM   490  O  OD2 . ASP A 1 60  ? -12.619 -5.194  11.389  1.00 15.50 ? 60  ASP A OD2 1 
ATOM   491  N  N   . LEU A 1 61  ? -13.013 -5.649  6.898   1.00 12.40 ? 61  LEU A N   1 
ATOM   492  C  CA  . LEU A 1 61  ? -11.832 -5.723  6.049   1.00 11.90 ? 61  LEU A CA  1 
ATOM   493  C  C   . LEU A 1 61  ? -11.916 -4.583  5.000   1.00 12.80 ? 61  LEU A C   1 
ATOM   494  O  O   . LEU A 1 61  ? -10.945 -3.859  4.764   1.00 12.40 ? 61  LEU A O   1 
ATOM   495  C  CB  . LEU A 1 61  ? -11.757 -7.094  5.384   1.00 12.20 ? 61  LEU A CB  1 
ATOM   496  C  CG  . LEU A 1 61  ? -10.544 -7.295  4.464   1.00 14.10 ? 61  LEU A CG  1 
ATOM   497  C  CD1 . LEU A 1 61  ? -9.241  -6.883  5.205   1.00 16.70 ? 61  LEU A CD1 1 
ATOM   498  C  CD2 . LEU A 1 61  ? -10.427 -8.754  4.158   1.00 15.70 ? 61  LEU A CD2 1 
ATOM   499  N  N   . LYS A 1 62  ? -13.089 -4.407  4.403   1.00 12.20 ? 62  LYS A N   1 
ATOM   500  C  CA  . LYS A 1 62  ? -13.316 -3.346  3.418   1.00 14.20 ? 62  LYS A CA  1 
ATOM   501  C  C   . LYS A 1 62  ? -13.045 -1.945  4.041   1.00 12.90 ? 62  LYS A C   1 
ATOM   502  O  O   . LYS A 1 62  ? -12.365 -1.110  3.456   1.00 13.30 ? 62  LYS A O   1 
ATOM   503  C  CB  . LYS A 1 62  ? -14.782 -3.494  2.893   1.00 17.40 ? 62  LYS A CB  1 
ATOM   504  C  CG  . LYS A 1 62  ? -15.131 -2.629  1.744   1.00 22.40 ? 62  LYS A CG  1 
ATOM   505  C  CD  . LYS A 1 62  ? -16.493 -3.010  1.136   1.00 27.10 ? 62  LYS A CD  1 
ATOM   506  C  CE  . LYS A 1 62  ? -16.841 -1.960  0.058   1.00 30.80 ? 62  LYS A CE  1 
ATOM   507  N  NZ  . LYS A 1 62  ? -18.314 -1.971  -0.375  1.00 34.20 ? 62  LYS A NZ  1 
ATOM   508  N  N   . LYS A 1 63  ? -13.478 -1.740  5.275   1.00 12.30 ? 63  LYS A N   1 
ATOM   509  C  CA  . LYS A 1 63  ? -13.261 -0.477  5.993   1.00 13.80 ? 63  LYS A CA  1 
ATOM   510  C  C   . LYS A 1 63  ? -11.745 -0.230  6.237   1.00 13.30 ? 63  LYS A C   1 
ATOM   511  O  O   . LYS A 1 63  ? -11.269 0.873   6.101   1.00 12.90 ? 63  LYS A O   1 
ATOM   512  C  CB  . LYS A 1 63  ? -14.047 -0.498  7.324   1.00 16.00 ? 63  LYS A CB  1 
ATOM   513  C  CG  . LYS A 1 63  ? -13.731 0.654   8.237   1.00 21.50 ? 63  LYS A CG  1 
ATOM   514  C  CD  . LYS A 1 63  ? -14.973 1.070   9.036   1.00 26.10 ? 63  LYS A CD  1 
ATOM   515  C  CE  . LYS A 1 63  ? -15.708 -0.102  9.645   1.00 27.50 ? 63  LYS A CE  1 
ATOM   516  N  NZ  . LYS A 1 63  ? -16.081 0.255   11.069  1.00 27.90 ? 63  LYS A NZ  1 
ATOM   517  N  N   . HIS A 1 64  ? -11.004 -1.287  6.520   1.00 13.20 ? 64  HIS A N   1 
ATOM   518  C  CA  . HIS A 1 64  ? -9.565  -1.172  6.718   1.00 14.60 ? 64  HIS A CA  1 
ATOM   519  C  C   . HIS A 1 64  ? -8.861  -0.834  5.365   1.00 14.20 ? 64  HIS A C   1 
ATOM   520  O  O   . HIS A 1 64  ? -7.829  -0.119  5.366   1.00 12.70 ? 64  HIS A O   1 
ATOM   521  C  CB  . HIS A 1 64  ? -8.943  -2.415  7.355   1.00 15.20 ? 64  HIS A CB  1 
ATOM   522  C  CG  . HIS A 1 64  ? -7.492  -2.204  7.701   1.00 18.00 ? 64  HIS A CG  1 
ATOM   523  N  ND1 . HIS A 1 64  ? -7.086  -1.217  8.574   1.00 18.50 ? 64  HIS A ND1 1 
ATOM   524  C  CD2 . HIS A 1 64  ? -6.355  -2.744  7.198   1.00 18.90 ? 64  HIS A CD2 1 
ATOM   525  C  CE1 . HIS A 1 64  ? -5.769  -1.154  8.593   1.00 18.70 ? 64  HIS A CE1 1 
ATOM   526  N  NE2 . HIS A 1 64  ? -5.298  -2.066  7.767   1.00 18.60 ? 64  HIS A NE2 1 
ATOM   527  N  N   . GLY A 1 65  ? -9.362  -1.435  4.268   1.00 11.80 ? 65  GLY A N   1 
ATOM   528  C  CA  . GLY A 1 65  ? -8.867  -1.135  2.924   1.00 12.80 ? 65  GLY A CA  1 
ATOM   529  C  C   . GLY A 1 65  ? -8.957  0.372   2.636   1.00 12.00 ? 65  GLY A C   1 
ATOM   530  O  O   . GLY A 1 65  ? -8.042  0.980   2.071   1.00 13.00 ? 65  GLY A O   1 
ATOM   531  N  N   . VAL A 1 66  ? -10.055 1.003   3.018   1.00 11.40 ? 66  VAL A N   1 
ATOM   532  C  CA  . VAL A 1 66  ? -10.222 2.457   2.829   1.00 11.70 ? 66  VAL A CA  1 
ATOM   533  C  C   . VAL A 1 66  ? -9.174  3.201   3.694   1.00 11.80 ? 66  VAL A C   1 
ATOM   534  O  O   . VAL A 1 66  ? -8.596  4.197   3.238   1.00 11.30 ? 66  VAL A O   1 
ATOM   535  C  CB  . VAL A 1 66  ? -11.674 2.914   3.242   1.00 11.90 ? 66  VAL A CB  1 
ATOM   536  C  CG1 . VAL A 1 66  ? -11.819 4.358   3.171   1.00 11.50 ? 66  VAL A CG1 1 
ATOM   537  C  CG2 . VAL A 1 66  ? -12.687 2.249   2.301   1.00 15.50 ? 66  VAL A CG2 1 
ATOM   538  N  N   . THR A 1 67  ? -8.963  2.733   4.927   1.00 10.60 ? 67  THR A N   1 
ATOM   539  C  CA  . THR A 1 67  ? -7.963  3.343   5.808   1.00 12.90 ? 67  THR A CA  1 
ATOM   540  C  C   . THR A 1 67  ? -6.586  3.361   5.182   1.00 12.00 ? 67  THR A C   1 
ATOM   541  O  O   . THR A 1 67  ? -5.927  4.413   5.127   1.00 12.30 ? 67  THR A O   1 
ATOM   542  C  CB  . THR A 1 67  ? -7.871  2.623   7.170   1.00 14.00 ? 67  THR A CB  1 
ATOM   543  O  OG1 . THR A 1 67  ? -9.088  2.889   7.876   1.00 17.10 ? 67  THR A OG1 1 
ATOM   544  C  CG2 . THR A 1 67  ? -6.646  3.146   8.032   1.00 15.90 ? 67  THR A CG2 1 
ATOM   545  N  N   . VAL A 1 68  ? -6.176  2.206   4.680   1.00 11.00 ? 68  VAL A N   1 
ATOM   546  C  CA  . VAL A 1 68  ? -4.843  2.081   4.084   1.00 10.90 ? 68  VAL A CA  1 
ATOM   547  C  C   . VAL A 1 68  ? -4.659  2.948   2.838   1.00 12.10 ? 68  VAL A C   1 
ATOM   548  O  O   . VAL A 1 68  ? -3.706  3.733   2.712   1.00 11.30 ? 68  VAL A O   1 
ATOM   549  C  CB  . VAL A 1 68  ? -4.556  0.599   3.725   1.00 11.30 ? 68  VAL A CB  1 
ATOM   550  C  CG1 . VAL A 1 68  ? -3.201  0.534   2.927   1.00 12.70 ? 68  VAL A CG1 1 
ATOM   551  C  CG2 . VAL A 1 68  ? -4.490  -0.250  5.000   1.00 11.00 ? 68  VAL A CG2 1 
ATOM   552  N  N   . LEU A 1 69  ? -5.617  2.859   1.924   1.00 11.40 ? 69  LEU A N   1 
ATOM   553  C  CA  . LEU A 1 69  ? -5.490  3.598   0.699   1.00 11.50 ? 69  LEU A CA  1 
ATOM   554  C  C   . LEU A 1 69  ? -5.613  5.072   0.894   1.00 12.10 ? 69  LEU A C   1 
ATOM   555  O  O   . LEU A 1 69  ? -5.000  5.819   0.146   1.00 13.90 ? 69  LEU A O   1 
ATOM   556  C  CB  . LEU A 1 69  ? -6.462  3.108   -0.334  1.00 11.00 ? 69  LEU A CB  1 
ATOM   557  C  CG  . LEU A 1 69  ? -6.104  1.701   -0.778  1.00 12.50 ? 69  LEU A CG  1 
ATOM   558  C  CD1 . LEU A 1 69  ? -6.957  1.411   -2.022  1.00 16.90 ? 69  LEU A CD1 1 
ATOM   559  C  CD2 . LEU A 1 69  ? -4.694  1.561   -1.145  1.00 15.80 ? 69  LEU A CD2 1 
ATOM   560  N  N   . THR A 1 70  ? -6.403  5.505   1.869   1.00 12.60 ? 70  THR A N   1 
ATOM   561  C  CA  . THR A 1 70  ? -6.542  6.974   2.129   1.00 13.90 ? 70  THR A CA  1 
ATOM   562  C  C   . THR A 1 70  ? -5.209  7.542   2.644   1.00 13.20 ? 70  THR A C   1 
ATOM   563  O  O   . THR A 1 70  ? -4.798  8.644   2.224   1.00 13.40 ? 70  THR A O   1 
ATOM   564  C  CB  . THR A 1 70  ? -7.608  7.225   3.170   1.00 15.60 ? 70  THR A CB  1 
ATOM   565  O  OG1 . THR A 1 70  ? -8.871  6.856   2.581   1.00 18.70 ? 70  THR A OG1 1 
ATOM   566  C  CG2 . THR A 1 70  ? -7.658  8.690   3.493   1.00 17.70 ? 70  THR A CG2 1 
ATOM   567  N  N   . ALA A 1 71  ? -4.560  6.779   3.523   1.00 11.50 ? 71  ALA A N   1 
ATOM   568  C  CA  . ALA A 1 71  ? -3.233  7.190   4.067   1.00 12.20 ? 71  ALA A CA  1 
ATOM   569  C  C   . ALA A 1 71  ? -2.211  7.193   2.912   1.00 12.30 ? 71  ALA A C   1 
ATOM   570  O  O   . ALA A 1 71  ? -1.418  8.136   2.752   1.00 12.60 ? 71  ALA A O   1 
ATOM   571  C  CB  . ALA A 1 71  ? -2.767  6.238   5.163   1.00 10.90 ? 71  ALA A CB  1 
ATOM   572  N  N   . LEU A 1 72  ? -2.214  6.152   2.105   1.00 11.50 ? 72  LEU A N   1 
ATOM   573  C  CA  . LEU A 1 72  ? -1.266  6.114   1.000   1.00 12.00 ? 72  LEU A CA  1 
ATOM   574  C  C   . LEU A 1 72  ? -1.515  7.267   0.024   1.00 11.90 ? 72  LEU A C   1 
ATOM   575  O  O   . LEU A 1 72  ? -0.563  7.922   -0.455  1.00 12.90 ? 72  LEU A O   1 
ATOM   576  C  CB  . LEU A 1 72  ? -1.285  4.731   0.315   1.00 11.60 ? 72  LEU A CB  1 
ATOM   577  C  CG  . LEU A 1 72  ? -0.218  4.490   -0.770  1.00 12.30 ? 72  LEU A CG  1 
ATOM   578  C  CD1 . LEU A 1 72  ? 1.242   4.730   -0.220  1.00 11.40 ? 72  LEU A CD1 1 
ATOM   579  C  CD2 . LEU A 1 72  ? -0.354  3.094   -1.360  1.00 13.10 ? 72  LEU A CD2 1 
ATOM   580  N  N   . GLY A 1 73  ? -2.786  7.555   -0.269  1.00 10.70 ? 73  GLY A N   1 
ATOM   581  C  CA  . GLY A 1 73  ? -3.091  8.638   -1.186  1.00 12.20 ? 73  GLY A CA  1 
ATOM   582  C  C   . GLY A 1 73  ? -2.564  9.990   -0.680  1.00 13.50 ? 73  GLY A C   1 
ATOM   583  O  O   . GLY A 1 73  ? -1.958  10.762  -1.475  1.00 13.40 ? 73  GLY A O   1 
ATOM   584  N  N   . ALA A 1 74  ? -2.700  10.225  0.646   1.00 12.60 ? 74  ALA A N   1 
ATOM   585  C  CA  . ALA A 1 74  ? -2.234  11.476  1.241   1.00 12.30 ? 74  ALA A CA  1 
ATOM   586  C  C   . ALA A 1 74  ? -0.731  11.569  1.068   1.00 12.80 ? 74  ALA A C   1 
ATOM   587  O  O   . ALA A 1 74  ? -0.204  12.647  0.827   1.00 13.90 ? 74  ALA A O   1 
ATOM   588  C  CB  . ALA A 1 74  ? -2.613  11.568  2.695   1.00 13.20 ? 74  ALA A CB  1 
ATOM   589  N  N   . ILE A 1 75  ? -0.049  10.440  1.075   1.00 10.80 ? 75  ILE A N   1 
ATOM   590  C  CA  . ILE A 1 75  ? 1.394   10.462  0.917   1.00 11.90 ? 75  ILE A CA  1 
ATOM   591  C  C   . ILE A 1 75  ? 1.744   10.768  -0.549  1.00 12.30 ? 75  ILE A C   1 
ATOM   592  O  O   . ILE A 1 75  ? 2.608   11.623  -0.873  1.00 11.60 ? 75  ILE A O   1 
ATOM   593  C  CB  . ILE A 1 75  ? 2.019   9.093   1.426   1.00 12.10 ? 75  ILE A CB  1 
ATOM   594  C  CG1 . ILE A 1 75  ? 1.955   9.015   2.971   1.00 12.90 ? 75  ILE A CG1 1 
ATOM   595  C  CG2 . ILE A 1 75  ? 3.481   8.846   0.914   1.00 11.70 ? 75  ILE A CG2 1 
ATOM   596  C  CD1 . ILE A 1 75  ? 2.123   7.538   3.452   1.00 16.40 ? 75  ILE A CD1 1 
ATOM   597  N  N   . LEU A 1 76  ? 1.145   10.009  -1.449  1.00 12.60 ? 76  LEU A N   1 
ATOM   598  C  CA  . LEU A 1 76  ? 1.446   10.209  -2.867  1.00 13.70 ? 76  LEU A CA  1 
ATOM   599  C  C   . LEU A 1 76  ? 1.210   11.652  -3.353  1.00 14.40 ? 76  LEU A C   1 
ATOM   600  O  O   . LEU A 1 76  ? 2.016   12.168  -4.151  1.00 15.30 ? 76  LEU A O   1 
ATOM   601  C  CB  . LEU A 1 76  ? 0.650   9.214   -3.731  1.00 13.40 ? 76  LEU A CB  1 
ATOM   602  C  CG  . LEU A 1 76  ? 1.035   7.750   -3.455  1.00 14.60 ? 76  LEU A CG  1 
ATOM   603  C  CD1 . LEU A 1 76  ? 0.109   6.887   -4.332  1.00 16.40 ? 76  LEU A CD1 1 
ATOM   604  C  CD2 . LEU A 1 76  ? 2.522   7.462   -3.777  1.00 14.70 ? 76  LEU A CD2 1 
ATOM   605  N  N   . LYS A 1 77  ? 0.167   12.314  -2.844  1.00 13.30 ? 77  LYS A N   1 
ATOM   606  C  CA  . LYS A 1 77  ? -0.133  13.658  -3.292  1.00 14.50 ? 77  LYS A CA  1 
ATOM   607  C  C   . LYS A 1 77  ? 0.866   14.725  -2.801  1.00 15.80 ? 77  LYS A C   1 
ATOM   608  O  O   . LYS A 1 77  ? 0.801   15.867  -3.214  1.00 16.30 ? 77  LYS A O   1 
ATOM   609  C  CB  . LYS A 1 77  ? -1.553  14.013  -2.913  1.00 15.50 ? 77  LYS A CB  1 
ATOM   610  C  CG  . LYS A 1 77  ? -2.581  13.160  -3.669  1.00 16.70 ? 77  LYS A CG  1 
ATOM   611  C  CD  . LYS A 1 77  ? -3.963  13.368  -3.086  1.00 17.50 ? 77  LYS A CD  1 
ATOM   612  C  CE  . LYS A 1 77  ? -4.920  12.313  -3.648  1.00 19.00 ? 77  LYS A CE  1 
ATOM   613  N  NZ  . LYS A 1 77  ? -6.293  12.679  -3.254  1.00 20.10 ? 77  LYS A NZ  1 
ATOM   614  N  N   . LYS A 1 78  ? 1.780   14.326  -1.929  1.00 16.50 ? 78  LYS A N   1 
ATOM   615  C  CA  . LYS A 1 78  ? 2.813   15.216  -1.403  1.00 16.60 ? 78  LYS A CA  1 
ATOM   616  C  C   . LYS A 1 78  ? 4.046   15.177  -2.303  1.00 16.90 ? 78  LYS A C   1 
ATOM   617  O  O   . LYS A 1 78  ? 5.025   15.920  -2.078  1.00 16.40 ? 78  LYS A O   1 
ATOM   618  C  CB  . LYS A 1 78  ? 3.164   14.781  0.005   1.00 18.00 ? 78  LYS A CB  1 
ATOM   619  C  CG  . LYS A 1 78  ? 2.104   15.197  0.988   1.00 21.00 ? 78  LYS A CG  1 
ATOM   620  C  CD  . LYS A 1 78  ? 2.046   16.696  0.961   1.00 23.90 ? 78  LYS A CD  1 
ATOM   621  C  CE  . LYS A 1 78  ? 1.644   17.242  2.304   1.00 27.10 ? 78  LYS A CE  1 
ATOM   622  N  NZ  . LYS A 1 78  ? 0.445   16.528  2.797   1.00 29.20 ? 78  LYS A NZ  1 
ATOM   623  N  N   . LYS A 1 79  ? 4.017   14.275  -3.276  1.00 15.40 ? 79  LYS A N   1 
ATOM   624  C  CA  . LYS A 1 79  ? 5.105   14.130  -4.246  1.00 17.00 ? 79  LYS A CA  1 
ATOM   625  C  C   . LYS A 1 79  ? 6.503   14.166  -3.635  1.00 17.50 ? 79  LYS A C   1 
ATOM   626  O  O   . LYS A 1 79  ? 7.347   14.980  -4.036  1.00 17.10 ? 79  LYS A O   1 
ATOM   627  C  CB  . LYS A 1 79  ? 4.971   15.196  -5.346  1.00 17.30 ? 79  LYS A CB  1 
ATOM   628  C  CG  . LYS A 1 79  ? 3.624   15.094  -6.082  1.00 17.90 ? 79  LYS A CG  1 
ATOM   629  C  CD  . LYS A 1 79  ? 3.270   16.366  -6.835  1.00 18.50 ? 79  LYS A CD  1 
ATOM   630  C  CE  . LYS A 1 79  ? 4.194   16.693  -7.947  1.00 18.30 ? 79  LYS A CE  1 
ATOM   631  N  NZ  . LYS A 1 79  ? 3.772   18.008  -8.617  1.00 16.60 ? 79  LYS A NZ  1 
ATOM   632  N  N   . GLY A 1 80  ? 6.730   13.258  -2.684  1.00 17.30 ? 80  GLY A N   1 
ATOM   633  C  CA  . GLY A 1 80  ? 8.016   13.129  -2.032  1.00 17.90 ? 80  GLY A CA  1 
ATOM   634  C  C   . GLY A 1 80  ? 8.174   13.943  -0.756  1.00 18.90 ? 80  GLY A C   1 
ATOM   635  O  O   . GLY A 1 80  ? 9.022   13.590  0.050   1.00 19.30 ? 80  GLY A O   1 
ATOM   636  N  N   . HIS A 1 81  ? 7.358   14.975  -0.542  1.00 17.80 ? 81  HIS A N   1 
ATOM   637  C  CA  . HIS A 1 81  ? 7.513   15.824  0.646   1.00 20.00 ? 81  HIS A CA  1 
ATOM   638  C  C   . HIS A 1 81  ? 6.568   15.325  1.702   1.00 18.00 ? 81  HIS A C   1 
ATOM   639  O  O   . HIS A 1 81  ? 5.747   16.075  2.222   1.00 17.90 ? 81  HIS A O   1 
ATOM   640  C  CB  . HIS A 1 81  ? 7.158   17.271  0.297   1.00 21.80 ? 81  HIS A CB  1 
ATOM   641  C  CG  . HIS A 1 81  ? 8.045   17.859  -0.742  1.00 26.20 ? 81  HIS A CG  1 
ATOM   642  N  ND1 . HIS A 1 81  ? 7.903   17.589  -2.087  1.00 29.00 ? 81  HIS A ND1 1 
ATOM   643  C  CD2 . HIS A 1 81  ? 9.082   18.721  -0.639  1.00 27.70 ? 81  HIS A CD2 1 
ATOM   644  C  CE1 . HIS A 1 81  ? 8.811   18.258  -2.767  1.00 29.70 ? 81  HIS A CE1 1 
ATOM   645  N  NE2 . HIS A 1 81  ? 9.539   18.957  -1.915  1.00 29.20 ? 81  HIS A NE2 1 
ATOM   646  N  N   . HIS A 1 82  ? 6.785   14.081  2.102   1.00 18.10 ? 82  HIS A N   1 
ATOM   647  C  CA  . HIS A 1 82  ? 5.841   13.414  3.013   1.00 17.20 ? 82  HIS A CA  1 
ATOM   648  C  C   . HIS A 1 82  ? 6.300   13.151  4.417   1.00 17.70 ? 82  HIS A C   1 
ATOM   649  O  O   . HIS A 1 82  ? 5.819   12.215  5.055   1.00 16.70 ? 82  HIS A O   1 
ATOM   650  C  CB  . HIS A 1 82  ? 5.445   12.104  2.333   1.00 16.20 ? 82  HIS A CB  1 
ATOM   651  C  CG  . HIS A 1 82  ? 6.628   11.292  1.898   1.00 15.10 ? 82  HIS A CG  1 
ATOM   652  N  ND1 . HIS A 1 82  ? 6.724   10.716  0.649   1.00 14.50 ? 82  HIS A ND1 1 
ATOM   653  C  CD2 . HIS A 1 82  ? 7.801   11.008  2.534   1.00 15.80 ? 82  HIS A CD2 1 
ATOM   654  C  CE1 . HIS A 1 82  ? 7.900   10.124  0.526   1.00 17.70 ? 82  HIS A CE1 1 
ATOM   655  N  NE2 . HIS A 1 82  ? 8.571   10.283  1.662   1.00 15.40 ? 82  HIS A NE2 1 
ATOM   656  N  N   . GLU A 1 83  ? 7.262   13.939  4.883   1.00 18.50 ? 83  GLU A N   1 
ATOM   657  C  CA  . GLU A 1 83  ? 7.783   13.789  6.229   1.00 21.40 ? 83  GLU A CA  1 
ATOM   658  C  C   . GLU A 1 83  ? 6.725   13.691  7.343   1.00 21.00 ? 83  GLU A C   1 
ATOM   659  O  O   . GLU A 1 83  ? 6.697   12.695  8.070   1.00 21.10 ? 83  GLU A O   1 
ATOM   660  C  CB  . GLU A 1 83  ? 8.812   14.882  6.545   1.00 25.10 ? 83  GLU A CB  1 
ATOM   661  C  CG  . GLU A 1 83  ? 8.438   16.302  5.968   1.00 30.40 ? 83  GLU A CG  1 
ATOM   662  C  CD  . GLU A 1 83  ? 8.844   16.517  4.483   1.00 32.50 ? 83  GLU A CD  1 
ATOM   663  O  OE1 . GLU A 1 83  ? 9.792   15.845  4.013   1.00 33.50 ? 83  GLU A OE1 1 
ATOM   664  O  OE2 . GLU A 1 83  ? 8.241   17.400  3.814   1.00 34.30 ? 83  GLU A OE2 1 
ATOM   665  N  N   . ALA A 1 84  ? 5.854   14.681  7.433   1.00 21.30 ? 84  ALA A N   1 
ATOM   666  C  CA  . ALA A 1 84  ? 4.831   14.688  8.476   1.00 22.70 ? 84  ALA A CA  1 
ATOM   667  C  C   . ALA A 1 84  ? 3.842   13.509  8.390   1.00 22.40 ? 84  ALA A C   1 
ATOM   668  O  O   . ALA A 1 84  ? 3.300   13.073  9.398   1.00 21.70 ? 84  ALA A O   1 
ATOM   669  C  CB  . ALA A 1 84  ? 4.059   15.996  8.453   1.00 22.70 ? 84  ALA A CB  1 
ATOM   670  N  N   . GLU A 1 85  ? 3.627   12.997  7.194   1.00 22.10 ? 85  GLU A N   1 
ATOM   671  C  CA  . GLU A 1 85  ? 2.689   11.898  7.011   1.00 24.40 ? 85  GLU A CA  1 
ATOM   672  C  C   . GLU A 1 85  ? 3.330   10.540  7.234   1.00 24.20 ? 85  GLU A C   1 
ATOM   673  O  O   . GLU A 1 85  ? 2.742   9.634   7.853   1.00 24.60 ? 85  GLU A O   1 
ATOM   674  C  CB  . GLU A 1 85  ? 2.087   11.953  5.602   1.00 25.80 ? 85  GLU A CB  1 
ATOM   675  C  CG  . GLU A 1 85  ? 1.254   13.226  5.274   1.00 28.90 ? 85  GLU A CG  1 
ATOM   676  C  CD  . GLU A 1 85  ? 2.092   14.491  5.095   1.00 30.70 ? 85  GLU A CD  1 
ATOM   677  O  OE1 . GLU A 1 85  ? 3.316   14.407  4.900   1.00 30.40 ? 85  GLU A OE1 1 
ATOM   678  O  OE2 . GLU A 1 85  ? 1.519   15.594  5.165   1.00 33.90 ? 85  GLU A OE2 1 
ATOM   679  N  N   . LEU A 1 86  ? 4.580   10.418  6.817   1.00 23.50 ? 86  LEU A N   1 
ATOM   680  C  CA  . LEU A 1 86  ? 5.262   9.152   6.917   1.00 23.10 ? 86  LEU A CA  1 
ATOM   681  C  C   . LEU A 1 86  ? 5.751   8.804   8.313   1.00 22.40 ? 86  LEU A C   1 
ATOM   682  O  O   . LEU A 1 86  ? 5.665   7.633   8.740   1.00 20.40 ? 86  LEU A O   1 
ATOM   683  C  CB  . LEU A 1 86  ? 6.364   9.119   5.851   1.00 23.80 ? 86  LEU A CB  1 
ATOM   684  C  CG  . LEU A 1 86  ? 6.934   7.795   5.405   1.00 25.80 ? 86  LEU A CG  1 
ATOM   685  C  CD1 . LEU A 1 86  ? 7.187   7.725   3.926   1.00 26.10 ? 86  LEU A CD1 1 
ATOM   686  C  CD2 . LEU A 1 86  ? 8.237   7.630   6.153   1.00 29.30 ? 86  LEU A CD2 1 
ATOM   687  N  N   . LYS A 1 87  ? 6.135   9.816   9.087   1.00 21.90 ? 87  LYS A N   1 
ATOM   688  C  CA  . LYS A 1 87  ? 6.675   9.534   10.428  1.00 23.80 ? 87  LYS A CA  1 
ATOM   689  C  C   . LYS A 1 87  ? 5.811   8.740   11.409  1.00 22.30 ? 87  LYS A C   1 
ATOM   690  O  O   . LYS A 1 87  ? 6.274   7.780   12.017  1.00 22.30 ? 87  LYS A O   1 
ATOM   691  C  CB  . LYS A 1 87  ? 7.207   10.812  11.082  1.00 27.60 ? 87  LYS A CB  1 
ATOM   692  C  CG  . LYS A 1 87  ? 8.126   10.549  12.241  1.00 31.40 ? 87  LYS A CG  1 
ATOM   693  C  CD  . LYS A 1 87  ? 7.660   11.335  13.449  1.00 35.50 ? 87  LYS A CD  1 
ATOM   694  C  CE  . LYS A 1 87  ? 8.852   11.913  14.235  1.00 35.90 ? 87  LYS A CE  1 
ATOM   695  N  NZ  . LYS A 1 87  ? 9.957   12.455  13.370  1.00 37.60 ? 87  LYS A NZ  1 
ATOM   696  N  N   . PRO A 1 88  ? 4.530   9.123   11.580  1.00 21.20 ? 88  PRO A N   1 
ATOM   697  C  CA  . PRO A 1 88  ? 3.598   8.434   12.493  1.00 19.00 ? 88  PRO A CA  1 
ATOM   698  C  C   . PRO A 1 88  ? 3.353   7.016   12.015  1.00 17.70 ? 88  PRO A C   1 
ATOM   699  O  O   . PRO A 1 88  ? 3.191   6.065   12.787  1.00 16.20 ? 88  PRO A O   1 
ATOM   700  C  CB  . PRO A 1 88  ? 2.331   9.251   12.335  1.00 19.70 ? 88  PRO A CB  1 
ATOM   701  C  CG  . PRO A 1 88  ? 2.834   10.584  11.996  1.00 18.90 ? 88  PRO A CG  1 
ATOM   702  C  CD  . PRO A 1 88  ? 3.916   10.338  11.035  1.00 19.70 ? 88  PRO A CD  1 
ATOM   703  N  N   . LEU A 1 89  ? 3.294   6.898   10.703  1.00 16.90 ? 89  LEU A N   1 
ATOM   704  C  CA  . LEU A 1 89  ? 3.092   5.608   10.066  1.00 18.20 ? 89  LEU A CA  1 
ATOM   705  C  C   . LEU A 1 89  ? 4.268   4.623   10.360  1.00 16.60 ? 89  LEU A C   1 
ATOM   706  O  O   . LEU A 1 89  ? 4.071   3.465   10.714  1.00 15.30 ? 89  LEU A O   1 
ATOM   707  C  CB  . LEU A 1 89  ? 2.948   5.869   8.577   1.00 20.50 ? 89  LEU A CB  1 
ATOM   708  C  CG  . LEU A 1 89  ? 2.252   4.783   7.837   1.00 25.30 ? 89  LEU A CG  1 
ATOM   709  C  CD1 . LEU A 1 89  ? 1.950   5.305   6.429   1.00 28.10 ? 89  LEU A CD1 1 
ATOM   710  C  CD2 . LEU A 1 89  ? 3.166   3.561   7.763   1.00 28.50 ? 89  LEU A CD2 1 
ATOM   711  N  N   . ALA A 1 90  ? 5.492   5.101   10.197  1.00 15.40 ? 90  ALA A N   1 
ATOM   712  C  CA  . ALA A 1 90  ? 6.669   4.261   10.448  1.00 15.60 ? 90  ALA A CA  1 
ATOM   713  C  C   . ALA A 1 90  ? 6.754   3.902   11.913  1.00 15.50 ? 90  ALA A C   1 
ATOM   714  O  O   . ALA A 1 90  ? 7.070   2.777   12.233  1.00 16.80 ? 90  ALA A O   1 
ATOM   715  C  CB  . ALA A 1 90  ? 7.969   4.969   10.021  1.00 15.60 ? 90  ALA A CB  1 
ATOM   716  N  N   . GLN A 1 91  ? 6.474   4.840   12.812  1.00 15.60 ? 91  GLN A N   1 
ATOM   717  C  CA  . GLN A 1 91  ? 6.530   4.521   14.243  1.00 18.50 ? 91  GLN A CA  1 
ATOM   718  C  C   . GLN A 1 91  ? 5.489   3.455   14.666  1.00 18.40 ? 91  GLN A C   1 
ATOM   719  O  O   . GLN A 1 91  ? 5.801   2.535   15.428  1.00 16.00 ? 91  GLN A O   1 
ATOM   720  C  CB  . GLN A 1 91  ? 6.355   5.809   15.086  1.00 22.90 ? 91  GLN A CB  1 
ATOM   721  C  CG  . GLN A 1 91  ? 7.464   6.868   14.782  1.00 29.30 ? 91  GLN A CG  1 
ATOM   722  C  CD  . GLN A 1 91  ? 7.473   8.134   15.705  1.00 32.90 ? 91  GLN A CD  1 
ATOM   723  O  OE1 . GLN A 1 91  ? 8.548   8.706   15.995  1.00 35.40 ? 91  GLN A OE1 1 
ATOM   724  N  NE2 . GLN A 1 91  ? 6.288   8.587   16.118  1.00 34.00 ? 91  GLN A NE2 1 
ATOM   725  N  N   . SER A 1 92  ? 4.246   3.562   14.149  1.00 16.80 ? 92  SER A N   1 
ATOM   726  C  CA  . SER A 1 92  ? 3.266   2.605   14.548  1.00 16.70 ? 92  SER A CA  1 
ATOM   727  C  C   . SER A 1 92  ? 3.587   1.246   13.903  1.00 16.20 ? 92  SER A C   1 
ATOM   728  O  O   . SER A 1 92  ? 3.527   0.191   14.572  1.00 15.70 ? 92  SER A O   1 
ATOM   729  C  CB  . SER A 1 92  ? 1.869   3.075   14.179  1.00 18.90 ? 92  SER A CB  1 
ATOM   730  O  OG  . SER A 1 92  ? 1.678   3.010   12.775  1.00 21.50 ? 92  SER A OG  1 
ATOM   731  N  N   . HIS A 1 93  ? 3.928   1.251   12.615  1.00 14.20 ? 93  HIS A N   1 
ATOM   732  C  CA  . HIS A 1 93  ? 4.208   -0.036  12.001  1.00 14.50 ? 93  HIS A CA  1 
ATOM   733  C  C   . HIS A 1 93  ? 5.475   -0.739  12.513  1.00 14.90 ? 93  HIS A C   1 
ATOM   734  O  O   . HIS A 1 93  ? 5.548   -1.981  12.577  1.00 13.30 ? 93  HIS A O   1 
ATOM   735  C  CB  . HIS A 1 93  ? 4.124   0.061   10.489  1.00 14.80 ? 93  HIS A CB  1 
ATOM   736  C  CG  . HIS A 1 93  ? 2.707   0.211   9.995   1.00 14.60 ? 93  HIS A CG  1 
ATOM   737  N  ND1 . HIS A 1 93  ? 1.923   1.289   10.330  1.00 15.10 ? 93  HIS A ND1 1 
ATOM   738  C  CD2 . HIS A 1 93  ? 1.935   -0.582  9.206   1.00 13.50 ? 93  HIS A CD2 1 
ATOM   739  C  CE1 . HIS A 1 93  ? 0.725   1.154   9.781   1.00 14.20 ? 93  HIS A CE1 1 
ATOM   740  N  NE2 . HIS A 1 93  ? 0.712   0.026   9.103   1.00 12.60 ? 93  HIS A NE2 1 
ATOM   741  N  N   . ALA A 1 94  ? 6.461   0.050   12.925  1.00 14.70 ? 94  ALA A N   1 
ATOM   742  C  CA  . ALA A 1 94  ? 7.651   -0.544  13.478  1.00 17.10 ? 94  ALA A CA  1 
ATOM   743  C  C   . ALA A 1 94  ? 7.459   -1.023  14.918  1.00 18.10 ? 94  ALA A C   1 
ATOM   744  O  O   . ALA A 1 94  ? 7.752   -2.185  15.241  1.00 18.30 ? 94  ALA A O   1 
ATOM   745  C  CB  . ALA A 1 94  ? 8.815   0.467   13.448  1.00 15.10 ? 94  ALA A CB  1 
ATOM   746  N  N   . THR A 1 95  ? 6.945   -0.143  15.774  1.00 19.10 ? 95  THR A N   1 
ATOM   747  C  CA  . THR A 1 95  ? 6.891   -0.476  17.185  1.00 21.30 ? 95  THR A CA  1 
ATOM   748  C  C   . THR A 1 95  ? 5.616   -1.054  17.732  1.00 23.10 ? 95  THR A C   1 
ATOM   749  O  O   . THR A 1 95  ? 5.639   -1.705  18.788  1.00 24.00 ? 95  THR A O   1 
ATOM   750  C  CB  . THR A 1 95  ? 7.266   0.719   18.057  1.00 21.70 ? 95  THR A CB  1 
ATOM   751  O  OG1 . THR A 1 95  ? 6.159   1.611   18.124  1.00 23.30 ? 95  THR A OG1 1 
ATOM   752  C  CG2 . THR A 1 95  ? 8.464   1.495   17.468  1.00 21.70 ? 95  THR A CG2 1 
ATOM   753  N  N   . LYS A 1 96  ? 4.500   -0.768  17.076  1.00 22.60 ? 96  LYS A N   1 
ATOM   754  C  CA  . LYS A 1 96  ? 3.233   -1.294  17.554  1.00 23.30 ? 96  LYS A CA  1 
ATOM   755  C  C   . LYS A 1 96  ? 2.777   -2.519  16.786  1.00 21.80 ? 96  LYS A C   1 
ATOM   756  O  O   . LYS A 1 96  ? 2.462   -3.537  17.383  1.00 21.60 ? 96  LYS A O   1 
ATOM   757  C  CB  . LYS A 1 96  ? 2.129   -0.235  17.503  1.00 25.10 ? 96  LYS A CB  1 
ATOM   758  C  CG  . LYS A 1 96  ? 0.809   -0.765  18.082  1.00 29.70 ? 96  LYS A CG  1 
ATOM   759  C  CD  . LYS A 1 96  ? 0.427   -0.025  19.378  1.00 34.30 ? 96  LYS A CD  1 
ATOM   760  C  CE  . LYS A 1 96  ? -0.820  0.794   19.143  1.00 37.10 ? 96  LYS A CE  1 
ATOM   761  N  NZ  . LYS A 1 96  ? -0.728  1.472   17.784  1.00 39.90 ? 96  LYS A NZ  1 
ATOM   762  N  N   . HIS A 1 97  ? 2.758   -2.438  15.464  1.00 20.10 ? 97  HIS A N   1 
ATOM   763  C  CA  . HIS A 1 97  ? 2.296   -3.562  14.666  1.00 19.20 ? 97  HIS A CA  1 
ATOM   764  C  C   . HIS A 1 97  ? 3.376   -4.559  14.365  1.00 20.10 ? 97  HIS A C   1 
ATOM   765  O  O   . HIS A 1 97  ? 3.077   -5.717  14.086  1.00 20.30 ? 97  HIS A O   1 
ATOM   766  C  CB  . HIS A 1 97  ? 1.622   -3.054  13.383  1.00 18.90 ? 97  HIS A CB  1 
ATOM   767  C  CG  . HIS A 1 97  ? 0.565   -2.011  13.650  1.00 18.90 ? 97  HIS A CG  1 
ATOM   768  N  ND1 . HIS A 1 97  ? -0.369  -2.148  14.662  1.00 17.30 ? 97  HIS A ND1 1 
ATOM   769  C  CD2 . HIS A 1 97  ? 0.415   -0.746  13.173  1.00 17.80 ? 97  HIS A CD2 1 
ATOM   770  C  CE1 . HIS A 1 97  ? -1.028  -1.012  14.809  1.00 17.80 ? 97  HIS A CE1 1 
ATOM   771  N  NE2 . HIS A 1 97  ? -0.574  -0.149  13.917  1.00 18.20 ? 97  HIS A NE2 1 
ATOM   772  N  N   . LYS A 1 98  ? 4.637   -4.136  14.495  1.00 19.70 ? 98  LYS A N   1 
ATOM   773  C  CA  . LYS A 1 98  ? 5.807   -5.000  14.224  1.00 20.30 ? 98  LYS A CA  1 
ATOM   774  C  C   . LYS A 1 98  ? 5.752   -5.563  12.809  1.00 18.90 ? 98  LYS A C   1 
ATOM   775  O  O   . LYS A 1 98  ? 5.768   -6.780  12.598  1.00 19.50 ? 98  LYS A O   1 
ATOM   776  C  CB  . LYS A 1 98  ? 5.898   -6.153  15.218  1.00 22.50 ? 98  LYS A CB  1 
ATOM   777  C  CG  . LYS A 1 98  ? 5.379   -5.784  16.600  1.00 28.40 ? 98  LYS A CG  1 
ATOM   778  C  CD  . LYS A 1 98  ? 6.308   -6.161  17.683  1.00 32.00 ? 98  LYS A CD  1 
ATOM   779  C  CE  . LYS A 1 98  ? 7.054   -4.915  18.048  1.00 36.00 ? 98  LYS A CE  1 
ATOM   780  N  NZ  . LYS A 1 98  ? 7.593   -4.225  16.815  1.00 39.30 ? 98  LYS A NZ  1 
ATOM   781  N  N   . ILE A 1 99  ? 5.721   -4.667  11.836  1.00 17.10 ? 99  ILE A N   1 
ATOM   782  C  CA  . ILE A 1 99  ? 5.637   -5.052  10.439  1.00 15.70 ? 99  ILE A CA  1 
ATOM   783  C  C   . ILE A 1 99  ? 7.005   -4.969  9.814   1.00 17.00 ? 99  ILE A C   1 
ATOM   784  O  O   . ILE A 1 99  ? 7.566   -3.864  9.723   1.00 17.80 ? 99  ILE A O   1 
ATOM   785  C  CB  . ILE A 1 99  ? 4.685   -4.086  9.661   1.00 14.70 ? 99  ILE A CB  1 
ATOM   786  C  CG1 . ILE A 1 99  ? 3.280   -4.115  10.313  1.00 16.60 ? 99  ILE A CG1 1 
ATOM   787  C  CG2 . ILE A 1 99  ? 4.614   -4.454  8.161   1.00 15.40 ? 99  ILE A CG2 1 
ATOM   788  C  CD1 . ILE A 1 99  ? 2.734   -5.582  10.534  1.00 15.50 ? 99  ILE A CD1 1 
ATOM   789  N  N   . PRO A 1 100 ? 7.570   -6.109  9.378   1.00 16.70 ? 100 PRO A N   1 
ATOM   790  C  CA  . PRO A 1 100 ? 8.907   -6.009  8.750   1.00 17.70 ? 100 PRO A CA  1 
ATOM   791  C  C   . PRO A 1 100 ? 8.865   -5.296  7.402   1.00 17.60 ? 100 PRO A C   1 
ATOM   792  O  O   . PRO A 1 100 ? 7.865   -5.339  6.679   1.00 16.00 ? 100 PRO A O   1 
ATOM   793  C  CB  . PRO A 1 100 ? 9.360   -7.481  8.594   1.00 18.80 ? 100 PRO A CB  1 
ATOM   794  C  CG  . PRO A 1 100 ? 8.126   -8.284  8.735   1.00 18.00 ? 100 PRO A CG  1 
ATOM   795  C  CD  . PRO A 1 100 ? 7.211   -7.511  9.671   1.00 17.70 ? 100 PRO A CD  1 
ATOM   796  N  N   . ILE A 1 101 ? 9.945   -4.584  7.074   1.00 17.20 ? 101 ILE A N   1 
ATOM   797  C  CA  . ILE A 1 101 ? 10.015  -3.903  5.792   1.00 16.40 ? 101 ILE A CA  1 
ATOM   798  C  C   . ILE A 1 101 ? 9.631   -4.799  4.627   1.00 15.50 ? 101 ILE A C   1 
ATOM   799  O  O   . ILE A 1 101 ? 9.009   -4.331  3.685   1.00 15.60 ? 101 ILE A O   1 
ATOM   800  C  CB  . ILE A 1 101 ? 11.428  -3.289  5.553   1.00 18.50 ? 101 ILE A CB  1 
ATOM   801  C  CG1 . ILE A 1 101 ? 11.646  -2.117  6.519   1.00 20.90 ? 101 ILE A CG1 1 
ATOM   802  C  CG2 . ILE A 1 101 ? 11.569  -2.797  4.113   1.00 18.60 ? 101 ILE A CG2 1 
ATOM   803  C  CD1 . ILE A 1 101 ? 10.564  -1.053  6.450   1.00 21.80 ? 101 ILE A CD1 1 
ATOM   804  N  N   . LYS A 1 102 ? 10.001  -6.076  4.671   1.00 15.20 ? 102 LYS A N   1 
ATOM   805  C  CA  . LYS A 1 102 ? 9.671   -6.990  3.565   1.00 16.50 ? 102 LYS A CA  1 
ATOM   806  C  C   . LYS A 1 102 ? 8.156   -7.059  3.259   1.00 14.70 ? 102 LYS A C   1 
ATOM   807  O  O   . LYS A 1 102 ? 7.746   -7.219  2.104   1.00 14.00 ? 102 LYS A O   1 
ATOM   808  C  CB  . LYS A 1 102 ? 10.193  -8.406  3.858   1.00 17.90 ? 102 LYS A CB  1 
ATOM   809  C  CG  . LYS A 1 102 ? 10.032  -9.416  2.731   1.00 19.30 ? 102 LYS A CG  1 
ATOM   810  C  CD  . LYS A 1 102 ? 11.095  -9.081  1.663   1.00 22.60 ? 102 LYS A CD  1 
ATOM   811  C  CE  . LYS A 1 102 ? 11.415  -10.271 0.819   1.00 24.10 ? 102 LYS A CE  1 
ATOM   812  N  NZ  . LYS A 1 102 ? 12.086  -9.742  -0.397  1.00 24.30 ? 102 LYS A NZ  1 
ATOM   813  N  N   . TYR A 1 103 ? 7.341   -6.899  4.301   1.00 15.10 ? 103 TYR A N   1 
ATOM   814  C  CA  . TYR A 1 103 ? 5.880   -6.920  4.122   1.00 14.30 ? 103 TYR A CA  1 
ATOM   815  C  C   . TYR A 1 103 ? 5.426   -5.668  3.336   1.00 13.70 ? 103 TYR A C   1 
ATOM   816  O  O   . TYR A 1 103 ? 4.406   -5.699  2.640   1.00 13.00 ? 103 TYR A O   1 
ATOM   817  C  CB  . TYR A 1 103 ? 5.167   -7.015  5.487   1.00 14.50 ? 103 TYR A CB  1 
ATOM   818  C  CG  . TYR A 1 103 ? 5.259   -8.376  6.178   1.00 16.50 ? 103 TYR A CG  1 
ATOM   819  C  CD1 . TYR A 1 103 ? 6.173   -9.336  5.769   1.00 17.20 ? 103 TYR A CD1 1 
ATOM   820  C  CD2 . TYR A 1 103 ? 4.434   -8.677  7.264   1.00 17.90 ? 103 TYR A CD2 1 
ATOM   821  C  CE1 . TYR A 1 103 ? 6.280   -10.572 6.425   1.00 19.40 ? 103 TYR A CE1 1 
ATOM   822  C  CE2 . TYR A 1 103 ? 4.536   -9.899  7.924   1.00 19.70 ? 103 TYR A CE2 1 
ATOM   823  C  CZ  . TYR A 1 103 ? 5.465   -10.835 7.499   1.00 20.00 ? 103 TYR A CZ  1 
ATOM   824  O  OH  . TYR A 1 103 ? 5.606   -12.038 8.199   1.00 25.20 ? 103 TYR A OH  1 
ATOM   825  N  N   . LEU A 1 104 ? 6.151   -4.547  3.484   1.00 12.70 ? 104 LEU A N   1 
ATOM   826  C  CA  . LEU A 1 104 ? 5.804   -3.362  2.737   1.00 13.50 ? 104 LEU A CA  1 
ATOM   827  C  C   . LEU A 1 104 ? 6.135   -3.610  1.249   1.00 12.30 ? 104 LEU A C   1 
ATOM   828  O  O   . LEU A 1 104 ? 5.457   -3.090  0.371   1.00 13.30 ? 104 LEU A O   1 
ATOM   829  C  CB  . LEU A 1 104 ? 6.529   -2.127  3.286   1.00 14.50 ? 104 LEU A CB  1 
ATOM   830  C  CG  . LEU A 1 104 ? 6.337   -1.864  4.795   1.00 19.60 ? 104 LEU A CG  1 
ATOM   831  C  CD1 . LEU A 1 104 ? 7.214   -0.708  5.231   1.00 20.80 ? 104 LEU A CD1 1 
ATOM   832  C  CD2 . LEU A 1 104 ? 4.895   -1.537  5.163   1.00 21.10 ? 104 LEU A CD2 1 
ATOM   833  N  N   . GLU A 1 105 ? 7.162   -4.416  0.962   1.00 11.60 ? 105 GLU A N   1 
ATOM   834  C  CA  . GLU A 1 105 ? 7.469   -4.770  -0.414  1.00 11.90 ? 105 GLU A CA  1 
ATOM   835  C  C   . GLU A 1 105 ? 6.296   -5.656  -0.957  1.00 11.50 ? 105 GLU A C   1 
ATOM   836  O  O   . GLU A 1 105 ? 5.803   -5.470  -2.091  1.00 9.80  ? 105 GLU A O   1 
ATOM   837  C  CB  . GLU A 1 105 ? 8.792   -5.528  -0.471  1.00 13.00 ? 105 GLU A CB  1 
ATOM   838  C  CG  . GLU A 1 105 ? 9.147   -5.947  -1.872  1.00 18.00 ? 105 GLU A CG  1 
ATOM   839  C  CD  . GLU A 1 105 ? 10.430  -6.806  -1.955  1.00 19.50 ? 105 GLU A CD  1 
ATOM   840  O  OE1 . GLU A 1 105 ? 11.067  -7.055  -0.930  1.00 21.30 ? 105 GLU A OE1 1 
ATOM   841  O  OE2 . GLU A 1 105 ? 10.780  -7.212  -3.069  1.00 22.70 ? 105 GLU A OE2 1 
ATOM   842  N  N   . PHE A 1 106 ? 5.814   -6.576  -0.110  1.00 10.00 ? 106 PHE A N   1 
ATOM   843  C  CA  . PHE A 1 106 ? 4.666   -7.434  -0.534  1.00 12.10 ? 106 PHE A CA  1 
ATOM   844  C  C   . PHE A 1 106 ? 3.407   -6.623  -0.869  1.00 10.60 ? 106 PHE A C   1 
ATOM   845  O  O   . PHE A 1 106 ? 2.774   -6.830  -1.916  1.00 11.00 ? 106 PHE A O   1 
ATOM   846  C  CB  . PHE A 1 106 ? 4.280   -8.468  0.575   1.00 13.10 ? 106 PHE A CB  1 
ATOM   847  C  CG  . PHE A 1 106 ? 5.311   -9.495  0.843   1.00 13.30 ? 106 PHE A CG  1 
ATOM   848  C  CD1 . PHE A 1 106 ? 6.317   -9.769  -0.094  1.00 14.00 ? 106 PHE A CD1 1 
ATOM   849  C  CD2 . PHE A 1 106 ? 5.312   -10.184 2.052   1.00 15.50 ? 106 PHE A CD2 1 
ATOM   850  C  CE1 . PHE A 1 106 ? 7.312   -10.711 0.188   1.00 16.80 ? 106 PHE A CE1 1 
ATOM   851  C  CE2 . PHE A 1 106 ? 6.305   -11.117 2.328   1.00 16.10 ? 106 PHE A CE2 1 
ATOM   852  C  CZ  . PHE A 1 106 ? 7.298   -11.374 1.401   1.00 16.10 ? 106 PHE A CZ  1 
ATOM   853  N  N   . ILE A 1 107 ? 3.048   -5.678  -0.014  1.00 9.90  ? 107 ILE A N   1 
ATOM   854  C  CA  . ILE A 1 107 ? 1.827   -4.914  -0.321  1.00 11.20 ? 107 ILE A CA  1 
ATOM   855  C  C   . ILE A 1 107 ? 2.028   -4.018  -1.555  1.00 12.20 ? 107 ILE A C   1 
ATOM   856  O  O   . ILE A 1 107 ? 1.080   -3.788  -2.321  1.00 11.00 ? 107 ILE A O   1 
ATOM   857  C  CB  . ILE A 1 107 ? 1.289   -4.087  0.912   1.00 12.00 ? 107 ILE A CB  1 
ATOM   858  C  CG1 . ILE A 1 107 ? -0.205  -3.734  0.674   1.00 12.30 ? 107 ILE A CG1 1 
ATOM   859  C  CG2 . ILE A 1 107 ? 2.178   -2.810  1.203   1.00 10.50 ? 107 ILE A CG2 1 
ATOM   860  C  CD1 . ILE A 1 107 ? -0.903  -3.254  1.960   1.00 12.30 ? 107 ILE A CD1 1 
ATOM   861  N  N   . SER A 1 108 ? 3.276   -3.563  -1.781  1.00 10.40 ? 108 SER A N   1 
ATOM   862  C  CA  . SER A 1 108 ? 3.546   -2.761  -2.975  1.00 11.10 ? 108 SER A CA  1 
ATOM   863  C  C   . SER A 1 108 ? 3.248   -3.576  -4.217  1.00 9.40  ? 108 SER A C   1 
ATOM   864  O  O   . SER A 1 108 ? 2.705   -3.051  -5.185  1.00 10.20 ? 108 SER A O   1 
ATOM   865  C  CB  . SER A 1 108 ? 5.011   -2.308  -2.994  1.00 10.80 ? 108 SER A CB  1 
ATOM   866  O  OG  . SER A 1 108 ? 5.196   -1.425  -1.884  1.00 12.20 ? 108 SER A OG  1 
ATOM   867  N  N   . GLU A 1 109 ? 3.647   -4.852  -4.182  1.00 11.60 ? 109 GLU A N   1 
ATOM   868  C  CA  . GLU A 1 109 ? 3.451   -5.772  -5.326  1.00 14.50 ? 109 GLU A CA  1 
ATOM   869  C  C   . GLU A 1 109 ? 1.942   -5.952  -5.545  1.00 12.70 ? 109 GLU A C   1 
ATOM   870  O  O   . GLU A 1 109 ? 1.447   -5.918  -6.678  1.00 11.20 ? 109 GLU A O   1 
ATOM   871  C  CB  . GLU A 1 109 ? 4.096   -7.164  -5.060  1.00 19.30 ? 109 GLU A CB  1 
ATOM   872  C  CG  . GLU A 1 109 ? 5.636   -7.309  -5.154  1.00 27.70 ? 109 GLU A CG  1 
ATOM   873  C  CD  . GLU A 1 109 ? 6.126   -8.773  -4.791  1.00 34.90 ? 109 GLU A CD  1 
ATOM   874  O  OE1 . GLU A 1 109 ? 6.110   -9.162  -3.578  1.00 37.30 ? 109 GLU A OE1 1 
ATOM   875  O  OE2 . GLU A 1 109 ? 6.506   -9.553  -5.719  1.00 39.10 ? 109 GLU A OE2 1 
ATOM   876  N  N   . ALA A 1 110 ? 1.219   -6.090  -4.445  1.00 12.30 ? 110 ALA A N   1 
ATOM   877  C  CA  . ALA A 1 110 ? -0.254  -6.277  -4.521  1.00 12.40 ? 110 ALA A CA  1 
ATOM   878  C  C   . ALA A 1 110 ? -0.939  -5.041  -5.127  1.00 12.60 ? 110 ALA A C   1 
ATOM   879  O  O   . ALA A 1 110 ? -1.874  -5.144  -5.934  1.00 13.60 ? 110 ALA A O   1 
ATOM   880  C  CB  . ALA A 1 110 ? -0.818  -6.613  -3.114  1.00 12.00 ? 110 ALA A CB  1 
ATOM   881  N  N   . ILE A 1 111 ? -0.473  -3.852  -4.744  1.00 11.90 ? 111 ILE A N   1 
ATOM   882  C  CA  . ILE A 1 111 ? -1.017  -2.630  -5.272  1.00 11.80 ? 111 ILE A CA  1 
ATOM   883  C  C   . ILE A 1 111 ? -0.801  -2.577  -6.780  1.00 13.30 ? 111 ILE A C   1 
ATOM   884  O  O   . ILE A 1 111 ? -1.734  -2.320  -7.552  1.00 13.40 ? 111 ILE A O   1 
ATOM   885  C  CB  . ILE A 1 111 ? -0.340  -1.436  -4.590  1.00 13.00 ? 111 ILE A CB  1 
ATOM   886  C  CG1 . ILE A 1 111 ? -0.804  -1.358  -3.129  1.00 11.20 ? 111 ILE A CG1 1 
ATOM   887  C  CG2 . ILE A 1 111 ? -0.623  -0.142  -5.362  1.00 14.10 ? 111 ILE A CG2 1 
ATOM   888  C  CD1 . ILE A 1 111 ? -0.121  -0.260  -2.333  1.00 12.70 ? 111 ILE A CD1 1 
ATOM   889  N  N   . ILE A 1 112 ? 0.411   -2.898  -7.222  1.00 13.10 ? 112 ILE A N   1 
ATOM   890  C  CA  . ILE A 1 112 ? 0.714   -2.894  -8.655  1.00 15.10 ? 112 ILE A CA  1 
ATOM   891  C  C   . ILE A 1 112 ? -0.121  -3.890  -9.434  1.00 14.90 ? 112 ILE A C   1 
ATOM   892  O  O   . ILE A 1 112 ? -0.667  -3.561  -10.466 1.00 16.20 ? 112 ILE A O   1 
ATOM   893  C  CB  . ILE A 1 112 ? 2.224   -3.071  -8.907  1.00 15.50 ? 112 ILE A CB  1 
ATOM   894  C  CG1 . ILE A 1 112 ? 2.898   -1.736  -8.545  1.00 16.30 ? 112 ILE A CG1 1 
ATOM   895  C  CG2 . ILE A 1 112 ? 2.493   -3.419  -10.372 1.00 16.40 ? 112 ILE A CG2 1 
ATOM   896  C  CD1 . ILE A 1 112 ? 4.343   -1.872  -8.355  1.00 18.50 ? 112 ILE A CD1 1 
ATOM   897  N  N   . HIS A 1 113 ? -0.287  -5.069  -8.875  1.00 16.30 ? 113 HIS A N   1 
ATOM   898  C  CA  . HIS A 1 113 ? -1.085  -6.119  -9.498  1.00 18.50 ? 113 HIS A CA  1 
ATOM   899  C  C   . HIS A 1 113 ? -2.555  -5.625  -9.679  1.00 18.50 ? 113 HIS A C   1 
ATOM   900  O  O   . HIS A 1 113 ? -3.148  -5.663  -10.784 1.00 17.10 ? 113 HIS A O   1 
ATOM   901  C  CB  . HIS A 1 113 ? -1.084  -7.354  -8.584  1.00 22.50 ? 113 HIS A CB  1 
ATOM   902  C  CG  . HIS A 1 113 ? -1.879  -8.488  -9.144  1.00 28.20 ? 113 HIS A CG  1 
ATOM   903  N  ND1 . HIS A 1 113 ? -1.374  -9.312  -10.124 1.00 30.80 ? 113 HIS A ND1 1 
ATOM   904  C  CD2 . HIS A 1 113 ? -3.198  -8.784  -9.041  1.00 29.50 ? 113 HIS A CD2 1 
ATOM   905  C  CE1 . HIS A 1 113 ? -2.355  -10.046 -10.629 1.00 31.40 ? 113 HIS A CE1 1 
ATOM   906  N  NE2 . HIS A 1 113 ? -3.466  -9.743  -9.990  1.00 30.80 ? 113 HIS A NE2 1 
ATOM   907  N  N   . VAL A 1 114 ? -3.110  -5.066  -8.613  1.00 15.60 ? 114 VAL A N   1 
ATOM   908  C  CA  . VAL A 1 114 ? -4.491  -4.606  -8.701  1.00 16.10 ? 114 VAL A CA  1 
ATOM   909  C  C   . VAL A 1 114 ? -4.693  -3.438  -9.664  1.00 17.00 ? 114 VAL A C   1 
ATOM   910  O  O   . VAL A 1 114 ? -5.665  -3.442  -10.434 1.00 16.90 ? 114 VAL A O   1 
ATOM   911  C  CB  . VAL A 1 114 ? -5.074  -4.330  -7.281  1.00 15.30 ? 114 VAL A CB  1 
ATOM   912  C  CG1 . VAL A 1 114 ? -6.499  -3.698  -7.354  1.00 15.70 ? 114 VAL A CG1 1 
ATOM   913  C  CG2 . VAL A 1 114 ? -5.057  -5.645  -6.445  1.00 13.00 ? 114 VAL A CG2 1 
ATOM   914  N  N   . LEU A 1 115 ? -3.797  -2.444  -9.662  1.00 17.60 ? 115 LEU A N   1 
ATOM   915  C  CA  . LEU A 1 115 ? -3.960  -1.301  -10.586 1.00 19.40 ? 115 LEU A CA  1 
ATOM   916  C  C   . LEU A 1 115 ? -3.905  -1.796  -12.011 1.00 20.60 ? 115 LEU A C   1 
ATOM   917  O  O   . LEU A 1 115 ? -4.597  -1.274  -12.887 1.00 20.50 ? 115 LEU A O   1 
ATOM   918  C  CB  . LEU A 1 115 ? -2.876  -0.250  -10.426 1.00 19.20 ? 115 LEU A CB  1 
ATOM   919  C  CG  . LEU A 1 115 ? -2.764  0.422   -9.091  1.00 20.90 ? 115 LEU A CG  1 
ATOM   920  C  CD1 . LEU A 1 115 ? -1.734  1.543   -9.106  1.00 20.90 ? 115 LEU A CD1 1 
ATOM   921  C  CD2 . LEU A 1 115 ? -4.082  0.888   -8.677  1.00 20.70 ? 115 LEU A CD2 1 
ATOM   922  N  N   . HIS A 1 116 ? -3.128  -2.846  -12.219 1.00 21.70 ? 116 HIS A N   1 
ATOM   923  C  CA  . HIS A 1 116 ? -2.989  -3.384  -13.544 1.00 26.20 ? 116 HIS A CA  1 
ATOM   924  C  C   . HIS A 1 116 ? -4.283  -4.070  -13.977 1.00 26.60 ? 116 HIS A C   1 
ATOM   925  O  O   . HIS A 1 116 ? -4.714  -3.887  -15.114 1.00 26.10 ? 116 HIS A O   1 
ATOM   926  C  CB  . HIS A 1 116 ? -1.795  -4.329  -13.652 1.00 28.60 ? 116 HIS A CB  1 
ATOM   927  C  CG  . HIS A 1 116 ? -1.590  -4.824  -15.038 1.00 31.70 ? 116 HIS A CG  1 
ATOM   928  N  ND1 . HIS A 1 116 ? -1.170  -3.988  -16.053 1.00 33.80 ? 116 HIS A ND1 1 
ATOM   929  C  CD2 . HIS A 1 116 ? -1.932  -5.995  -15.628 1.00 32.20 ? 116 HIS A CD2 1 
ATOM   930  C  CE1 . HIS A 1 116 ? -1.284  -4.613  -17.213 1.00 34.90 ? 116 HIS A CE1 1 
ATOM   931  N  NE2 . HIS A 1 116 ? -1.746  -5.835  -16.983 1.00 35.40 ? 116 HIS A NE2 1 
ATOM   932  N  N   . SER A 1 117 ? -4.902  -4.817  -13.059 1.00 26.70 ? 117 SER A N   1 
ATOM   933  C  CA  . SER A 1 117 ? -6.154  -5.509  -13.330 1.00 28.00 ? 117 SER A CA  1 
ATOM   934  C  C   . SER A 1 117 ? -7.315  -4.573  -13.624 1.00 28.60 ? 117 SER A C   1 
ATOM   935  O  O   . SER A 1 117 ? -8.141  -4.825  -14.491 1.00 29.50 ? 117 SER A O   1 
ATOM   936  C  CB  . SER A 1 117 ? -6.567  -6.311  -12.126 1.00 28.50 ? 117 SER A CB  1 
ATOM   937  O  OG  . SER A 1 117 ? -5.800  -7.486  -12.042 1.00 31.80 ? 117 SER A OG  1 
ATOM   938  N  N   . ARG A 1 118 ? -7.375  -3.488  -12.878 1.00 28.20 ? 118 ARG A N   1 
ATOM   939  C  CA  . ARG A 1 118 ? -8.439  -2.560  -12.989 1.00 27.30 ? 118 ARG A CA  1 
ATOM   940  C  C   . ARG A 1 118 ? -8.280  -1.380  -13.948 1.00 28.40 ? 118 ARG A C   1 
ATOM   941  O  O   . ARG A 1 118 ? -9.269  -0.705  -14.270 1.00 27.90 ? 118 ARG A O   1 
ATOM   942  C  CB  . ARG A 1 118 ? -8.717  -2.052  -11.571 1.00 27.40 ? 118 ARG A CB  1 
ATOM   943  C  CG  . ARG A 1 118 ? -9.247  -3.110  -10.583 1.00 28.10 ? 118 ARG A CG  1 
ATOM   944  C  CD  . ARG A 1 118 ? -9.792  -2.336  -9.391  1.00 30.70 ? 118 ARG A CD  1 
ATOM   945  N  NE  . ARG A 1 118 ? -10.657 -3.095  -8.496  1.00 31.60 ? 118 ARG A NE  1 
ATOM   946  C  CZ  . ARG A 1 118 ? -11.866 -2.691  -8.106  1.00 30.50 ? 118 ARG A CZ  1 
ATOM   947  N  NH1 . ARG A 1 118 ? -12.399 -1.586  -8.593  1.00 29.00 ? 118 ARG A NH1 1 
ATOM   948  N  NH2 . ARG A 1 118 ? -12.570 -3.445  -7.278  1.00 31.70 ? 118 ARG A NH2 1 
ATOM   949  N  N   . HIS A 1 119 ? -7.056  -1.058  -14.357 1.00 27.60 ? 119 HIS A N   1 
ATOM   950  C  CA  . HIS A 1 119 ? -6.874  0.099   -15.211 1.00 29.20 ? 119 HIS A CA  1 
ATOM   951  C  C   . HIS A 1 119 ? -5.811  -0.024  -16.283 1.00 31.00 ? 119 HIS A C   1 
ATOM   952  O  O   . HIS A 1 119 ? -4.945  0.866   -16.400 1.00 30.90 ? 119 HIS A O   1 
ATOM   953  C  CB  . HIS A 1 119 ? -6.555  1.310   -14.359 1.00 28.00 ? 119 HIS A CB  1 
ATOM   954  C  CG  . HIS A 1 119 ? -7.453  1.439   -13.177 1.00 30.00 ? 119 HIS A CG  1 
ATOM   955  N  ND1 . HIS A 1 119 ? -8.650  2.116   -13.220 1.00 28.90 ? 119 HIS A ND1 1 
ATOM   956  C  CD2 . HIS A 1 119 ? -7.295  1.029   -11.893 1.00 29.70 ? 119 HIS A CD2 1 
ATOM   957  C  CE1 . HIS A 1 119 ? -9.182  2.141   -12.013 1.00 30.20 ? 119 HIS A CE1 1 
ATOM   958  N  NE2 . HIS A 1 119 ? -8.375  1.491   -11.190 1.00 29.50 ? 119 HIS A NE2 1 
ATOM   959  N  N   . PRO A 1 120 ? -5.924  -1.056  -17.145 1.00 32.30 ? 120 PRO A N   1 
ATOM   960  C  CA  . PRO A 1 120 ? -4.967  -1.300  -18.235 1.00 33.20 ? 120 PRO A CA  1 
ATOM   961  C  C   . PRO A 1 120 ? -4.645  -0.081  -19.118 1.00 33.30 ? 120 PRO A C   1 
ATOM   962  O  O   . PRO A 1 120 ? -3.479  0.257   -19.316 1.00 35.10 ? 120 PRO A O   1 
ATOM   963  C  CB  . PRO A 1 120 ? -5.590  -2.484  -18.993 1.00 33.00 ? 120 PRO A CB  1 
ATOM   964  C  CG  . PRO A 1 120 ? -7.033  -2.442  -18.631 1.00 33.70 ? 120 PRO A CG  1 
ATOM   965  C  CD  . PRO A 1 120 ? -7.017  -2.042  -17.180 1.00 32.60 ? 120 PRO A CD  1 
ATOM   966  N  N   . GLY A 1 121 ? -5.656  0.668   -19.495 1.00 32.80 ? 121 GLY A N   1 
ATOM   967  C  CA  . GLY A 1 121 ? -5.430  1.836   -20.312 1.00 33.30 ? 121 GLY A CA  1 
ATOM   968  C  C   . GLY A 1 121 ? -4.673  2.948   -19.631 1.00 34.10 ? 121 GLY A C   1 
ATOM   969  O  O   . GLY A 1 121 ? -3.933  3.690   -20.294 1.00 35.50 ? 121 GLY A O   1 
ATOM   970  N  N   . ASP A 1 122 ? -4.864  3.132   -18.335 1.00 33.30 ? 122 ASP A N   1 
ATOM   971  C  CA  . ASP A 1 122 ? -4.125  4.202   -17.668 1.00 33.40 ? 122 ASP A CA  1 
ATOM   972  C  C   . ASP A 1 122 ? -2.937  3.606   -16.909 1.00 31.20 ? 122 ASP A C   1 
ATOM   973  O  O   . ASP A 1 122 ? -2.266  4.305   -16.118 1.00 31.70 ? 122 ASP A O   1 
ATOM   974  C  CB  . ASP A 1 122 ? -5.031  5.013   -16.704 1.00 37.30 ? 122 ASP A CB  1 
ATOM   975  C  CG  . ASP A 1 122 ? -5.872  6.109   -17.429 1.00 40.90 ? 122 ASP A CG  1 
ATOM   976  O  OD1 . ASP A 1 122 ? -5.269  7.063   -17.999 1.00 42.60 ? 122 ASP A OD1 1 
ATOM   977  O  OD2 . ASP A 1 122 ? -7.136  6.030   -17.406 1.00 42.10 ? 122 ASP A OD2 1 
ATOM   978  N  N   . PHE A 1 123 ? -2.691  2.307   -17.111 1.00 27.30 ? 123 PHE A N   1 
ATOM   979  C  CA  . PHE A 1 123 ? -1.579  1.691   -16.402 1.00 24.10 ? 123 PHE A CA  1 
ATOM   980  C  C   . PHE A 1 123 ? -0.631  0.920   -17.308 1.00 22.80 ? 123 PHE A C   1 
ATOM   981  O  O   . PHE A 1 123 ? -0.455  -0.264  -17.164 1.00 23.40 ? 123 PHE A O   1 
ATOM   982  C  CB  . PHE A 1 123 ? -2.075  0.816   -15.220 1.00 21.70 ? 123 PHE A CB  1 
ATOM   983  C  CG  . PHE A 1 123 ? -1.071  0.709   -14.086 1.00 18.90 ? 123 PHE A CG  1 
ATOM   984  C  CD1 . PHE A 1 123 ? -0.656  1.855   -13.398 1.00 19.00 ? 123 PHE A CD1 1 
ATOM   985  C  CD2 . PHE A 1 123 ? -0.564  -0.516  -13.698 1.00 18.50 ? 123 PHE A CD2 1 
ATOM   986  C  CE1 . PHE A 1 123 ? 0.236   1.762   -12.336 1.00 18.90 ? 123 PHE A CE1 1 
ATOM   987  C  CE2 . PHE A 1 123 ? 0.340   -0.610  -12.631 1.00 18.10 ? 123 PHE A CE2 1 
ATOM   988  C  CZ  . PHE A 1 123 ? 0.730   0.503   -11.960 1.00 17.40 ? 123 PHE A CZ  1 
ATOM   989  N  N   . GLY A 1 124 ? -0.108  1.589   -18.321 1.00 22.40 ? 124 GLY A N   1 
ATOM   990  C  CA  . GLY A 1 124 ? 0.848   0.964   -19.224 1.00 21.70 ? 124 GLY A CA  1 
ATOM   991  C  C   . GLY A 1 124 ? 2.199   0.901   -18.491 1.00 21.40 ? 124 GLY A C   1 
ATOM   992  O  O   . GLY A 1 124 ? 2.329   1.378   -17.348 1.00 19.80 ? 124 GLY A O   1 
ATOM   993  N  N   . ALA A 1 125 ? 3.198   0.339   -19.177 1.00 20.80 ? 125 ALA A N   1 
ATOM   994  C  CA  . ALA A 1 125 ? 4.557   0.133   -18.658 1.00 19.60 ? 125 ALA A CA  1 
ATOM   995  C  C   . ALA A 1 125 ? 5.188   1.357   -18.040 1.00 19.40 ? 125 ALA A C   1 
ATOM   996  O  O   . ALA A 1 125 ? 5.833   1.253   -16.968 1.00 20.00 ? 125 ALA A O   1 
ATOM   997  C  CB  . ALA A 1 125 ? 5.475   -0.428  -19.764 1.00 20.20 ? 125 ALA A CB  1 
ATOM   998  N  N   . ASP A 1 126 ? 4.989   2.507   -18.681 1.00 18.20 ? 126 ASP A N   1 
ATOM   999  C  CA  . ASP A 1 126 ? 5.557   3.768   -18.206 1.00 18.30 ? 126 ASP A CA  1 
ATOM   1000 C  C   . ASP A 1 126 ? 4.964   4.164   -16.852 1.00 17.90 ? 126 ASP A C   1 
ATOM   1001 O  O   . ASP A 1 126 ? 5.690   4.562   -15.937 1.00 16.10 ? 126 ASP A O   1 
ATOM   1002 C  CB  . ASP A 1 126 ? 5.415   4.869   -19.270 1.00 20.80 ? 126 ASP A CB  1 
ATOM   1003 C  CG  . ASP A 1 126 ? 3.943   5.197   -19.660 1.00 23.00 ? 126 ASP A CG  1 
ATOM   1004 O  OD1 . ASP A 1 126 ? 3.042   4.316   -19.665 1.00 24.70 ? 126 ASP A OD1 1 
ATOM   1005 O  OD2 . ASP A 1 126 ? 3.708   6.393   -19.984 1.00 26.80 ? 126 ASP A OD2 1 
ATOM   1006 N  N   . ALA A 1 127 ? 3.645   3.977   -16.717 1.00 16.90 ? 127 ALA A N   1 
ATOM   1007 C  CA  . ALA A 1 127 ? 2.942   4.291   -15.483 1.00 16.20 ? 127 ALA A CA  1 
ATOM   1008 C  C   . ALA A 1 127 ? 3.336   3.261   -14.406 1.00 15.10 ? 127 ALA A C   1 
ATOM   1009 O  O   . ALA A 1 127 ? 3.475   3.589   -13.228 1.00 14.60 ? 127 ALA A O   1 
ATOM   1010 C  CB  . ALA A 1 127 ? 1.394   4.237   -15.752 1.00 16.20 ? 127 ALA A CB  1 
ATOM   1011 N  N   . GLN A 1 128 ? 3.467   2.004   -14.819 1.00 14.60 ? 128 GLN A N   1 
ATOM   1012 C  CA  . GLN A 1 128 ? 3.860   0.955   -13.907 1.00 15.00 ? 128 GLN A CA  1 
ATOM   1013 C  C   . GLN A 1 128 ? 5.286   1.300   -13.341 1.00 14.70 ? 128 GLN A C   1 
ATOM   1014 O  O   . GLN A 1 128 ? 5.526   1.187   -12.123 1.00 13.00 ? 128 GLN A O   1 
ATOM   1015 C  CB  . GLN A 1 128 ? 3.860   -0.381  -14.666 1.00 18.10 ? 128 GLN A CB  1 
ATOM   1016 C  CG  . GLN A 1 128 ? 4.216   -1.582  -13.799 1.00 23.90 ? 128 GLN A CG  1 
ATOM   1017 C  CD  . GLN A 1 128 ? 4.234   -2.874  -14.611 1.00 28.60 ? 128 GLN A CD  1 
ATOM   1018 O  OE1 . GLN A 1 128 ? 3.816   -2.888  -15.796 1.00 29.70 ? 128 GLN A OE1 1 
ATOM   1019 N  NE2 . GLN A 1 128 ? 4.736   -3.954  -14.003 1.00 28.70 ? 128 GLN A NE2 1 
ATOM   1020 N  N   . GLY A 1 129 ? 6.167   1.787   -14.218 1.00 12.80 ? 129 GLY A N   1 
ATOM   1021 C  CA  . GLY A 1 129 ? 7.510   2.145   -13.794 1.00 13.80 ? 129 GLY A CA  1 
ATOM   1022 C  C   . GLY A 1 129 ? 7.513   3.307   -12.792 1.00 13.50 ? 129 GLY A C   1 
ATOM   1023 O  O   . GLY A 1 129 ? 8.168   3.247   -11.743 1.00 13.80 ? 129 GLY A O   1 
ATOM   1024 N  N   . ALA A 1 130 ? 6.684   4.305   -13.052 1.00 13.60 ? 130 ALA A N   1 
ATOM   1025 C  CA  . ALA A 1 130 ? 6.593   5.476   -12.178 1.00 13.20 ? 130 ALA A CA  1 
ATOM   1026 C  C   . ALA A 1 130 ? 6.022   5.058   -10.796 1.00 13.10 ? 130 ALA A C   1 
ATOM   1027 O  O   . ALA A 1 130 ? 6.523   5.481   -9.744  1.00 11.40 ? 130 ALA A O   1 
ATOM   1028 C  CB  . ALA A 1 130 ? 5.729   6.548   -12.812 1.00 14.10 ? 130 ALA A CB  1 
ATOM   1029 N  N   . MET A 1 131 ? 4.998   4.195   -10.828 1.00 12.10 ? 131 MET A N   1 
ATOM   1030 C  CA  . MET A 1 131 ? 4.360   3.726   -9.602  1.00 14.00 ? 131 MET A CA  1 
ATOM   1031 C  C   . MET A 1 131 ? 5.333   2.934   -8.748  1.00 12.80 ? 131 MET A C   1 
ATOM   1032 O  O   . MET A 1 131 ? 5.384   3.099   -7.529  1.00 10.50 ? 131 MET A O   1 
ATOM   1033 C  CB  . MET A 1 131 ? 3.104   2.884   -9.895  1.00 12.70 ? 131 MET A CB  1 
ATOM   1034 C  CG  . MET A 1 131 ? 2.325   2.572   -8.610  1.00 15.60 ? 131 MET A CG  1 
ATOM   1035 S  SD  . MET A 1 131 ? 1.603   4.025   -7.671  1.00 18.90 ? 131 MET A SD  1 
ATOM   1036 C  CE  . MET A 1 131 ? 0.413   4.337   -8.783  1.00 17.40 ? 131 MET A CE  1 
ATOM   1037 N  N   . ASN A 1 132 ? 6.109   2.077   -9.397  1.00 13.50 ? 132 ASN A N   1 
ATOM   1038 C  CA  . ASN A 1 132 ? 7.091   1.290   -8.683  1.00 14.40 ? 132 ASN A CA  1 
ATOM   1039 C  C   . ASN A 1 132 ? 8.071   2.209   -7.996  1.00 13.60 ? 132 ASN A C   1 
ATOM   1040 O  O   . ASN A 1 132 ? 8.351   2.031   -6.825  1.00 13.70 ? 132 ASN A O   1 
ATOM   1041 C  CB  . ASN A 1 132 ? 7.854   0.335   -9.593  1.00 18.60 ? 132 ASN A CB  1 
ATOM   1042 C  CG  . ASN A 1 132 ? 8.776   -0.603  -8.776  1.00 23.10 ? 132 ASN A CG  1 
ATOM   1043 O  OD1 . ASN A 1 132 ? 8.302   -1.495  -8.049  1.00 25.80 ? 132 ASN A OD1 1 
ATOM   1044 N  ND2 . ASN A 1 132 ? 10.091  -0.339  -8.828  1.00 26.30 ? 132 ASN A ND2 1 
ATOM   1045 N  N   . LYS A 1 133 ? 8.592   3.185   -8.736  1.00 12.70 ? 133 LYS A N   1 
ATOM   1046 C  CA  . LYS A 1 133 ? 9.516   4.173   -8.156  1.00 12.40 ? 133 LYS A CA  1 
ATOM   1047 C  C   . LYS A 1 133 ? 8.921   4.899   -6.971  1.00 11.00 ? 133 LYS A C   1 
ATOM   1048 O  O   . LYS A 1 133 ? 9.623   5.164   -5.978  1.00 11.90 ? 133 LYS A O   1 
ATOM   1049 C  CB  . LYS A 1 133 ? 9.895   5.238   -9.181  1.00 14.70 ? 133 LYS A CB  1 
ATOM   1050 C  CG  . LYS A 1 133 ? 10.870  4.792   -10.213 1.00 17.60 ? 133 LYS A CG  1 
ATOM   1051 C  CD  . LYS A 1 133 ? 11.399  6.071   -10.877 1.00 20.70 ? 133 LYS A CD  1 
ATOM   1052 C  CE  . LYS A 1 133 ? 12.072  5.721   -12.174 1.00 24.90 ? 133 LYS A CE  1 
ATOM   1053 N  NZ  . LYS A 1 133 ? 12.937  6.870   -12.723 1.00 29.10 ? 133 LYS A NZ  1 
ATOM   1054 N  N   . ALA A 1 134 ? 7.655   5.305   -7.088  1.00 9.60  ? 134 ALA A N   1 
ATOM   1055 C  CA  . ALA A 1 134 ? 6.982   6.024   -5.966  1.00 10.10 ? 134 ALA A CA  1 
ATOM   1056 C  C   . ALA A 1 134 ? 6.868   5.127   -4.709  1.00 10.00 ? 134 ALA A C   1 
ATOM   1057 O  O   . ALA A 1 134 ? 7.063   5.600   -3.564  1.00 11.00 ? 134 ALA A O   1 
ATOM   1058 C  CB  . ALA A 1 134 ? 5.593   6.505   -6.372  1.00 10.30 ? 134 ALA A CB  1 
ATOM   1059 N  N   . LEU A 1 135 ? 6.517   3.847   -4.918  1.00 9.80  ? 135 LEU A N   1 
ATOM   1060 C  CA  . LEU A 1 135 ? 6.397   2.895   -3.809  1.00 9.90  ? 135 LEU A CA  1 
ATOM   1061 C  C   . LEU A 1 135 ? 7.811   2.612   -3.188  1.00 9.90  ? 135 LEU A C   1 
ATOM   1062 O  O   . LEU A 1 135 ? 7.929   2.358   -1.987  1.00 10.40 ? 135 LEU A O   1 
ATOM   1063 C  CB  . LEU A 1 135 ? 5.683   1.619   -4.287  1.00 10.10 ? 135 LEU A CB  1 
ATOM   1064 C  CG  . LEU A 1 135 ? 4.197   1.911   -4.642  1.00 11.80 ? 135 LEU A CG  1 
ATOM   1065 C  CD1 . LEU A 1 135 ? 3.480   0.650   -5.160  1.00 11.70 ? 135 LEU A CD1 1 
ATOM   1066 C  CD2 . LEU A 1 135 ? 3.493   2.471   -3.410  1.00 13.70 ? 135 LEU A CD2 1 
ATOM   1067 N  N   . GLU A 1 136 ? 8.845   2.575   -4.035  1.00 10.30 ? 136 GLU A N   1 
ATOM   1068 C  CA  . GLU A 1 136 ? 10.236  2.374   -3.567  1.00 10.60 ? 136 GLU A CA  1 
ATOM   1069 C  C   . GLU A 1 136 ? 10.623  3.551   -2.746  1.00 10.00 ? 136 GLU A C   1 
ATOM   1070 O  O   . GLU A 1 136 ? 11.215  3.387   -1.712  1.00 11.10 ? 136 GLU A O   1 
ATOM   1071 C  CB  . GLU A 1 136 ? 11.192  2.273   -4.739  1.00 11.70 ? 136 GLU A CB  1 
ATOM   1072 C  CG  . GLU A 1 136 ? 11.100  0.970   -5.438  1.00 18.60 ? 136 GLU A CG  1 
ATOM   1073 C  CD  . GLU A 1 136 ? 12.311  0.727   -6.339  1.00 25.30 ? 136 GLU A CD  1 
ATOM   1074 O  OE1 . GLU A 1 136 ? 12.580  1.591   -7.213  1.00 27.00 ? 136 GLU A OE1 1 
ATOM   1075 O  OE2 . GLU A 1 136 ? 12.987  -0.318  -6.151  1.00 27.60 ? 136 GLU A OE2 1 
ATOM   1076 N  N   . LEU A 1 137 ? 10.255  4.744   -3.172  1.00 9.40  ? 137 LEU A N   1 
ATOM   1077 C  CA  . LEU A 1 137 ? 10.595  5.936   -2.398  1.00 12.70 ? 137 LEU A CA  1 
ATOM   1078 C  C   . LEU A 1 137 ? 9.930   5.850   -1.009  1.00 14.20 ? 137 LEU A C   1 
ATOM   1079 O  O   . LEU A 1 137 ? 10.562  6.096   0.022   1.00 13.10 ? 137 LEU A O   1 
ATOM   1080 C  CB  . LEU A 1 137 ? 10.168  7.205   -3.148  1.00 13.30 ? 137 LEU A CB  1 
ATOM   1081 C  CG  . LEU A 1 137 ? 10.349  8.505   -2.310  1.00 17.30 ? 137 LEU A CG  1 
ATOM   1082 C  CD1 . LEU A 1 137 ? 11.862  8.675   -1.853  1.00 18.60 ? 137 LEU A CD1 1 
ATOM   1083 C  CD2 . LEU A 1 137 ? 9.836   9.713   -3.112  1.00 17.90 ? 137 LEU A CD2 1 
ATOM   1084 N  N   . PHE A 1 138 ? 8.665   5.419   -1.006  1.00 12.40 ? 138 PHE A N   1 
ATOM   1085 C  CA  . PHE A 1 138 ? 7.900   5.246   0.229   1.00 13.90 ? 138 PHE A CA  1 
ATOM   1086 C  C   . PHE A 1 138 ? 8.622   4.302   1.176   1.00 12.00 ? 138 PHE A C   1 
ATOM   1087 O  O   . PHE A 1 138 ? 8.844   4.634   2.353   1.00 11.20 ? 138 PHE A O   1 
ATOM   1088 C  CB  . PHE A 1 138 ? 6.506   4.689   -0.176  1.00 14.20 ? 138 PHE A CB  1 
ATOM   1089 C  CG  . PHE A 1 138 ? 5.672   4.149   0.970   1.00 16.30 ? 138 PHE A CG  1 
ATOM   1090 C  CD1 . PHE A 1 138 ? 5.055   5.009   1.894   1.00 20.60 ? 138 PHE A CD1 1 
ATOM   1091 C  CD2 . PHE A 1 138 ? 5.475   2.797   1.104   1.00 17.90 ? 138 PHE A CD2 1 
ATOM   1092 C  CE1 . PHE A 1 138 ? 4.226   4.482   2.967   1.00 20.70 ? 138 PHE A CE1 1 
ATOM   1093 C  CE2 . PHE A 1 138 ? 4.680   2.274   2.142   1.00 19.10 ? 138 PHE A CE2 1 
ATOM   1094 C  CZ  . PHE A 1 138 ? 4.059   3.132   3.069   1.00 19.90 ? 138 PHE A CZ  1 
ATOM   1095 N  N   . ARG A 1 139 ? 9.061   3.152   0.642   1.00 11.50 ? 139 ARG A N   1 
ATOM   1096 C  CA  . ARG A 1 139 ? 9.754   2.111   1.421   1.00 11.50 ? 139 ARG A CA  1 
ATOM   1097 C  C   . ARG A 1 139 ? 11.122  2.567   1.942   1.00 11.50 ? 139 ARG A C   1 
ATOM   1098 O  O   . ARG A 1 139 ? 11.515  2.277   3.080   1.00 11.30 ? 139 ARG A O   1 
ATOM   1099 C  CB  . ARG A 1 139 ? 10.014  0.874   0.560   1.00 13.40 ? 139 ARG A CB  1 
ATOM   1100 C  CG  . ARG A 1 139 ? 8.857   0.001   0.386   1.00 16.60 ? 139 ARG A CG  1 
ATOM   1101 C  CD  . ARG A 1 139 ? 9.350   -1.457  0.204   1.00 15.60 ? 139 ARG A CD  1 
ATOM   1102 N  NE  . ARG A 1 139 ? 10.058  -1.700  -1.045  1.00 15.00 ? 139 ARG A NE  1 
ATOM   1103 C  CZ  . ARG A 1 139 ? 9.532   -1.585  -2.261  1.00 14.30 ? 139 ARG A CZ  1 
ATOM   1104 N  NH1 . ARG A 1 139 ? 8.262   -1.201  -2.454  1.00 14.40 ? 139 ARG A NH1 1 
ATOM   1105 N  NH2 . ARG A 1 139 ? 10.245  -1.993  -3.292  1.00 14.70 ? 139 ARG A NH2 1 
ATOM   1106 N  N   . LYS A 1 140 ? 11.831  3.282   1.085   1.00 11.60 ? 140 LYS A N   1 
ATOM   1107 C  CA  . LYS A 1 140 ? 13.149  3.772   1.441   1.00 15.30 ? 140 LYS A CA  1 
ATOM   1108 C  C   . LYS A 1 140 ? 13.045  4.723   2.650   1.00 14.70 ? 140 LYS A C   1 
ATOM   1109 O  O   . LYS A 1 140 ? 13.786  4.586   3.639   1.00 13.90 ? 140 LYS A O   1 
ATOM   1110 C  CB  . LYS A 1 140 ? 13.751  4.485   0.215   1.00 17.80 ? 140 LYS A CB  1 
ATOM   1111 C  CG  . LYS A 1 140 ? 15.125  5.098   0.450   1.00 23.90 ? 140 LYS A CG  1 
ATOM   1112 C  CD  . LYS A 1 140 ? 15.575  5.809   -0.819  1.00 28.30 ? 140 LYS A CD  1 
ATOM   1113 C  CE  . LYS A 1 140 ? 15.319  7.272   -0.658  1.00 32.90 ? 140 LYS A CE  1 
ATOM   1114 N  NZ  . LYS A 1 140 ? 16.527  8.002   -0.054  1.00 38.20 ? 140 LYS A NZ  1 
ATOM   1115 N  N   . ASP A 1 141 ? 12.091  5.644   2.613   1.00 14.40 ? 141 ASP A N   1 
ATOM   1116 C  CA  . ASP A 1 141 ? 11.930  6.581   3.728   1.00 15.50 ? 141 ASP A CA  1 
ATOM   1117 C  C   . ASP A 1 141 ? 11.458  5.894   5.007   1.00 15.20 ? 141 ASP A C   1 
ATOM   1118 O  O   . ASP A 1 141 ? 11.904  6.192   6.106   1.00 13.80 ? 141 ASP A O   1 
ATOM   1119 C  CB  . ASP A 1 141 ? 11.058  7.770   3.320   1.00 16.50 ? 141 ASP A CB  1 
ATOM   1120 C  CG  . ASP A 1 141 ? 11.799  8.724   2.382   1.00 19.30 ? 141 ASP A CG  1 
ATOM   1121 O  OD1 . ASP A 1 141 ? 13.010  8.504   2.138   1.00 21.00 ? 141 ASP A OD1 1 
ATOM   1122 O  OD2 . ASP A 1 141 ? 11.202  9.686   1.867   1.00 19.20 ? 141 ASP A OD2 1 
ATOM   1123 N  N   . ILE A 1 142 ? 10.600  4.901   4.846   1.00 14.90 ? 142 ILE A N   1 
ATOM   1124 C  CA  . ILE A 1 142 ? 10.119  4.169   6.015   1.00 15.60 ? 142 ILE A CA  1 
ATOM   1125 C  C   . ILE A 1 142 ? 11.291  3.383   6.649   1.00 14.60 ? 142 ILE A C   1 
ATOM   1126 O  O   . ILE A 1 142 ? 11.439  3.320   7.881   1.00 13.90 ? 142 ILE A O   1 
ATOM   1127 C  CB  . ILE A 1 142 ? 8.980   3.181   5.578   1.00 15.40 ? 142 ILE A CB  1 
ATOM   1128 C  CG1 . ILE A 1 142 ? 7.704   3.969   5.357   1.00 19.00 ? 142 ILE A CG1 1 
ATOM   1129 C  CG2 . ILE A 1 142 ? 8.803   2.060   6.606   1.00 16.70 ? 142 ILE A CG2 1 
ATOM   1130 C  CD1 . ILE A 1 142 ? 6.892   4.247   6.634   1.00 23.70 ? 142 ILE A CD1 1 
ATOM   1131 N  N   . ALA A 1 143 ? 12.106  2.771   5.786   1.00 13.70 ? 143 ALA A N   1 
ATOM   1132 C  CA  . ALA A 1 143 ? 13.218  1.946   6.230   1.00 13.40 ? 143 ALA A CA  1 
ATOM   1133 C  C   . ALA A 1 143 ? 14.215  2.814   7.046   1.00 13.10 ? 143 ALA A C   1 
ATOM   1134 O  O   . ALA A 1 143 ? 14.711  2.386   8.083   1.00 12.80 ? 143 ALA A O   1 
ATOM   1135 C  CB  . ALA A 1 143 ? 13.903  1.272   5.015   1.00 14.20 ? 143 ALA A CB  1 
ATOM   1136 N  N   . ALA A 1 144 ? 14.353  4.077   6.655   1.00 12.70 ? 144 ALA A N   1 
ATOM   1137 C  CA  . ALA A 1 144 ? 15.244  4.964   7.378   1.00 13.50 ? 144 ALA A CA  1 
ATOM   1138 C  C   . ALA A 1 144 ? 14.740  5.208   8.805   1.00 14.70 ? 144 ALA A C   1 
ATOM   1139 O  O   . ALA A 1 144 ? 15.522  5.241   9.755   1.00 15.90 ? 144 ALA A O   1 
ATOM   1140 C  CB  . ALA A 1 144 ? 15.408  6.266   6.630   1.00 13.60 ? 144 ALA A CB  1 
ATOM   1141 N  N   . LYS A 1 145 ? 13.442  5.397   8.966   1.00 14.40 ? 145 LYS A N   1 
ATOM   1142 C  CA  . LYS A 1 145 ? 12.852  5.602   10.277  1.00 15.40 ? 145 LYS A CA  1 
ATOM   1143 C  C   . LYS A 1 145 ? 12.975  4.290   11.088  1.00 15.20 ? 145 LYS A C   1 
ATOM   1144 O  O   . LYS A 1 145 ? 13.300  4.305   12.290  1.00 15.60 ? 145 LYS A O   1 
ATOM   1145 C  CB  . LYS A 1 145 ? 11.382  6.036   10.115  1.00 17.70 ? 145 LYS A CB  1 
ATOM   1146 C  CG  . LYS A 1 145 ? 11.132  7.551   10.046  1.00 22.70 ? 145 LYS A CG  1 
ATOM   1147 C  CD  . LYS A 1 145 ? 12.126  8.361   9.171   1.00 26.90 ? 145 LYS A CD  1 
ATOM   1148 C  CE  . LYS A 1 145 ? 11.704  8.475   7.634   1.00 28.80 ? 145 LYS A CE  1 
ATOM   1149 N  NZ  . LYS A 1 145 ? 12.792  8.829   6.564   1.00 28.90 ? 145 LYS A NZ  1 
ATOM   1150 N  N   . TYR A 1 146 ? 12.716  3.142   10.456  1.00 14.90 ? 146 TYR A N   1 
ATOM   1151 C  CA  . TYR A 1 146 ? 12.873  1.868   11.147  1.00 14.40 ? 146 TYR A CA  1 
ATOM   1152 C  C   . TYR A 1 146 ? 14.311  1.729   11.727  1.00 15.80 ? 146 TYR A C   1 
ATOM   1153 O  O   . TYR A 1 146 ? 14.496  1.316   12.873  1.00 15.20 ? 146 TYR A O   1 
ATOM   1154 C  CB  . TYR A 1 146 ? 12.663  0.700   10.175  1.00 14.00 ? 146 TYR A CB  1 
ATOM   1155 C  CG  . TYR A 1 146 ? 11.220  0.187   10.063  1.00 14.30 ? 146 TYR A CG  1 
ATOM   1156 C  CD1 . TYR A 1 146 ? 10.149  1.064   9.921   1.00 15.70 ? 146 TYR A CD1 1 
ATOM   1157 C  CD2 . TYR A 1 146 ? 10.956  -1.188  10.074  1.00 15.30 ? 146 TYR A CD2 1 
ATOM   1158 C  CE1 . TYR A 1 146 ? 8.798   0.565   9.781   1.00 16.30 ? 146 TYR A CE1 1 
ATOM   1159 C  CE2 . TYR A 1 146 ? 9.638   -1.688  9.933   1.00 17.10 ? 146 TYR A CE2 1 
ATOM   1160 C  CZ  . TYR A 1 146 ? 8.576   -0.816  9.782   1.00 16.70 ? 146 TYR A CZ  1 
ATOM   1161 O  OH  . TYR A 1 146 ? 7.310   -1.325  9.563   1.00 16.60 ? 146 TYR A OH  1 
ATOM   1162 N  N   . LYS A 1 147 ? 15.323  1.985   10.902  1.00 16.40 ? 147 LYS A N   1 
ATOM   1163 C  CA  . LYS A 1 147 ? 16.709  1.873   11.340  1.00 17.20 ? 147 LYS A CA  1 
ATOM   1164 C  C   . LYS A 1 147 ? 16.999  2.754   12.573  1.00 17.80 ? 147 LYS A C   1 
ATOM   1165 O  O   . LYS A 1 147 ? 17.630  2.333   13.535  1.00 18.00 ? 147 LYS A O   1 
ATOM   1166 C  CB  . LYS A 1 147 ? 17.622  2.285   10.194  1.00 18.60 ? 147 LYS A CB  1 
ATOM   1167 C  CG  . LYS A 1 147 ? 19.148  2.241   10.517  1.00 21.10 ? 147 LYS A CG  1 
ATOM   1168 C  CD  . LYS A 1 147 ? 19.949  2.398   9.238   1.00 23.60 ? 147 LYS A CD  1 
ATOM   1169 C  CE  . LYS A 1 147 ? 21.424  2.482   9.581   1.00 26.50 ? 147 LYS A CE  1 
ATOM   1170 N  NZ  . LYS A 1 147 ? 21.809  1.104   9.874   1.00 29.00 ? 147 LYS A NZ  1 
ATOM   1171 N  N   . GLU A 1 148 ? 16.565  4.003   12.510  1.00 18.10 ? 148 GLU A N   1 
ATOM   1172 C  CA  . GLU A 1 148 ? 16.752  4.931   13.594  1.00 19.30 ? 148 GLU A CA  1 
ATOM   1173 C  C   . GLU A 1 148 ? 16.206  4.306   14.890  1.00 20.10 ? 148 GLU A C   1 
ATOM   1174 O  O   . GLU A 1 148 ? 16.868  4.323   15.938  1.00 21.10 ? 148 GLU A O   1 
ATOM   1175 C  CB  . GLU A 1 148 ? 16.003  6.220   13.304  1.00 19.30 ? 148 GLU A CB  1 
ATOM   1176 C  CG  . GLU A 1 148 ? 15.775  7.076   14.549  1.00 24.20 ? 148 GLU A CG  1 
ATOM   1177 C  CD  . GLU A 1 148 ? 15.140  8.399   14.258  1.00 24.20 ? 148 GLU A CD  1 
ATOM   1178 O  OE1 . GLU A 1 148 ? 15.058  8.766   13.070  1.00 25.90 ? 148 GLU A OE1 1 
ATOM   1179 O  OE2 . GLU A 1 148 ? 14.727  9.075   15.222  1.00 26.50 ? 148 GLU A OE2 1 
ATOM   1180 N  N   . LEU A 1 149 ? 15.020  3.733   14.796  1.00 17.90 ? 149 LEU A N   1 
ATOM   1181 C  CA  . LEU A 1 149 ? 14.394  3.139   15.949  1.00 19.30 ? 149 LEU A CA  1 
ATOM   1182 C  C   . LEU A 1 149 ? 14.945  1.792   16.356  1.00 18.00 ? 149 LEU A C   1 
ATOM   1183 O  O   . LEU A 1 149 ? 14.587  1.299   17.425  1.00 20.50 ? 149 LEU A O   1 
ATOM   1184 C  CB  . LEU A 1 149 ? 12.863  3.021   15.740  1.00 19.30 ? 149 LEU A CB  1 
ATOM   1185 C  CG  . LEU A 1 149 ? 12.078  4.356   15.675  1.00 22.10 ? 149 LEU A CG  1 
ATOM   1186 C  CD1 . LEU A 1 149 ? 10.681  4.117   15.061  1.00 21.00 ? 149 LEU A CD1 1 
ATOM   1187 C  CD2 . LEU A 1 149 ? 11.979  5.012   17.049  1.00 20.30 ? 149 LEU A CD2 1 
ATOM   1188 N  N   . GLY A 1 150 ? 15.677  1.127   15.481  1.00 17.30 ? 150 GLY A N   1 
ATOM   1189 C  CA  . GLY A 1 150 ? 16.248  -0.158  15.841  1.00 18.30 ? 150 GLY A CA  1 
ATOM   1190 C  C   . GLY A 1 150 ? 15.495  -1.347  15.328  1.00 20.10 ? 150 GLY A C   1 
ATOM   1191 O  O   . GLY A 1 150 ? 15.625  -2.430  15.883  1.00 19.40 ? 150 GLY A O   1 
ATOM   1192 N  N   . TYR A 1 151 ? 14.719  -1.155  14.270  1.00 21.90 ? 151 TYR A N   1 
ATOM   1193 C  CA  . TYR A 1 151 ? 13.927  -2.229  13.662  1.00 26.00 ? 151 TYR A CA  1 
ATOM   1194 C  C   . TYR A 1 151 ? 14.290  -2.605  12.234  1.00 29.30 ? 151 TYR A C   1 
ATOM   1195 O  O   . TYR A 1 151 ? 13.621  -3.472  11.676  1.00 31.10 ? 151 TYR A O   1 
ATOM   1196 C  CB  . TYR A 1 151 ? 12.438  -1.867  13.680  1.00 25.30 ? 151 TYR A CB  1 
ATOM   1197 C  CG  . TYR A 1 151 ? 11.838  -1.808  15.054  1.00 26.20 ? 151 TYR A CG  1 
ATOM   1198 C  CD1 . TYR A 1 151 ? 11.874  -0.626  15.804  1.00 25.70 ? 151 TYR A CD1 1 
ATOM   1199 C  CD2 . TYR A 1 151 ? 11.189  -2.940  15.606  1.00 26.50 ? 151 TYR A CD2 1 
ATOM   1200 C  CE1 . TYR A 1 151 ? 11.275  -0.575  17.060  1.00 25.90 ? 151 TYR A CE1 1 
ATOM   1201 C  CE2 . TYR A 1 151 ? 10.583  -2.898  16.872  1.00 23.80 ? 151 TYR A CE2 1 
ATOM   1202 C  CZ  . TYR A 1 151 ? 10.638  -1.723  17.575  1.00 24.80 ? 151 TYR A CZ  1 
ATOM   1203 O  OH  . TYR A 1 151 ? 10.121  -1.682  18.840  1.00 26.30 ? 151 TYR A OH  1 
ATOM   1204 N  N   . GLN A 1 152 ? 15.294  -1.964  11.619  1.00 33.00 ? 152 GLN A N   1 
ATOM   1205 C  CA  . GLN A 1 152 ? 15.686  -2.305  10.239  1.00 37.30 ? 152 GLN A CA  1 
ATOM   1206 C  C   . GLN A 1 152 ? 15.635  -3.832  10.138  1.00 39.30 ? 152 GLN A C   1 
ATOM   1207 O  O   . GLN A 1 152 ? 16.454  -4.576  10.701  1.00 40.20 ? 152 GLN A O   1 
ATOM   1208 C  CB  . GLN A 1 152 ? 17.088  -1.790  9.889   1.00 38.60 ? 152 GLN A CB  1 
ATOM   1209 C  CG  . GLN A 1 152 ? 17.362  -1.671  8.378   1.00 40.90 ? 152 GLN A CG  1 
ATOM   1210 C  CD  . GLN A 1 152 ? 16.581  -0.527  7.763   1.00 41.80 ? 152 GLN A CD  1 
ATOM   1211 O  OE1 . GLN A 1 152 ? 15.432  -0.289  8.148   1.00 43.60 ? 152 GLN A OE1 1 
ATOM   1212 N  NE2 . GLN A 1 152 ? 17.198  0.208   6.829   1.00 40.90 ? 152 GLN A NE2 1 
ATOM   1213 N  N   . GLY A 1 153 ? 14.533  -4.261  9.549   1.00 40.80 ? 153 GLY A N   1 
ATOM   1214 C  CA  . GLY A 1 153 ? 14.196  -5.662  9.425   1.00 42.10 ? 153 GLY A CA  1 
ATOM   1215 C  C   . GLY A 1 153 ? 12.712  -5.620  9.781   1.00 42.00 ? 153 GLY A C   1 
ATOM   1216 O  O   . GLY A 1 153 ? 12.309  -6.098  10.871  1.00 43.60 ? 153 GLY A O   1 
ATOM   1217 O  OXT . GLY A 1 153 ? 11.963  -4.987  9.020   1.00 41.10 ? 153 GLY A OXT 1 
HETATM 1218 S  S   . SO4 B 2 .   ? -17.531 -8.347  9.446   1.00 16.70 ? 200 SO4 A S   1 
HETATM 1219 O  O1  . SO4 B 2 .   ? -17.315 -6.945  9.465   1.00 16.50 ? 200 SO4 A O1  1 
HETATM 1220 O  O2  . SO4 B 2 .   ? -17.992 -8.995  10.578  1.00 17.10 ? 200 SO4 A O2  1 
HETATM 1221 O  O3  . SO4 B 2 .   ? -16.243 -8.950  9.270   1.00 18.50 ? 200 SO4 A O3  1 
HETATM 1222 O  O4  . SO4 B 2 .   ? -18.367 -8.654  8.367   1.00 19.10 ? 200 SO4 A O4  1 
HETATM 1223 CO CO  . COH C 3 .   ? -0.906  -0.792  8.085   1.00 14.80 ? 154 COH A CO  1 
HETATM 1224 C  CHA . COH C 3 .   ? -2.882  -0.105  10.864  1.00 10.70 ? 154 COH A CHA 1 
HETATM 1225 C  CHB . COH C 3 .   ? -1.560  2.265   6.853   1.00 8.60  ? 154 COH A CHB 1 
HETATM 1226 C  CHC . COH C 3 .   ? 0.932   -1.569  5.504   1.00 11.70 ? 154 COH A CHC 1 
HETATM 1227 C  CHD . COH C 3 .   ? -0.370  -3.921  9.303   1.00 11.50 ? 154 COH A CHD 1 
HETATM 1228 N  NA  . COH C 3 .   ? -1.940  0.704   8.705   1.00 10.20 ? 154 COH A NA  1 
HETATM 1229 C  C1A . COH C 3 .   ? -2.737  0.886   9.883   1.00 11.40 ? 154 COH A C1A 1 
HETATM 1230 C  C2A . COH C 3 .   ? -3.322  2.244   9.949   1.00 12.10 ? 154 COH A C2A 1 
HETATM 1231 C  C3A . COH C 3 .   ? -2.955  2.872   8.804   1.00 11.40 ? 154 COH A C3A 1 
HETATM 1232 C  C4A . COH C 3 .   ? -2.097  1.946   8.070   1.00 9.70  ? 154 COH A C4A 1 
HETATM 1233 C  CMA . COH C 3 .   ? -3.184  4.302   8.358   1.00 11.10 ? 154 COH A CMA 1 
HETATM 1234 C  CAA . COH C 3 .   ? -4.129  2.731   11.127  1.00 15.20 ? 154 COH A CAA 1 
HETATM 1235 C  CBA . COH C 3 .   ? -3.421  3.691   12.061  1.00 19.70 ? 154 COH A CBA 1 
HETATM 1236 C  CGA . COH C 3 .   ? -2.098  3.130   12.545  1.00 22.30 ? 154 COH A CGA 1 
HETATM 1237 O  O1A . COH C 3 .   ? -2.116  2.164   13.334  1.00 22.80 ? 154 COH A O1A 1 
HETATM 1238 O  O2A . COH C 3 .   ? -1.038  3.620   12.084  1.00 26.00 ? 154 COH A O2A 1 
HETATM 1239 N  NB  . COH C 3 .   ? -0.357  0.149   6.536   1.00 9.50  ? 154 COH A NB  1 
HETATM 1240 C  C1B . COH C 3 .   ? -0.700  1.398   6.113   1.00 10.20 ? 154 COH A C1B 1 
HETATM 1241 C  C2B . COH C 3 .   ? -0.248  1.727   4.807   1.00 10.90 ? 154 COH A C2B 1 
HETATM 1242 C  C3B . COH C 3 .   ? 0.471   0.617   4.448   1.00 12.10 ? 154 COH A C3B 1 
HETATM 1243 C  C4B . COH C 3 .   ? 0.372   -0.335  5.547   1.00 11.00 ? 154 COH A C4B 1 
HETATM 1244 C  CMB . COH C 3 .   ? -0.431  3.142   4.161   1.00 10.40 ? 154 COH A CMB 1 
HETATM 1245 C  CAB . COH C 3 .   ? 1.282   0.459   3.288   1.00 11.50 ? 154 COH A CAB 1 
HETATM 1246 C  CBB . COH C 3 .   ? 0.887   0.890   2.033   1.00 12.90 ? 154 COH A CBB 1 
HETATM 1247 N  NC  . COH C 3 .   ? 0.087   -2.451  7.500   1.00 10.60 ? 154 COH A NC  1 
HETATM 1248 C  C1C . COH C 3 .   ? 0.758   -2.611  6.364   1.00 11.50 ? 154 COH A C1C 1 
HETATM 1249 C  C2C . COH C 3 .   ? 1.203   -3.973  6.171   1.00 11.10 ? 154 COH A C2C 1 
HETATM 1250 C  C3C . COH C 3 .   ? 0.790   -4.667  7.338   1.00 11.00 ? 154 COH A C3C 1 
HETATM 1251 C  C4C . COH C 3 .   ? 0.195   -3.654  8.120   1.00 9.60  ? 154 COH A C4C 1 
HETATM 1252 C  CMC . COH C 3 .   ? 2.037   -4.361  4.961   1.00 13.20 ? 154 COH A CMC 1 
HETATM 1253 C  CAC . COH C 3 .   ? 0.776   -6.069  7.666   1.00 12.20 ? 154 COH A CAC 1 
HETATM 1254 C  CBC . COH C 3 .   ? 1.350   -6.987  6.739   1.00 13.60 ? 154 COH A CBC 1 
HETATM 1255 N  ND  . COH C 3 .   ? -1.519  -1.878  9.765   1.00 12.30 ? 154 COH A ND  1 
HETATM 1256 C  C1D . COH C 3 .   ? -1.256  -3.091  10.075  1.00 11.90 ? 154 COH A C1D 1 
HETATM 1257 C  C2D . COH C 3 .   ? -1.912  -3.506  11.372  1.00 13.20 ? 154 COH A C2D 1 
HETATM 1258 C  C3D . COH C 3 .   ? -2.626  -2.414  11.760  1.00 13.70 ? 154 COH A C3D 1 
HETATM 1259 C  C4D . COH C 3 .   ? -2.383  -1.378  10.779  1.00 11.90 ? 154 COH A C4D 1 
HETATM 1260 C  CMD . COH C 3 .   ? -1.743  -4.892  12.039  1.00 12.30 ? 154 COH A CMD 1 
HETATM 1261 C  CAD . COH C 3 .   ? -3.600  -2.356  12.901  1.00 15.20 ? 154 COH A CAD 1 
HETATM 1262 C  CBD . COH C 3 .   ? -4.904  -2.962  12.429  1.00 17.50 ? 154 COH A CBD 1 
HETATM 1263 C  CGD . COH C 3 .   ? -5.977  -2.915  13.505  1.00 19.30 ? 154 COH A CGD 1 
HETATM 1264 O  O1D . COH C 3 .   ? -5.997  -3.795  14.383  1.00 22.90 ? 154 COH A O1D 1 
HETATM 1265 O  O2D . COH C 3 .   ? -6.787  -1.984  13.505  1.00 21.40 ? 154 COH A O2D 1 
HETATM 1266 O  O1  . OXY D 4 .   ? -2.666  -1.512  7.361   0.88 14.10 ? 155 OXY A O1  1 
HETATM 1267 O  O2  . OXY D 4 .   ? -2.468  -2.555  6.857   0.88 16.60 ? 155 OXY A O2  1 
HETATM 1268 O  O   . HOH E 5 .   ? 1.385   -9.348  -2.645  0.85 20.90 ? 201 HOH A O   1 
HETATM 1269 O  O   . HOH E 5 .   ? -10.068 -12.306 14.473  0.73 14.80 ? 202 HOH A O   1 
HETATM 1270 O  O   . HOH E 5 .   ? 10.270  -2.186  -6.246  1.00 22.30 ? 203 HOH A O   1 
HETATM 1271 O  O   . HOH E 5 .   ? 0.487   -6.945  14.736  0.55 11.70 ? 204 HOH A O   1 
HETATM 1272 O  O   . HOH E 5 .   ? -2.942  -6.739  15.032  1.00 27.90 ? 205 HOH A O   1 
HETATM 1273 O  O   . HOH E 5 .   ? -5.417  -6.257  13.865  0.79 21.10 ? 206 HOH A O   1 
HETATM 1274 O  O   . HOH E 5 .   ? -1.745  14.876  1.279   0.67 24.80 ? 207 HOH A O   1 
HETATM 1275 O  O   . HOH E 5 .   ? 5.748   -14.887 1.380   0.80 24.60 ? 208 HOH A O   1 
HETATM 1276 O  O   . HOH E 5 .   ? 16.125  11.846  11.626  0.92 42.20 ? 209 HOH A O   1 
HETATM 1277 O  O   . HOH E 5 .   ? -0.674  -4.336  16.253  0.72 31.80 ? 210 HOH A O   1 
HETATM 1278 O  O   . HOH E 5 .   ? 8.065   5.755   -16.177 0.66 14.90 ? 211 HOH A O   1 
HETATM 1279 O  O   . HOH E 5 .   ? 4.618   18.774  -2.641  0.88 44.70 ? 212 HOH A O   1 
HETATM 1280 O  O   . HOH E 5 .   ? -11.274 9.427   -11.527 0.71 24.30 ? 213 HOH A O   1 
HETATM 1281 O  O   . HOH E 5 .   ? -14.371 5.950   -3.537  0.62 21.00 ? 214 HOH A O   1 
HETATM 1282 O  O   . HOH E 5 .   ? -3.059  -18.539 0.127   1.00 28.00 ? 215 HOH A O   1 
HETATM 1283 O  O   . HOH E 5 .   ? -4.474  -16.787 3.212   0.62 19.90 ? 216 HOH A O   1 
HETATM 1284 O  O   . HOH E 5 .   ? 4.227   -17.188 1.872   1.00 26.90 ? 217 HOH A O   1 
HETATM 1285 O  O   . HOH E 5 .   ? -13.323 -18.851 -1.377  1.00 16.90 ? 218 HOH A O   1 
HETATM 1286 O  O   . HOH E 5 .   ? -15.572 -20.139 -0.906  0.94 21.70 ? 219 HOH A O   1 
HETATM 1287 O  O   . HOH E 5 .   ? -20.288 -3.247  1.676   1.00 21.20 ? 220 HOH A O   1 
HETATM 1288 O  O   . HOH E 5 .   ? 12.123  -7.256  6.263   0.94 26.20 ? 221 HOH A O   1 
HETATM 1289 O  O   . HOH E 5 .   ? -11.955 0.117   -10.669 1.00 30.80 ? 222 HOH A O   1 
HETATM 1290 O  O   . HOH E 5 .   ? -20.151 0.397   -10.284 0.91 27.10 ? 223 HOH A O   1 
HETATM 1291 O  O   . HOH E 5 .   ? -12.050 3.167   -10.411 1.00 24.00 ? 224 HOH A O   1 
HETATM 1292 O  O   . HOH E 5 .   ? -2.023  0.844   -21.614 1.00 41.10 ? 225 HOH A O   1 
HETATM 1293 O  O   . HOH E 5 .   ? -3.830  13.406  -14.624 1.00 37.70 ? 226 HOH A O   1 
HETATM 1294 O  O   . HOH E 5 .   ? 5.280   11.071  -1.612  1.00 14.20 ? 227 HOH A O   1 
HETATM 1295 O  O   . HOH E 5 .   ? -4.322  1.156   14.140  0.50 20.40 ? 228 HOH A O   1 
HETATM 1296 O  O   . HOH E 5 .   ? 1.806   -2.859  -19.887 1.00 33.30 ? 229 HOH A O   1 
HETATM 1297 O  O   . HOH E 5 .   ? 14.945  -5.877  12.684  1.00 48.00 ? 230 HOH A O   1 
HETATM 1298 O  O   . HOH E 5 .   ? 4.031   -10.351 -3.968  1.00 36.50 ? 231 HOH A O   1 
HETATM 1299 O  O   . HOH E 5 .   ? -9.394  0.913   10.033  0.83 39.00 ? 232 HOH A O   1 
HETATM 1300 O  O   . HOH E 5 .   ? -5.587  9.539   5.926   0.97 36.80 ? 233 HOH A O   1 
HETATM 1301 O  O   . HOH E 5 .   ? 2.710   -0.301  -21.805 0.67 20.10 ? 234 HOH A O   1 
HETATM 1302 O  O   . HOH E 5 .   ? -18.393 -4.563  10.388  1.00 35.60 ? 235 HOH A O   1 
HETATM 1303 O  O   . HOH E 5 .   ? 14.013  5.421   -3.658  0.79 26.10 ? 236 HOH A O   1 
HETATM 1304 O  O   . HOH E 5 .   ? 9.632   -11.650 5.637   1.00 30.00 ? 237 HOH A O   1 
HETATM 1305 O  O   . HOH E 5 .   ? -11.209 -11.938 17.357  1.00 19.80 ? 238 HOH A O   1 
HETATM 1306 O  O   . HOH E 5 .   ? 3.776   14.184  11.819  0.79 24.00 ? 239 HOH A O   1 
HETATM 1307 O  O   . HOH E 5 .   ? -6.598  15.190  -5.296  0.60 15.50 ? 240 HOH A O   1 
HETATM 1308 O  O   . HOH E 5 .   ? 11.414  11.893  -0.098  0.88 27.10 ? 241 HOH A O   1 
HETATM 1309 O  O   . HOH E 5 .   ? -11.358 -1.348  1.017   0.79 24.90 ? 242 HOH A O   1 
HETATM 1310 O  O   . HOH E 5 .   ? 3.198   12.618  -17.303 0.87 48.40 ? 243 HOH A O   1 
HETATM 1311 O  O   . HOH E 5 .   ? 19.109  4.747   6.910   0.64 24.70 ? 244 HOH A O   1 
HETATM 1312 O  O   . HOH E 5 .   ? -6.100  10.422  0.807   0.94 28.30 ? 245 HOH A O   1 
HETATM 1313 O  O   . HOH E 5 .   ? 18.351  5.921   9.345   1.00 22.60 ? 246 HOH A O   1 
HETATM 1314 O  O   . HOH E 5 .   ? 11.119  16.823  -13.179 0.57 20.90 ? 247 HOH A O   1 
HETATM 1315 O  O   . HOH E 5 .   ? -7.601  -9.457  -5.160  0.54 13.00 ? 248 HOH A O   1 
HETATM 1316 O  O   . HOH E 5 .   ? 2.706   -18.315 -0.155  0.65 25.60 ? 249 HOH A O   1 
HETATM 1317 O  O   . HOH E 5 .   ? -5.985  6.660   6.718   1.00 23.50 ? 250 HOH A O   1 
HETATM 1318 O  O   . HOH E 5 .   ? -16.708 -2.481  10.988  1.00 27.90 ? 251 HOH A O   1 
HETATM 1319 O  O   . HOH E 5 .   ? 10.658  12.475  -5.715  1.00 32.90 ? 252 HOH A O   1 
HETATM 1320 O  O   . HOH E 5 .   ? -4.516  11.506  -7.549  1.00 22.50 ? 253 HOH A O   1 
HETATM 1321 O  O   . HOH E 5 .   ? -16.271 -19.657 2.297   0.77 14.30 ? 254 HOH A O   1 
HETATM 1322 O  O   . HOH E 5 .   ? -23.072 -5.091  12.215  0.70 31.00 ? 255 HOH A O   1 
HETATM 1323 O  O   . HOH E 5 .   ? -6.698  12.354  -6.388  0.85 33.70 ? 256 HOH A O   1 
HETATM 1324 O  O   . HOH E 5 .   ? 0.388   4.497   -19.152 0.50 23.40 ? 257 HOH A O   1 
HETATM 1325 O  O   . HOH E 5 .   ? 16.637  3.937   3.493   0.78 19.20 ? 258 HOH A O   1 
HETATM 1326 O  O   . HOH E 5 .   ? 17.683  2.551   5.764   0.73 25.80 ? 259 HOH A O   1 
HETATM 1327 O  O   . HOH E 5 .   ? -19.279 -6.524  3.242   0.85 25.10 ? 260 HOH A O   1 
HETATM 1328 O  O   . HOH E 5 .   ? -16.657 -12.715 6.554   1.00 16.40 ? 261 HOH A O   1 
HETATM 1329 O  O   . HOH E 5 .   ? -7.485  -19.497 -3.919  0.74 20.40 ? 262 HOH A O   1 
HETATM 1330 O  O   . HOH E 5 .   ? -11.157 -18.302 -4.070  0.63 12.20 ? 263 HOH A O   1 
HETATM 1331 O  O   . HOH E 5 .   ? 7.893   -0.886  -5.335  1.00 36.50 ? 264 HOH A O   1 
HETATM 1332 O  O   . HOH E 5 .   ? -6.298  -21.878 -0.833  0.75 43.20 ? 265 HOH A O   1 
HETATM 1333 O  O   . HOH E 5 .   ? 5.429   16.448  5.259   1.00 33.50 ? 266 HOH A O   1 
HETATM 1334 O  O   . HOH E 5 .   ? -0.936  9.421   5.217   0.86 13.40 ? 267 HOH A O   1 
HETATM 1335 O  O   . HOH E 5 .   ? 12.265  6.067   -6.036  0.56 13.80 ? 268 HOH A O   1 
HETATM 1336 O  O   . HOH E 5 .   ? -14.095 -7.147  2.217   1.00 16.50 ? 269 HOH A O   1 
HETATM 1337 O  O   . HOH E 5 .   ? -5.865  12.682  -0.616  1.00 38.00 ? 270 HOH A O   1 
HETATM 1338 O  O   . HOH E 5 .   ? -16.660 -15.290 8.076   0.72 24.90 ? 271 HOH A O   1 
HETATM 1339 O  O   . HOH E 5 .   ? 9.990   5.786   -13.985 1.00 38.60 ? 272 HOH A O   1 
HETATM 1340 O  O   . HOH E 5 .   ? -18.537 -18.120 2.625   1.00 33.20 ? 273 HOH A O   1 
HETATM 1341 O  O   . HOH E 5 .   ? 7.833   17.137  -8.408  0.85 34.00 ? 274 HOH A O   1 
HETATM 1342 O  O   . HOH E 5 .   ? -1.446  7.308   -15.880 0.78 21.10 ? 275 HOH A O   1 
HETATM 1343 O  O   . HOH E 5 .   ? 8.204   8.243   -18.005 1.00 37.70 ? 276 HOH A O   1 
HETATM 1344 O  O   . HOH E 5 .   ? -7.725  3.722   -17.027 0.98 36.80 ? 277 HOH A O   1 
HETATM 1345 O  O   . HOH E 5 .   ? -8.615  -6.725  -8.942  0.48 19.20 ? 278 HOH A O   1 
HETATM 1346 O  O   . HOH E 5 .   ? -15.242 -3.029  -6.752  1.00 40.80 ? 279 HOH A O   1 
HETATM 1347 O  O   . HOH E 5 .   ? 9.608   9.962   8.922   1.00 41.30 ? 280 HOH A O   1 
HETATM 1348 O  O   . HOH E 5 .   ? 15.534  29.450  -2.961  1.00 56.20 ? 281 HOH A O   1 
HETATM 1349 O  O   . HOH E 5 .   ? 18.981  11.907  4.322   0.98 33.70 ? 282 HOH A O   1 
HETATM 1350 O  O   . HOH E 5 .   ? -0.920  18.804  -2.643  0.64 24.60 ? 283 HOH A O   1 
HETATM 1351 O  O   . HOH E 5 .   ? -6.767  7.859   -1.483  0.87 36.40 ? 284 HOH A O   1 
HETATM 1352 O  O   . HOH E 5 .   ? -17.960 -0.002  -2.305  0.97 44.40 ? 285 HOH A O   1 
HETATM 1353 O  O   . HOH E 5 .   ? -16.694 -1.259  -4.847  1.00 29.70 ? 286 HOH A O   1 
HETATM 1354 O  O   . HOH E 5 .   ? -16.195 -3.385  -2.970  0.94 39.20 ? 287 HOH A O   1 
HETATM 1355 O  O   . HOH E 5 .   ? -11.948 -8.473  -3.478  0.94 37.20 ? 288 HOH A O   1 
HETATM 1356 O  O   . HOH E 5 .   ? 14.283  9.836   0.206   0.71 35.50 ? 289 HOH A O   1 
HETATM 1357 O  O   . HOH E 5 .   ? -20.446 5.783   13.291  0.45 16.20 ? 290 HOH A O   1 
HETATM 1358 O  O   . HOH E 5 .   ? 13.565  3.780   -6.754  0.73 26.60 ? 291 HOH A O   1 
HETATM 1359 O  O   . HOH E 5 .   ? 13.122  18.644  -17.225 0.94 28.40 ? 292 HOH A O   1 
HETATM 1360 O  O   . HOH E 5 .   ? 10.609  11.686  4.231   1.00 38.60 ? 293 HOH A O   1 
HETATM 1361 O  O   . HOH E 5 .   ? -12.688 -8.219  -7.091  0.68 37.60 ? 294 HOH A O   1 
HETATM 1362 O  O   . HOH E 5 .   ? -1.811  -1.671  -19.200 0.88 49.10 ? 295 HOH A O   1 
HETATM 1363 O  O   . HOH E 5 .   ? -18.615 -15.590 3.650   0.69 29.00 ? 296 HOH A O   1 
HETATM 1364 O  O   . HOH E 5 .   ? 6.375   8.325   -1.776  0.31 12.10 ? 297 HOH A O   1 
HETATM 1365 O  O   . HOH E 5 .   ? 8.044   17.450  -5.576  0.95 45.40 ? 298 HOH A O   1 
HETATM 1366 O  O   . HOH E 5 .   ? -8.602  -5.115  -17.741 0.63 30.80 ? 299 HOH A O   1 
HETATM 1367 O  O   . HOH E 5 .   ? -7.062  10.552  -13.914 0.56 26.10 ? 300 HOH A O   1 
HETATM 1368 O  O   . HOH E 5 .   ? 1.849   -1.909  -17.343 0.31 12.70 ? 301 HOH A O   1 
HETATM 1369 O  O   . HOH E 5 .   ? -10.161 -13.877 19.054  0.61 36.50 ? 302 HOH A O   1 
HETATM 1370 O  O   . HOH E 5 .   ? 0.750   8.128   6.811   0.88 28.10 ? 303 HOH A O   1 
HETATM 1371 O  O   . HOH E 5 .   ? -13.715 -19.530 8.584   0.78 34.10 ? 304 HOH A O   1 
HETATM 1372 O  O   . HOH E 5 .   ? -15.789 4.786   2.616   0.96 39.40 ? 305 HOH A O   1 
HETATM 1373 O  O   . HOH E 5 .   ? -1.463  15.525  4.044   1.00 45.40 ? 306 HOH A O   1 
HETATM 1374 O  O   . HOH E 5 .   ? -6.809  0.653   12.982  0.52 25.30 ? 307 HOH A O   1 
HETATM 1375 O  O   . HOH E 5 .   ? -5.204  12.020  5.442   0.94 38.70 ? 308 HOH A O   1 
HETATM 1376 O  O   . HOH E 5 .   ? -23.517 -6.873  14.574  0.72 29.80 ? 309 HOH A O   1 
HETATM 1377 O  O   . HOH E 5 .   ? -6.510  12.039  2.992   0.96 51.30 ? 310 HOH A O   1 
HETATM 1378 O  O   . HOH E 5 .   ? -4.535  -18.017 12.908  1.00 41.20 ? 311 HOH A O   1 
HETATM 1379 O  O   . HOH E 5 .   ? -17.957 -6.665  0.666   1.00 50.60 ? 312 HOH A O   1 
HETATM 1380 O  O   . HOH E 5 .   ? 10.744  1.642   -11.480 0.44 16.60 ? 313 HOH A O   1 
HETATM 1381 O  O   . HOH E 5 .   ? -7.157  -12.279 16.972  1.00 52.80 ? 314 HOH A O   1 
HETATM 1382 O  O   . HOH E 5 .   ? 2.889   -7.110  -8.682  0.35 11.50 ? 315 HOH A O   1 
HETATM 1383 O  O   . HOH E 5 .   ? -0.233  5.969   11.449  1.00 36.80 ? 316 HOH A O   1 
HETATM 1384 O  O   . HOH E 5 .   ? 1.214   -4.682  -14.023 0.55 30.70 ? 317 HOH A O   1 
HETATM 1385 O  O   . HOH E 5 .   ? -13.557 -5.598  -5.120  1.00 39.40 ? 318 HOH A O   1 
HETATM 1386 O  O   . HOH E 5 .   ? -1.232  3.328   15.842  0.96 36.90 ? 319 HOH A O   1 
HETATM 1387 O  O   . HOH E 5 .   ? 1.509   6.329   -21.255 1.00 56.10 ? 320 HOH A O   1 
HETATM 1388 O  O   . HOH E 5 .   ? -18.386 -1.809  12.978  0.61 26.40 ? 321 HOH A O   1 
HETATM 1389 O  O   . HOH E 5 .   ? -2.605  13.596  6.278   0.64 34.00 ? 322 HOH A O   1 
HETATM 1390 O  O   . HOH E 5 .   ? 9.269   -4.080  12.569  0.80 44.70 ? 323 HOH A O   1 
HETATM 1391 O  O   . HOH E 5 .   ? 13.520  11.109  -11.961 0.67 31.10 ? 324 HOH A O   1 
HETATM 1392 O  O   . HOH E 5 .   ? -15.345 3.834   5.410   1.00 47.50 ? 325 HOH A O   1 
HETATM 1393 O  O   . HOH E 5 .   ? 19.020  -5.497  9.987   0.96 40.30 ? 326 HOH A O   1 
HETATM 1394 O  O   . HOH E 5 .   ? -3.869  -22.660 -5.258  1.00 45.80 ? 327 HOH A O   1 
HETATM 1395 O  O   . HOH E 5 .   ? -20.184 -8.560  0.687   1.00 42.70 ? 328 HOH A O   1 
HETATM 1396 O  O   . HOH E 5 .   ? 4.552   -3.599  -19.459 0.79 39.70 ? 329 HOH A O   1 
HETATM 1397 O  O   . HOH E 5 .   ? 10.727  12.955  7.925   0.63 28.50 ? 330 HOH A O   1 
HETATM 1398 O  O   . HOH E 5 .   ? 11.163  3.008   -13.952 0.71 36.10 ? 331 HOH A O   1 
HETATM 1399 O  O   . HOH E 5 .   ? 2.584   6.389   15.561  0.31 14.00 ? 332 HOH A O   1 
HETATM 1400 O  O   . HOH E 5 .   ? 14.654  -9.079  0.308   0.56 23.60 ? 333 HOH A O   1 
HETATM 1401 O  O   . HOH E 5 .   ? -4.802  -19.792 -4.468  0.33 17.70 ? 334 HOH A O   1 
HETATM 1402 O  O   . HOH E 5 .   ? 11.793  6.846   13.147  0.38 17.60 ? 335 HOH A O   1 
HETATM 1403 O  O   . HOH E 5 .   ? 9.562   -9.668  -3.438  0.74 33.60 ? 336 HOH A O   1 
HETATM 1404 O  O   . HOH E 5 .   ? -14.206 -5.699  -2.651  0.69 31.70 ? 337 HOH A O   1 
HETATM 1405 O  O   . HOH E 5 .   ? -8.347  -1.329  15.681  0.49 26.50 ? 338 HOH A O   1 
HETATM 1406 O  O   . HOH E 5 .   ? 10.476  13.908  2.812   0.60 32.20 ? 339 HOH A O   1 
HETATM 1407 O  O   . HOH E 5 .   ? 8.483   11.600  7.329   0.58 29.70 ? 340 HOH A O   1 
HETATM 1408 O  O   . HOH E 5 .   ? -10.162 1.068   14.383  0.48 27.30 ? 341 HOH A O   1 
# 
